data_3FGH
# 
_entry.id   3FGH 
# 
_audit_conform.dict_name       mmcif_pdbx.dic 
_audit_conform.dict_version    5.387 
_audit_conform.dict_location   http://mmcif.pdb.org/dictionaries/ascii/mmcif_pdbx.dic 
# 
loop_
_database_2.database_id 
_database_2.database_code 
_database_2.pdbx_database_accession 
_database_2.pdbx_DOI 
PDB   3FGH         pdb_00003fgh 10.2210/pdb3fgh/pdb 
RCSB  RCSB050560   ?            ?                   
WWPDB D_1000050560 ?            ?                   
# 
loop_
_pdbx_audit_revision_history.ordinal 
_pdbx_audit_revision_history.data_content_type 
_pdbx_audit_revision_history.major_revision 
_pdbx_audit_revision_history.minor_revision 
_pdbx_audit_revision_history.revision_date 
1 'Structure model' 1 0 2009-04-07 
2 'Structure model' 1 1 2011-07-13 
3 'Structure model' 1 2 2024-02-21 
# 
_pdbx_audit_revision_details.ordinal             1 
_pdbx_audit_revision_details.revision_ordinal    1 
_pdbx_audit_revision_details.data_content_type   'Structure model' 
_pdbx_audit_revision_details.provider            repository 
_pdbx_audit_revision_details.type                'Initial release' 
_pdbx_audit_revision_details.description         ? 
_pdbx_audit_revision_details.details             ? 
# 
loop_
_pdbx_audit_revision_group.ordinal 
_pdbx_audit_revision_group.revision_ordinal 
_pdbx_audit_revision_group.data_content_type 
_pdbx_audit_revision_group.group 
1 2 'Structure model' 'Version format compliance' 
2 3 'Structure model' 'Data collection'           
3 3 'Structure model' 'Database references'       
4 3 'Structure model' 'Derived calculations'      
# 
loop_
_pdbx_audit_revision_category.ordinal 
_pdbx_audit_revision_category.revision_ordinal 
_pdbx_audit_revision_category.data_content_type 
_pdbx_audit_revision_category.category 
1 3 'Structure model' chem_comp_atom         
2 3 'Structure model' chem_comp_bond         
3 3 'Structure model' database_2             
4 3 'Structure model' pdbx_struct_conn_angle 
5 3 'Structure model' struct_conn            
6 3 'Structure model' struct_site            
# 
loop_
_pdbx_audit_revision_item.ordinal 
_pdbx_audit_revision_item.revision_ordinal 
_pdbx_audit_revision_item.data_content_type 
_pdbx_audit_revision_item.item 
1  3 'Structure model' '_database_2.pdbx_DOI'                        
2  3 'Structure model' '_database_2.pdbx_database_accession'         
3  3 'Structure model' '_pdbx_struct_conn_angle.ptnr1_auth_comp_id'  
4  3 'Structure model' '_pdbx_struct_conn_angle.ptnr1_auth_seq_id'   
5  3 'Structure model' '_pdbx_struct_conn_angle.ptnr1_label_asym_id' 
6  3 'Structure model' '_pdbx_struct_conn_angle.ptnr1_label_atom_id' 
7  3 'Structure model' '_pdbx_struct_conn_angle.ptnr1_label_comp_id' 
8  3 'Structure model' '_pdbx_struct_conn_angle.ptnr1_label_seq_id'  
9  3 'Structure model' '_pdbx_struct_conn_angle.ptnr2_auth_comp_id'  
10 3 'Structure model' '_pdbx_struct_conn_angle.ptnr2_auth_seq_id'   
11 3 'Structure model' '_pdbx_struct_conn_angle.ptnr2_label_asym_id' 
12 3 'Structure model' '_pdbx_struct_conn_angle.ptnr2_label_atom_id' 
13 3 'Structure model' '_pdbx_struct_conn_angle.ptnr2_label_comp_id' 
14 3 'Structure model' '_pdbx_struct_conn_angle.ptnr3_auth_comp_id'  
15 3 'Structure model' '_pdbx_struct_conn_angle.ptnr3_auth_seq_id'   
16 3 'Structure model' '_pdbx_struct_conn_angle.ptnr3_label_asym_id' 
17 3 'Structure model' '_pdbx_struct_conn_angle.ptnr3_label_atom_id' 
18 3 'Structure model' '_pdbx_struct_conn_angle.ptnr3_label_comp_id' 
19 3 'Structure model' '_pdbx_struct_conn_angle.ptnr3_label_seq_id'  
20 3 'Structure model' '_pdbx_struct_conn_angle.value'               
21 3 'Structure model' '_struct_conn.pdbx_dist_value'                
22 3 'Structure model' '_struct_conn.ptnr1_auth_comp_id'             
23 3 'Structure model' '_struct_conn.ptnr1_auth_seq_id'              
24 3 'Structure model' '_struct_conn.ptnr1_label_asym_id'            
25 3 'Structure model' '_struct_conn.ptnr1_label_atom_id'            
26 3 'Structure model' '_struct_conn.ptnr1_label_comp_id'            
27 3 'Structure model' '_struct_conn.ptnr1_label_seq_id'             
28 3 'Structure model' '_struct_conn.ptnr2_auth_comp_id'             
29 3 'Structure model' '_struct_conn.ptnr2_auth_seq_id'              
30 3 'Structure model' '_struct_conn.ptnr2_label_asym_id'            
31 3 'Structure model' '_struct_conn.ptnr2_label_atom_id'            
32 3 'Structure model' '_struct_conn.ptnr2_label_comp_id'            
33 3 'Structure model' '_struct_conn.ptnr2_label_seq_id'             
34 3 'Structure model' '_struct_site.pdbx_auth_asym_id'              
35 3 'Structure model' '_struct_site.pdbx_auth_comp_id'              
36 3 'Structure model' '_struct_site.pdbx_auth_seq_id'               
# 
_pdbx_database_status.status_code                     REL 
_pdbx_database_status.entry_id                        3FGH 
_pdbx_database_status.recvd_initial_deposition_date   2008-12-06 
_pdbx_database_status.deposit_site                    RCSB 
_pdbx_database_status.process_site                    RCSB 
_pdbx_database_status.status_code_sf                  REL 
_pdbx_database_status.status_code_mr                  ? 
_pdbx_database_status.SG_entry                        ? 
_pdbx_database_status.pdb_format_compatible           Y 
_pdbx_database_status.status_code_cs                  ? 
_pdbx_database_status.status_code_nmr_data            ? 
_pdbx_database_status.methods_development_category    ? 
# 
loop_
_audit_author.name 
_audit_author.pdbx_ordinal 
'Gangelhoff, T.A.'  1 
'Mungalachetty, P.' 2 
'Nix, J.'           3 
'Churchill, M.E.A.' 4 
# 
_citation.id                        primary 
_citation.title                     
'Structural analysis and DNA binding of the HMG domains of the human mitochondrial transcription factor A' 
_citation.journal_abbrev            'Nucleic Acids Res.' 
_citation.journal_volume            37 
_citation.page_first                3153 
_citation.page_last                 3164 
_citation.year                      2009 
_citation.journal_id_ASTM           NARHAD 
_citation.country                   UK 
_citation.journal_id_ISSN           0305-1048 
_citation.journal_id_CSD            0389 
_citation.book_publisher            ? 
_citation.pdbx_database_id_PubMed   19304746 
_citation.pdbx_database_id_DOI      10.1093/nar/gkp157 
# 
loop_
_citation_author.citation_id 
_citation_author.name 
_citation_author.ordinal 
_citation_author.identifier_ORCID 
primary 'Gangelhoff, T.A.'    1 ? 
primary 'Mungalachetty, P.S.' 2 ? 
primary 'Nix, J.C.'           3 ? 
primary 'Churchill, M.E.'     4 ? 
# 
loop_
_entity.id 
_entity.type 
_entity.src_method 
_entity.pdbx_description 
_entity.formula_weight 
_entity.pdbx_number_of_molecules 
_entity.pdbx_ec 
_entity.pdbx_mutation 
_entity.pdbx_fragment 
_entity.details 
1 polymer     man 'Transcription factor A, mitochondrial' 8014.907 1  ? ? 'HMG box 2' ? 
2 non-polymer syn 'CADMIUM ION'                           112.411  2  ? ? ?           ? 
3 non-polymer syn 'CHLORIDE ION'                          35.453   2  ? ? ?           ? 
4 non-polymer syn 'SODIUM ION'                            22.990   2  ? ? ?           ? 
5 water       nat water                                   18.015   54 ? ? ?           ? 
# 
_entity_name_com.entity_id   1 
_entity_name_com.name        'mtTFA, Mitochondrial transcription factor 1, MtTF1, Transcription factor 6-like 2' 
# 
_entity_poly.entity_id                      1 
_entity_poly.type                           'polypeptide(L)' 
_entity_poly.nstd_linkage                   no 
_entity_poly.nstd_monomer                   no 
_entity_poly.pdbx_seq_one_letter_code       GKPKRPRSAYNVYVAERFQEAKGDSPQEKLKTVKENWKNLSDSEKELYIQHAKEDETRYHNEMKSWA 
_entity_poly.pdbx_seq_one_letter_code_can   GKPKRPRSAYNVYVAERFQEAKGDSPQEKLKTVKENWKNLSDSEKELYIQHAKEDETRYHNEMKSWA 
_entity_poly.pdbx_strand_id                 A 
_entity_poly.pdbx_target_identifier         ? 
# 
loop_
_pdbx_entity_nonpoly.entity_id 
_pdbx_entity_nonpoly.name 
_pdbx_entity_nonpoly.comp_id 
2 'CADMIUM ION'  CD  
3 'CHLORIDE ION' CL  
4 'SODIUM ION'   NA  
5 water          HOH 
# 
loop_
_entity_poly_seq.entity_id 
_entity_poly_seq.num 
_entity_poly_seq.mon_id 
_entity_poly_seq.hetero 
1 1  GLY n 
1 2  LYS n 
1 3  PRO n 
1 4  LYS n 
1 5  ARG n 
1 6  PRO n 
1 7  ARG n 
1 8  SER n 
1 9  ALA n 
1 10 TYR n 
1 11 ASN n 
1 12 VAL n 
1 13 TYR n 
1 14 VAL n 
1 15 ALA n 
1 16 GLU n 
1 17 ARG n 
1 18 PHE n 
1 19 GLN n 
1 20 GLU n 
1 21 ALA n 
1 22 LYS n 
1 23 GLY n 
1 24 ASP n 
1 25 SER n 
1 26 PRO n 
1 27 GLN n 
1 28 GLU n 
1 29 LYS n 
1 30 LEU n 
1 31 LYS n 
1 32 THR n 
1 33 VAL n 
1 34 LYS n 
1 35 GLU n 
1 36 ASN n 
1 37 TRP n 
1 38 LYS n 
1 39 ASN n 
1 40 LEU n 
1 41 SER n 
1 42 ASP n 
1 43 SER n 
1 44 GLU n 
1 45 LYS n 
1 46 GLU n 
1 47 LEU n 
1 48 TYR n 
1 49 ILE n 
1 50 GLN n 
1 51 HIS n 
1 52 ALA n 
1 53 LYS n 
1 54 GLU n 
1 55 ASP n 
1 56 GLU n 
1 57 THR n 
1 58 ARG n 
1 59 TYR n 
1 60 HIS n 
1 61 ASN n 
1 62 GLU n 
1 63 MET n 
1 64 LYS n 
1 65 SER n 
1 66 TRP n 
1 67 ALA n 
# 
_entity_src_gen.entity_id                          1 
_entity_src_gen.pdbx_src_id                        1 
_entity_src_gen.pdbx_alt_source_flag               sample 
_entity_src_gen.pdbx_seq_type                      ? 
_entity_src_gen.pdbx_beg_seq_num                   ? 
_entity_src_gen.pdbx_end_seq_num                   ? 
_entity_src_gen.gene_src_common_name               man 
_entity_src_gen.gene_src_genus                     ? 
_entity_src_gen.pdbx_gene_src_gene                 'TFAM, TCF6L2' 
_entity_src_gen.gene_src_species                   ? 
_entity_src_gen.gene_src_strain                    ? 
_entity_src_gen.gene_src_tissue                    ? 
_entity_src_gen.gene_src_tissue_fraction           ? 
_entity_src_gen.gene_src_details                   ? 
_entity_src_gen.pdbx_gene_src_fragment             ? 
_entity_src_gen.pdbx_gene_src_scientific_name      'Homo sapiens' 
_entity_src_gen.pdbx_gene_src_ncbi_taxonomy_id     9606 
_entity_src_gen.pdbx_gene_src_variant              ? 
_entity_src_gen.pdbx_gene_src_cell_line            ? 
_entity_src_gen.pdbx_gene_src_atcc                 ? 
_entity_src_gen.pdbx_gene_src_organ                ? 
_entity_src_gen.pdbx_gene_src_organelle            ? 
_entity_src_gen.pdbx_gene_src_cell                 ? 
_entity_src_gen.pdbx_gene_src_cellular_location    ? 
_entity_src_gen.host_org_common_name               ? 
_entity_src_gen.pdbx_host_org_scientific_name      'Escherichia coli' 
_entity_src_gen.pdbx_host_org_ncbi_taxonomy_id     562 
_entity_src_gen.host_org_genus                     ? 
_entity_src_gen.pdbx_host_org_gene                 ? 
_entity_src_gen.pdbx_host_org_organ                ? 
_entity_src_gen.host_org_species                   ? 
_entity_src_gen.pdbx_host_org_tissue               ? 
_entity_src_gen.pdbx_host_org_tissue_fraction      ? 
_entity_src_gen.pdbx_host_org_strain               'BL21(DE3)+Codon' 
_entity_src_gen.pdbx_host_org_variant              ? 
_entity_src_gen.pdbx_host_org_cell_line            ? 
_entity_src_gen.pdbx_host_org_atcc                 ? 
_entity_src_gen.pdbx_host_org_culture_collection   ? 
_entity_src_gen.pdbx_host_org_cell                 ? 
_entity_src_gen.pdbx_host_org_organelle            ? 
_entity_src_gen.pdbx_host_org_cellular_location    ? 
_entity_src_gen.pdbx_host_org_vector_type          plasmid 
_entity_src_gen.pdbx_host_org_vector               ? 
_entity_src_gen.host_org_details                   ? 
_entity_src_gen.expression_system_id               ? 
_entity_src_gen.plasmid_name                       pDEST15 
_entity_src_gen.plasmid_details                    ? 
_entity_src_gen.pdbx_description                   ? 
# 
loop_
_chem_comp.id 
_chem_comp.type 
_chem_comp.mon_nstd_flag 
_chem_comp.name 
_chem_comp.pdbx_synonyms 
_chem_comp.formula 
_chem_comp.formula_weight 
ALA 'L-peptide linking' y ALANINE         ? 'C3 H7 N O2'     89.093  
ARG 'L-peptide linking' y ARGININE        ? 'C6 H15 N4 O2 1' 175.209 
ASN 'L-peptide linking' y ASPARAGINE      ? 'C4 H8 N2 O3'    132.118 
ASP 'L-peptide linking' y 'ASPARTIC ACID' ? 'C4 H7 N O4'     133.103 
CD  non-polymer         . 'CADMIUM ION'   ? 'Cd 2'           112.411 
CL  non-polymer         . 'CHLORIDE ION'  ? 'Cl -1'          35.453  
GLN 'L-peptide linking' y GLUTAMINE       ? 'C5 H10 N2 O3'   146.144 
GLU 'L-peptide linking' y 'GLUTAMIC ACID' ? 'C5 H9 N O4'     147.129 
GLY 'peptide linking'   y GLYCINE         ? 'C2 H5 N O2'     75.067  
HIS 'L-peptide linking' y HISTIDINE       ? 'C6 H10 N3 O2 1' 156.162 
HOH non-polymer         . WATER           ? 'H2 O'           18.015  
ILE 'L-peptide linking' y ISOLEUCINE      ? 'C6 H13 N O2'    131.173 
LEU 'L-peptide linking' y LEUCINE         ? 'C6 H13 N O2'    131.173 
LYS 'L-peptide linking' y LYSINE          ? 'C6 H15 N2 O2 1' 147.195 
MET 'L-peptide linking' y METHIONINE      ? 'C5 H11 N O2 S'  149.211 
NA  non-polymer         . 'SODIUM ION'    ? 'Na 1'           22.990  
PHE 'L-peptide linking' y PHENYLALANINE   ? 'C9 H11 N O2'    165.189 
PRO 'L-peptide linking' y PROLINE         ? 'C5 H9 N O2'     115.130 
SER 'L-peptide linking' y SERINE          ? 'C3 H7 N O3'     105.093 
THR 'L-peptide linking' y THREONINE       ? 'C4 H9 N O3'     119.119 
TRP 'L-peptide linking' y TRYPTOPHAN      ? 'C11 H12 N2 O2'  204.225 
TYR 'L-peptide linking' y TYROSINE        ? 'C9 H11 N O3'    181.189 
VAL 'L-peptide linking' y VALINE          ? 'C5 H11 N O2'    117.146 
# 
loop_
_pdbx_poly_seq_scheme.asym_id 
_pdbx_poly_seq_scheme.entity_id 
_pdbx_poly_seq_scheme.seq_id 
_pdbx_poly_seq_scheme.mon_id 
_pdbx_poly_seq_scheme.ndb_seq_num 
_pdbx_poly_seq_scheme.pdb_seq_num 
_pdbx_poly_seq_scheme.auth_seq_num 
_pdbx_poly_seq_scheme.pdb_mon_id 
_pdbx_poly_seq_scheme.auth_mon_id 
_pdbx_poly_seq_scheme.pdb_strand_id 
_pdbx_poly_seq_scheme.pdb_ins_code 
_pdbx_poly_seq_scheme.hetero 
A 1 1  GLY 1  111 111 GLY GLY A . n 
A 1 2  LYS 2  112 112 LYS LYS A . n 
A 1 3  PRO 3  113 113 PRO PRO A . n 
A 1 4  LYS 4  114 114 LYS LYS A . n 
A 1 5  ARG 5  115 115 ARG ARG A . n 
A 1 6  PRO 6  116 116 PRO PRO A . n 
A 1 7  ARG 7  117 117 ARG ARG A . n 
A 1 8  SER 8  118 118 SER SER A . n 
A 1 9  ALA 9  119 119 ALA ALA A . n 
A 1 10 TYR 10 120 120 TYR TYR A . n 
A 1 11 ASN 11 121 121 ASN ASN A . n 
A 1 12 VAL 12 122 122 VAL VAL A . n 
A 1 13 TYR 13 123 123 TYR TYR A . n 
A 1 14 VAL 14 124 124 VAL VAL A . n 
A 1 15 ALA 15 125 125 ALA ALA A . n 
A 1 16 GLU 16 126 126 GLU GLU A . n 
A 1 17 ARG 17 127 127 ARG ARG A . n 
A 1 18 PHE 18 128 128 PHE PHE A . n 
A 1 19 GLN 19 129 129 GLN GLN A . n 
A 1 20 GLU 20 130 130 GLU ALA A . n 
A 1 21 ALA 21 131 131 ALA ALA A . n 
A 1 22 LYS 22 132 132 LYS ALA A . n 
A 1 23 GLY 23 133 133 GLY ALA A . n 
A 1 24 ASP 24 134 134 ASP ALA A . n 
A 1 25 SER 25 135 135 SER SER A . n 
A 1 26 PRO 26 136 136 PRO PRO A . n 
A 1 27 GLN 27 137 137 GLN GLN A . n 
A 1 28 GLU 28 138 138 GLU GLU A . n 
A 1 29 LYS 29 139 139 LYS LYS A . n 
A 1 30 LEU 30 140 140 LEU LEU A . n 
A 1 31 LYS 31 141 141 LYS LYS A . n 
A 1 32 THR 32 142 142 THR THR A . n 
A 1 33 VAL 33 143 143 VAL VAL A . n 
A 1 34 LYS 34 144 144 LYS LYS A . n 
A 1 35 GLU 35 145 145 GLU GLU A . n 
A 1 36 ASN 36 146 146 ASN ASN A . n 
A 1 37 TRP 37 147 147 TRP TRP A . n 
A 1 38 LYS 38 148 148 LYS LYS A . n 
A 1 39 ASN 39 149 149 ASN ASN A . n 
A 1 40 LEU 40 150 150 LEU LEU A . n 
A 1 41 SER 41 151 151 SER SER A . n 
A 1 42 ASP 42 152 152 ASP ASP A . n 
A 1 43 SER 43 153 153 SER SER A . n 
A 1 44 GLU 44 154 154 GLU GLU A . n 
A 1 45 LYS 45 155 155 LYS LYS A . n 
A 1 46 GLU 46 156 156 GLU GLU A . n 
A 1 47 LEU 47 157 157 LEU LEU A . n 
A 1 48 TYR 48 158 158 TYR TYR A . n 
A 1 49 ILE 49 159 159 ILE ILE A . n 
A 1 50 GLN 50 160 160 GLN GLN A . n 
A 1 51 HIS 51 161 161 HIS HIS A . n 
A 1 52 ALA 52 162 162 ALA ALA A . n 
A 1 53 LYS 53 163 163 LYS LYS A . n 
A 1 54 GLU 54 164 164 GLU GLU A . n 
A 1 55 ASP 55 165 165 ASP ASP A . n 
A 1 56 GLU 56 166 166 GLU GLU A . n 
A 1 57 THR 57 167 167 THR THR A . n 
A 1 58 ARG 58 168 168 ARG ARG A . n 
A 1 59 TYR 59 169 169 TYR TYR A . n 
A 1 60 HIS 60 170 170 HIS HIS A . n 
A 1 61 ASN 61 171 171 ASN ASN A . n 
A 1 62 GLU 62 172 172 GLU GLU A . n 
A 1 63 MET 63 173 173 MET MET A . n 
A 1 64 LYS 64 174 174 LYS LYS A . n 
A 1 65 SER 65 175 175 SER SER A . n 
A 1 66 TRP 66 176 176 TRP TRP A . n 
A 1 67 ALA 67 177 177 ALA ALA A . n 
# 
loop_
_pdbx_nonpoly_scheme.asym_id 
_pdbx_nonpoly_scheme.entity_id 
_pdbx_nonpoly_scheme.mon_id 
_pdbx_nonpoly_scheme.ndb_seq_num 
_pdbx_nonpoly_scheme.pdb_seq_num 
_pdbx_nonpoly_scheme.auth_seq_num 
_pdbx_nonpoly_scheme.pdb_mon_id 
_pdbx_nonpoly_scheme.auth_mon_id 
_pdbx_nonpoly_scheme.pdb_strand_id 
_pdbx_nonpoly_scheme.pdb_ins_code 
B 2 CD  1  1   1  CD  CD  A . 
C 2 CD  1  2   2  CD  CD  A . 
D 3 CL  1  178 1  CL  CL  A . 
E 3 CL  1  179 2  CL  CL  A . 
F 4 NA  1  180 1  NA  NA  A . 
G 4 NA  1  181 2  NA  NA  A . 
H 5 HOH 1  3   3  HOH HOH A . 
H 5 HOH 2  4   4  HOH HOH A . 
H 5 HOH 3  5   5  HOH HOH A . 
H 5 HOH 4  6   6  HOH HOH A . 
H 5 HOH 5  7   7  HOH HOH A . 
H 5 HOH 6  8   8  HOH HOH A . 
H 5 HOH 7  9   9  HOH HOH A . 
H 5 HOH 8  10  10 HOH HOH A . 
H 5 HOH 9  11  11 HOH HOH A . 
H 5 HOH 10 12  12 HOH HOH A . 
H 5 HOH 11 13  13 HOH HOH A . 
H 5 HOH 12 14  14 HOH HOH A . 
H 5 HOH 13 15  15 HOH HOH A . 
H 5 HOH 14 16  16 HOH HOH A . 
H 5 HOH 15 17  17 HOH HOH A . 
H 5 HOH 16 18  18 HOH HOH A . 
H 5 HOH 17 19  19 HOH HOH A . 
H 5 HOH 18 20  20 HOH HOH A . 
H 5 HOH 19 21  21 HOH HOH A . 
H 5 HOH 20 22  22 HOH HOH A . 
H 5 HOH 21 23  23 HOH HOH A . 
H 5 HOH 22 24  24 HOH HOH A . 
H 5 HOH 23 25  25 HOH HOH A . 
H 5 HOH 24 26  26 HOH HOH A . 
H 5 HOH 25 27  27 HOH HOH A . 
H 5 HOH 26 28  28 HOH HOH A . 
H 5 HOH 27 30  30 HOH HOH A . 
H 5 HOH 28 31  31 HOH HOH A . 
H 5 HOH 29 32  32 HOH HOH A . 
H 5 HOH 30 33  33 HOH HOH A . 
H 5 HOH 31 34  34 HOH HOH A . 
H 5 HOH 32 35  35 HOH HOH A . 
H 5 HOH 33 36  36 HOH HOH A . 
H 5 HOH 34 37  37 HOH HOH A . 
H 5 HOH 35 38  38 HOH HOH A . 
H 5 HOH 36 39  39 HOH HOH A . 
H 5 HOH 37 40  40 HOH HOH A . 
H 5 HOH 38 41  41 HOH HOH A . 
H 5 HOH 39 42  42 HOH HOH A . 
H 5 HOH 40 43  43 HOH HOH A . 
H 5 HOH 41 44  44 HOH HOH A . 
H 5 HOH 42 45  45 HOH HOH A . 
H 5 HOH 43 46  46 HOH HOH A . 
H 5 HOH 44 49  49 HOH HOH A . 
H 5 HOH 45 50  50 HOH HOH A . 
H 5 HOH 46 51  51 HOH HOH A . 
H 5 HOH 47 52  52 HOH HOH A . 
H 5 HOH 48 53  53 HOH HOH A . 
H 5 HOH 49 54  54 HOH HOH A . 
H 5 HOH 50 55  55 HOH HOH A . 
H 5 HOH 51 56  56 HOH HOH A . 
H 5 HOH 52 57  57 HOH HOH A . 
H 5 HOH 53 182 1  HOH HOH A . 
H 5 HOH 54 183 2  HOH HOH A . 
# 
loop_
_pdbx_unobs_or_zero_occ_atoms.id 
_pdbx_unobs_or_zero_occ_atoms.PDB_model_num 
_pdbx_unobs_or_zero_occ_atoms.polymer_flag 
_pdbx_unobs_or_zero_occ_atoms.occupancy_flag 
_pdbx_unobs_or_zero_occ_atoms.auth_asym_id 
_pdbx_unobs_or_zero_occ_atoms.auth_comp_id 
_pdbx_unobs_or_zero_occ_atoms.auth_seq_id 
_pdbx_unobs_or_zero_occ_atoms.PDB_ins_code 
_pdbx_unobs_or_zero_occ_atoms.auth_atom_id 
_pdbx_unobs_or_zero_occ_atoms.label_alt_id 
_pdbx_unobs_or_zero_occ_atoms.label_asym_id 
_pdbx_unobs_or_zero_occ_atoms.label_comp_id 
_pdbx_unobs_or_zero_occ_atoms.label_seq_id 
_pdbx_unobs_or_zero_occ_atoms.label_atom_id 
1  1 Y 1 A GLU 130 ? CG  ? A GLU 20 CG  
2  1 Y 1 A GLU 130 ? CD  ? A GLU 20 CD  
3  1 Y 1 A GLU 130 ? OE1 ? A GLU 20 OE1 
4  1 Y 1 A GLU 130 ? OE2 ? A GLU 20 OE2 
5  1 Y 1 A LYS 132 ? CG  ? A LYS 22 CG  
6  1 Y 1 A LYS 132 ? CD  ? A LYS 22 CD  
7  1 Y 1 A LYS 132 ? CE  ? A LYS 22 CE  
8  1 Y 1 A LYS 132 ? NZ  ? A LYS 22 NZ  
9  1 Y 1 A ASP 134 ? CG  ? A ASP 24 CG  
10 1 Y 1 A ASP 134 ? OD1 ? A ASP 24 OD1 
11 1 Y 1 A ASP 134 ? OD2 ? A ASP 24 OD2 
12 1 Y 1 A ALA 177 ? O   ? A ALA 67 O   
# 
loop_
_software.name 
_software.classification 
_software.version 
_software.citation_id 
_software.pdbx_ordinal 
d*TREK 'data scaling'   .        ? 1 
SOLVE  phasing          .        ? 2 
REFMAC refinement       5.2.0005 ? 3 
d*TREK 'data reduction' .        ? 4 
# 
_cell.entry_id           3FGH 
_cell.length_a           30.280 
_cell.length_b           99.350 
_cell.length_c           51.910 
_cell.angle_alpha        90.00 
_cell.angle_beta         90.00 
_cell.angle_gamma        90.00 
_cell.Z_PDB              8 
_cell.pdbx_unique_axis   ? 
_cell.length_a_esd       ? 
_cell.length_b_esd       ? 
_cell.length_c_esd       ? 
_cell.angle_alpha_esd    ? 
_cell.angle_beta_esd     ? 
_cell.angle_gamma_esd    ? 
# 
_symmetry.entry_id                         3FGH 
_symmetry.space_group_name_H-M             'C 2 2 21' 
_symmetry.pdbx_full_space_group_name_H-M   ? 
_symmetry.cell_setting                     ? 
_symmetry.Int_Tables_number                20 
_symmetry.space_group_name_Hall            ? 
# 
_exptl.entry_id          3FGH 
_exptl.method            'X-RAY DIFFRACTION' 
_exptl.crystals_number   1 
# 
_exptl_crystal.id                    1 
_exptl_crystal.density_meas          ? 
_exptl_crystal.density_Matthews      2.48 
_exptl_crystal.density_percent_sol   50.42 
_exptl_crystal.description           ? 
_exptl_crystal.F_000                 ? 
_exptl_crystal.preparation           ? 
# 
_exptl_crystal_grow.crystal_id      1 
_exptl_crystal_grow.method          'VAPOR DIFFUSION, HANGING DROP' 
_exptl_crystal_grow.temp            291 
_exptl_crystal_grow.temp_details    ? 
_exptl_crystal_grow.pH              5 
_exptl_crystal_grow.pdbx_details    
'0.1 M NaAcetate, 0.1 M CdCl2 and 21% PEG 4000, pH 5, VAPOR DIFFUSION, HANGING DROP, temperature 291K' 
_exptl_crystal_grow.pdbx_pH_range   . 
# 
_diffrn.id                     1 
_diffrn.ambient_temp           100 
_diffrn.ambient_temp_details   ? 
_diffrn.crystal_id             1 
# 
_diffrn_detector.diffrn_id              1 
_diffrn_detector.detector               CCD 
_diffrn_detector.type                   NOIR-1 
_diffrn_detector.pdbx_collection_date   2007-05-01 
_diffrn_detector.details                ? 
# 
_diffrn_radiation.diffrn_id                        1 
_diffrn_radiation.wavelength_id                    1 
_diffrn_radiation.pdbx_monochromatic_or_laue_m_l   M 
_diffrn_radiation.monochromator                    ? 
_diffrn_radiation.pdbx_diffrn_protocol             'SINGLE WAVELENGTH' 
_diffrn_radiation.pdbx_scattering_type             x-ray 
# 
_diffrn_radiation_wavelength.id           1 
_diffrn_radiation_wavelength.wavelength   0.98 
_diffrn_radiation_wavelength.wt           1.0 
# 
_diffrn_source.diffrn_id                   1 
_diffrn_source.source                      SYNCHROTRON 
_diffrn_source.type                        'ALS BEAMLINE 4.2.2' 
_diffrn_source.pdbx_synchrotron_site       ALS 
_diffrn_source.pdbx_synchrotron_beamline   4.2.2 
_diffrn_source.pdbx_wavelength             ? 
_diffrn_source.pdbx_wavelength_list        0.98 
# 
_reflns.entry_id                     3FGH 
_reflns.observed_criterion_sigma_I   ? 
_reflns.observed_criterion_sigma_F   ? 
_reflns.d_resolution_low             28.96 
_reflns.d_resolution_high            1.35 
_reflns.number_obs                   17556 
_reflns.number_all                   ? 
_reflns.percent_possible_obs         99.2 
_reflns.pdbx_Rmerge_I_obs            .049 
_reflns.pdbx_Rsym_value              ? 
_reflns.B_iso_Wilson_estimate        20.38 
_reflns.pdbx_redundancy              6.83 
_reflns.R_free_details               ? 
_reflns.limit_h_max                  ? 
_reflns.limit_h_min                  ? 
_reflns.limit_k_max                  ? 
_reflns.limit_k_min                  ? 
_reflns.limit_l_max                  ? 
_reflns.limit_l_min                  ? 
_reflns.observed_criterion_F_max     ? 
_reflns.observed_criterion_F_min     ? 
_reflns.pdbx_chi_squared             ? 
_reflns.pdbx_scaling_rejects         ? 
_reflns.pdbx_netI_over_sigmaI        ? 
_reflns.pdbx_diffrn_id               1 
_reflns.pdbx_ordinal                 1 
# 
_refine.entry_id                                 3FGH 
_refine.ls_number_reflns_obs                     15765 
_refine.ls_number_reflns_all                     ? 
_refine.pdbx_ls_sigma_I                          ? 
_refine.pdbx_ls_sigma_F                          ? 
_refine.pdbx_data_cutoff_high_absF               ? 
_refine.pdbx_data_cutoff_low_absF                ? 
_refine.pdbx_data_cutoff_high_rms_absF           ? 
_refine.ls_d_res_low                             28.00 
_refine.ls_d_res_high                            1.35 
_refine.ls_percent_reflns_obs                    99.23 
_refine.ls_R_factor_obs                          0.19077 
_refine.ls_R_factor_all                          ? 
_refine.ls_R_factor_R_work                       0.18815 
_refine.ls_R_factor_R_free                       0.21403 
_refine.ls_R_factor_R_free_error                 ? 
_refine.ls_R_factor_R_free_error_details         ? 
_refine.ls_percent_reflns_R_free                 10.1 
_refine.ls_number_reflns_R_free                  1771 
_refine.ls_number_parameters                     ? 
_refine.ls_number_restraints                     ? 
_refine.occupancy_min                            ? 
_refine.occupancy_max                            ? 
_refine.correlation_coeff_Fo_to_Fc               0.944 
_refine.correlation_coeff_Fo_to_Fc_free          0.936 
_refine.B_iso_mean                               21.394 
_refine.aniso_B[1][1]                            0.22 
_refine.aniso_B[2][2]                            -0.28 
_refine.aniso_B[3][3]                            0.06 
_refine.aniso_B[1][2]                            0.00 
_refine.aniso_B[1][3]                            0.00 
_refine.aniso_B[2][3]                            0.00 
_refine.solvent_model_details                    'BABINET MODEL WITH MASK' 
_refine.solvent_model_param_ksol                 ? 
_refine.solvent_model_param_bsol                 ? 
_refine.pdbx_solvent_vdw_probe_radii             1.20 
_refine.pdbx_solvent_ion_probe_radii             0.80 
_refine.pdbx_solvent_shrinkage_radii             0.80 
_refine.pdbx_ls_cross_valid_method               THROUGHOUT 
_refine.details                                  'HYDROGENS HAVE BEEN ADDED IN THE RIDING POSITIONS' 
_refine.pdbx_starting_model                      ? 
_refine.pdbx_method_to_determine_struct          SAD 
_refine.pdbx_isotropic_thermal_model             ? 
_refine.pdbx_stereochemistry_target_values       'MAXIMUM LIKELIHOOD WITH PHASES' 
_refine.pdbx_stereochem_target_val_spec_case     ? 
_refine.pdbx_R_Free_selection_details            RANDOM 
_refine.pdbx_overall_ESU_R                       0.070 
_refine.pdbx_overall_ESU_R_Free                  0.062 
_refine.overall_SU_ML                            0.028 
_refine.overall_SU_B                             1.421 
_refine.ls_redundancy_reflns_obs                 ? 
_refine.B_iso_min                                ? 
_refine.B_iso_max                                ? 
_refine.overall_SU_R_Cruickshank_DPI             ? 
_refine.overall_SU_R_free                        ? 
_refine.ls_wR_factor_R_free                      ? 
_refine.ls_wR_factor_R_work                      ? 
_refine.overall_FOM_free_R_set                   ? 
_refine.overall_FOM_work_R_set                   ? 
_refine.pdbx_overall_phase_error                 ? 
_refine.pdbx_refine_id                           'X-RAY DIFFRACTION' 
_refine.pdbx_diffrn_id                           1 
_refine.pdbx_TLS_residual_ADP_flag               ? 
_refine.pdbx_overall_SU_R_free_Cruickshank_DPI   ? 
_refine.pdbx_overall_SU_R_Blow_DPI               ? 
_refine.pdbx_overall_SU_R_free_Blow_DPI          ? 
# 
_refine_analyze.entry_id                        3FGH 
_refine_analyze.Luzzati_coordinate_error_obs    0.166 
_refine_analyze.Luzzati_sigma_a_obs             ? 
_refine_analyze.Luzzati_d_res_low_obs           ? 
_refine_analyze.Luzzati_coordinate_error_free   ? 
_refine_analyze.Luzzati_sigma_a_free            ? 
_refine_analyze.Luzzati_d_res_low_free          ? 
_refine_analyze.number_disordered_residues      ? 
_refine_analyze.occupancy_sum_hydrogen          ? 
_refine_analyze.occupancy_sum_non_hydrogen      ? 
_refine_analyze.pdbx_Luzzati_d_res_high_obs     ? 
_refine_analyze.pdbx_refine_id                  'X-RAY DIFFRACTION' 
# 
_refine_hist.pdbx_refine_id                   'X-RAY DIFFRACTION' 
_refine_hist.cycle_id                         LAST 
_refine_hist.pdbx_number_atoms_protein        615 
_refine_hist.pdbx_number_atoms_nucleic_acid   0 
_refine_hist.pdbx_number_atoms_ligand         6 
_refine_hist.number_atoms_solvent             54 
_refine_hist.number_atoms_total               675 
_refine_hist.d_res_high                       1.35 
_refine_hist.d_res_low                        28.00 
# 
loop_
_refine_ls_restr.type 
_refine_ls_restr.dev_ideal 
_refine_ls_restr.dev_ideal_target 
_refine_ls_restr.weight 
_refine_ls_restr.number 
_refine_ls_restr.pdbx_refine_id 
_refine_ls_restr.pdbx_restraint_function 
r_bond_refined_d         0.012  0.022  ? 637 'X-RAY DIFFRACTION' ? 
r_angle_refined_deg      1.300  1.938  ? 868 'X-RAY DIFFRACTION' ? 
r_dihedral_angle_1_deg   7.095  5.000  ? 80  'X-RAY DIFFRACTION' ? 
r_dihedral_angle_2_deg   34.921 24.062 ? 32  'X-RAY DIFFRACTION' ? 
r_dihedral_angle_3_deg   16.140 15.000 ? 119 'X-RAY DIFFRACTION' ? 
r_dihedral_angle_4_deg   12.910 15.000 ? 4   'X-RAY DIFFRACTION' ? 
r_chiral_restr           0.083  0.200  ? 84  'X-RAY DIFFRACTION' ? 
r_gen_planes_refined     0.006  0.020  ? 507 'X-RAY DIFFRACTION' ? 
r_nbd_refined            0.273  0.200  ? 321 'X-RAY DIFFRACTION' ? 
r_nbtor_refined          0.300  0.200  ? 462 'X-RAY DIFFRACTION' ? 
r_xyhbond_nbd_refined    0.190  0.200  ? 33  'X-RAY DIFFRACTION' ? 
r_metal_ion_refined      0.128  0.200  ? 8   'X-RAY DIFFRACTION' ? 
r_symmetry_vdw_refined   0.293  0.200  ? 42  'X-RAY DIFFRACTION' ? 
r_symmetry_hbond_refined 0.271  0.200  ? 6   'X-RAY DIFFRACTION' ? 
r_mcbond_it              3.285  2.000  ? 377 'X-RAY DIFFRACTION' ? 
r_mcangle_it             3.949  3.000  ? 613 'X-RAY DIFFRACTION' ? 
r_scbond_it              3.331  2.000  ? 276 'X-RAY DIFFRACTION' ? 
r_scangle_it             4.861  3.000  ? 255 'X-RAY DIFFRACTION' ? 
r_rigid_bond_restr       3.294  3.000  ? 653 'X-RAY DIFFRACTION' ? 
r_sphericity_free        9.088  3.000  ? 60  'X-RAY DIFFRACTION' ? 
r_sphericity_bonded      7.022  3.000  ? 615 'X-RAY DIFFRACTION' ? 
# 
_refine_ls_shell.pdbx_total_number_of_bins_used   20 
_refine_ls_shell.d_res_high                       1.350 
_refine_ls_shell.d_res_low                        1.385 
_refine_ls_shell.number_reflns_R_work             1075 
_refine_ls_shell.R_factor_R_work                  0.175 
_refine_ls_shell.percent_reflns_obs               91.17 
_refine_ls_shell.R_factor_R_free                  0.193 
_refine_ls_shell.R_factor_R_free_error            ? 
_refine_ls_shell.percent_reflns_R_free            ? 
_refine_ls_shell.number_reflns_R_free             102 
_refine_ls_shell.number_reflns_all                ? 
_refine_ls_shell.R_factor_all                     ? 
_refine_ls_shell.number_reflns_obs                ? 
_refine_ls_shell.redundancy_reflns_obs            ? 
_refine_ls_shell.pdbx_refine_id                   'X-RAY DIFFRACTION' 
# 
_struct.entry_id                  3FGH 
_struct.title                     'Human mitochondrial transcription factor A box B' 
_struct.pdbx_model_details        ? 
_struct.pdbx_CASP_flag            ? 
_struct.pdbx_model_type_details   ? 
# 
_struct_keywords.entry_id        3FGH 
_struct_keywords.pdbx_keywords   TRANSCRIPTION 
_struct_keywords.text            
;HMG domain, mitochondrial transcription, Activator, DNA-binding, Mitochondrion, Phosphoprotein, Polymorphism, Transcription, Transcription regulation, Transit peptide
;
# 
loop_
_struct_asym.id 
_struct_asym.pdbx_blank_PDB_chainid_flag 
_struct_asym.pdbx_modified 
_struct_asym.entity_id 
_struct_asym.details 
A N N 1 ? 
B N N 2 ? 
C N N 2 ? 
D N N 3 ? 
E N N 3 ? 
F N N 4 ? 
G N N 4 ? 
H N N 5 ? 
# 
_struct_ref.id                         1 
_struct_ref.db_name                    UNP 
_struct_ref.db_code                    TFAM_HUMAN 
_struct_ref.pdbx_db_accession          Q00059 
_struct_ref.entity_id                  1 
_struct_ref.pdbx_seq_one_letter_code   GKPKRPRSAYNVYVAERFQEAKGDSPQEKLKTVKENWKNLSDSEKELYIQHAKEDETRYHNEMKSWE 
_struct_ref.pdbx_align_begin           153 
_struct_ref.pdbx_db_isoform            ? 
# 
_struct_ref_seq.align_id                      1 
_struct_ref_seq.ref_id                        1 
_struct_ref_seq.pdbx_PDB_id_code              3FGH 
_struct_ref_seq.pdbx_strand_id                A 
_struct_ref_seq.seq_align_beg                 1 
_struct_ref_seq.pdbx_seq_align_beg_ins_code   ? 
_struct_ref_seq.seq_align_end                 67 
_struct_ref_seq.pdbx_seq_align_end_ins_code   ? 
_struct_ref_seq.pdbx_db_accession             Q00059 
_struct_ref_seq.db_align_beg                  153 
_struct_ref_seq.pdbx_db_align_beg_ins_code    ? 
_struct_ref_seq.db_align_end                  219 
_struct_ref_seq.pdbx_db_align_end_ins_code    ? 
_struct_ref_seq.pdbx_auth_seq_align_beg       111 
_struct_ref_seq.pdbx_auth_seq_align_end       177 
# 
loop_
_pdbx_struct_assembly.id 
_pdbx_struct_assembly.details 
_pdbx_struct_assembly.method_details 
_pdbx_struct_assembly.oligomeric_details 
_pdbx_struct_assembly.oligomeric_count 
1 software_defined_assembly            PISA dimeric   2 
2 author_and_software_defined_assembly PISA monomeric 1 
# 
loop_
_pdbx_struct_assembly_prop.biol_id 
_pdbx_struct_assembly_prop.type 
_pdbx_struct_assembly_prop.value 
_pdbx_struct_assembly_prop.details 
1 'ABSA (A^2)' 3490 ? 
1 MORE         -113 ? 
1 'SSA (A^2)'  8710 ? 
# 
loop_
_pdbx_struct_assembly_gen.assembly_id 
_pdbx_struct_assembly_gen.oper_expression 
_pdbx_struct_assembly_gen.asym_id_list 
1 1,2 A,B,C,D,E,F,G,H 
2 1   A,B,C,D,E,F,G,H 
# 
loop_
_pdbx_struct_oper_list.id 
_pdbx_struct_oper_list.type 
_pdbx_struct_oper_list.name 
_pdbx_struct_oper_list.symmetry_operation 
_pdbx_struct_oper_list.matrix[1][1] 
_pdbx_struct_oper_list.matrix[1][2] 
_pdbx_struct_oper_list.matrix[1][3] 
_pdbx_struct_oper_list.vector[1] 
_pdbx_struct_oper_list.matrix[2][1] 
_pdbx_struct_oper_list.matrix[2][2] 
_pdbx_struct_oper_list.matrix[2][3] 
_pdbx_struct_oper_list.vector[2] 
_pdbx_struct_oper_list.matrix[3][1] 
_pdbx_struct_oper_list.matrix[3][2] 
_pdbx_struct_oper_list.matrix[3][3] 
_pdbx_struct_oper_list.vector[3] 
1 'identity operation'         1_555 x,y,z       1.0000000000 0.0000000000 0.0000000000  0.0000000000 0.0000000000 1.0000000000  0.0000000000  0.0000000000  0.0000000000  0.0000000000  1.0000000000  0.0000000000  
2 'crystal symmetry operation' 3_556 -x,y,-z+3/2 0.9960382120 0.0240594749 -0.0856097072 0.8884607502 0.0240594749 -0.9997099964 -0.0010319064 -6.7512790203 -0.0856097072 -0.0010319064 -0.9963282156 18.8176017767 
# 
_struct_biol.id        1 
_struct_biol.details   ? 
# 
loop_
_struct_conf.conf_type_id 
_struct_conf.id 
_struct_conf.pdbx_PDB_helix_id 
_struct_conf.beg_label_comp_id 
_struct_conf.beg_label_asym_id 
_struct_conf.beg_label_seq_id 
_struct_conf.pdbx_beg_PDB_ins_code 
_struct_conf.end_label_comp_id 
_struct_conf.end_label_asym_id 
_struct_conf.end_label_seq_id 
_struct_conf.pdbx_end_PDB_ins_code 
_struct_conf.beg_auth_comp_id 
_struct_conf.beg_auth_asym_id 
_struct_conf.beg_auth_seq_id 
_struct_conf.end_auth_comp_id 
_struct_conf.end_auth_asym_id 
_struct_conf.end_auth_seq_id 
_struct_conf.pdbx_PDB_helix_class 
_struct_conf.details 
_struct_conf.pdbx_PDB_helix_length 
HELX_P HELX_P1 1 SER A 8  ? LYS A 22 ? SER A 118 LYS A 132 1 ? 15 
HELX_P HELX_P2 2 SER A 25 ? ASN A 39 ? SER A 135 ASN A 149 1 ? 15 
HELX_P HELX_P3 3 SER A 41 ? TRP A 66 ? SER A 151 TRP A 176 1 ? 26 
# 
_struct_conf_type.id          HELX_P 
_struct_conf_type.criteria    ? 
_struct_conf_type.reference   ? 
# 
loop_
_struct_conn.id 
_struct_conn.conn_type_id 
_struct_conn.pdbx_leaving_atom_flag 
_struct_conn.pdbx_PDB_id 
_struct_conn.ptnr1_label_asym_id 
_struct_conn.ptnr1_label_comp_id 
_struct_conn.ptnr1_label_seq_id 
_struct_conn.ptnr1_label_atom_id 
_struct_conn.pdbx_ptnr1_label_alt_id 
_struct_conn.pdbx_ptnr1_PDB_ins_code 
_struct_conn.pdbx_ptnr1_standard_comp_id 
_struct_conn.ptnr1_symmetry 
_struct_conn.ptnr2_label_asym_id 
_struct_conn.ptnr2_label_comp_id 
_struct_conn.ptnr2_label_seq_id 
_struct_conn.ptnr2_label_atom_id 
_struct_conn.pdbx_ptnr2_label_alt_id 
_struct_conn.pdbx_ptnr2_PDB_ins_code 
_struct_conn.ptnr1_auth_asym_id 
_struct_conn.ptnr1_auth_comp_id 
_struct_conn.ptnr1_auth_seq_id 
_struct_conn.ptnr2_auth_asym_id 
_struct_conn.ptnr2_auth_comp_id 
_struct_conn.ptnr2_auth_seq_id 
_struct_conn.ptnr2_symmetry 
_struct_conn.pdbx_ptnr3_label_atom_id 
_struct_conn.pdbx_ptnr3_label_seq_id 
_struct_conn.pdbx_ptnr3_label_comp_id 
_struct_conn.pdbx_ptnr3_label_asym_id 
_struct_conn.pdbx_ptnr3_label_alt_id 
_struct_conn.pdbx_ptnr3_PDB_ins_code 
_struct_conn.details 
_struct_conn.pdbx_dist_value 
_struct_conn.pdbx_value_order 
_struct_conn.pdbx_role 
metalc1  metalc ? ? B CD  .  CD  ? ? ? 1_555 H HOH .  O   ? ? A CD  1   A HOH 46  1_555 ? ? ? ? ? ? ? 1.907 ? ? 
metalc2  metalc ? ? B CD  .  CD  ? ? ? 1_555 A GLU 56 OE1 ? ? A CD  1   A GLU 166 1_555 ? ? ? ? ? ? ? 2.510 ? ? 
metalc3  metalc ? ? B CD  .  CD  ? ? ? 1_555 A GLU 56 OE2 ? ? A CD  1   A GLU 166 1_555 ? ? ? ? ? ? ? 2.200 ? ? 
metalc4  metalc ? ? C CD  .  CD  ? ? ? 1_555 H HOH .  O   ? ? A CD  2   A HOH 28  1_555 ? ? ? ? ? ? ? 2.313 ? ? 
metalc5  metalc ? ? C CD  .  CD  ? ? ? 1_555 A ASP 42 OD1 ? ? A CD  2   A ASP 152 1_555 ? ? ? ? ? ? ? 2.405 ? ? 
metalc6  metalc ? ? C CD  .  CD  ? ? ? 1_555 A ASP 42 OD2 ? ? A CD  2   A ASP 152 1_555 ? ? ? ? ? ? ? 2.299 ? ? 
metalc7  metalc ? ? H HOH .  O   ? ? ? 1_555 F NA  .  NA  ? ? A HOH 52  A NA  180 1_555 ? ? ? ? ? ? ? 2.359 ? ? 
metalc8  metalc ? ? H HOH .  O   ? ? ? 1_555 F NA  .  NA  ? ? A HOH 53  A NA  180 1_555 ? ? ? ? ? ? ? 2.390 ? ? 
metalc9  metalc ? ? A SER 43 OG  ? ? ? 1_555 G NA  .  NA  ? ? A SER 153 A NA  181 1_555 ? ? ? ? ? ? ? 2.982 ? ? 
metalc10 metalc ? ? A ASP 55 OD1 ? ? ? 1_555 F NA  .  NA  ? ? A ASP 165 A NA  180 1_555 ? ? ? ? ? ? ? 2.329 ? ? 
metalc11 metalc ? ? A ASP 55 OD2 ? ? ? 1_555 F NA  .  NA  ? ? A ASP 165 A NA  180 1_555 ? ? ? ? ? ? ? 2.342 ? ? 
# 
_struct_conn_type.id          metalc 
_struct_conn_type.criteria    ? 
_struct_conn_type.reference   ? 
# 
loop_
_pdbx_struct_conn_angle.id 
_pdbx_struct_conn_angle.ptnr1_label_atom_id 
_pdbx_struct_conn_angle.ptnr1_label_alt_id 
_pdbx_struct_conn_angle.ptnr1_label_asym_id 
_pdbx_struct_conn_angle.ptnr1_label_comp_id 
_pdbx_struct_conn_angle.ptnr1_label_seq_id 
_pdbx_struct_conn_angle.ptnr1_auth_atom_id 
_pdbx_struct_conn_angle.ptnr1_auth_asym_id 
_pdbx_struct_conn_angle.ptnr1_auth_comp_id 
_pdbx_struct_conn_angle.ptnr1_auth_seq_id 
_pdbx_struct_conn_angle.ptnr1_PDB_ins_code 
_pdbx_struct_conn_angle.ptnr1_symmetry 
_pdbx_struct_conn_angle.ptnr2_label_atom_id 
_pdbx_struct_conn_angle.ptnr2_label_alt_id 
_pdbx_struct_conn_angle.ptnr2_label_asym_id 
_pdbx_struct_conn_angle.ptnr2_label_comp_id 
_pdbx_struct_conn_angle.ptnr2_label_seq_id 
_pdbx_struct_conn_angle.ptnr2_auth_atom_id 
_pdbx_struct_conn_angle.ptnr2_auth_asym_id 
_pdbx_struct_conn_angle.ptnr2_auth_comp_id 
_pdbx_struct_conn_angle.ptnr2_auth_seq_id 
_pdbx_struct_conn_angle.ptnr2_PDB_ins_code 
_pdbx_struct_conn_angle.ptnr2_symmetry 
_pdbx_struct_conn_angle.ptnr3_label_atom_id 
_pdbx_struct_conn_angle.ptnr3_label_alt_id 
_pdbx_struct_conn_angle.ptnr3_label_asym_id 
_pdbx_struct_conn_angle.ptnr3_label_comp_id 
_pdbx_struct_conn_angle.ptnr3_label_seq_id 
_pdbx_struct_conn_angle.ptnr3_auth_atom_id 
_pdbx_struct_conn_angle.ptnr3_auth_asym_id 
_pdbx_struct_conn_angle.ptnr3_auth_comp_id 
_pdbx_struct_conn_angle.ptnr3_auth_seq_id 
_pdbx_struct_conn_angle.ptnr3_PDB_ins_code 
_pdbx_struct_conn_angle.ptnr3_symmetry 
_pdbx_struct_conn_angle.value 
_pdbx_struct_conn_angle.value_esd 
1  O   ? H HOH .  ? A HOH 46  ? 1_555 CD ? B CD . ? A CD 1   ? 1_555 OE1 ? A GLU 56 ? A GLU 166 ? 1_555 152.2 ? 
2  O   ? H HOH .  ? A HOH 46  ? 1_555 CD ? B CD . ? A CD 1   ? 1_555 OE2 ? A GLU 56 ? A GLU 166 ? 1_555 146.7 ? 
3  OE1 ? A GLU 56 ? A GLU 166 ? 1_555 CD ? B CD . ? A CD 1   ? 1_555 OE2 ? A GLU 56 ? A GLU 166 ? 1_555 54.6  ? 
4  O   ? H HOH .  ? A HOH 28  ? 1_555 CD ? C CD . ? A CD 2   ? 1_555 OD1 ? A ASP 42 ? A ASP 152 ? 1_555 137.7 ? 
5  O   ? H HOH .  ? A HOH 28  ? 1_555 CD ? C CD . ? A CD 2   ? 1_555 OD2 ? A ASP 42 ? A ASP 152 ? 1_555 83.6  ? 
6  OD1 ? A ASP 42 ? A ASP 152 ? 1_555 CD ? C CD . ? A CD 2   ? 1_555 OD2 ? A ASP 42 ? A ASP 152 ? 1_555 54.2  ? 
7  O   ? H HOH .  ? A HOH 52  ? 1_555 NA ? F NA . ? A NA 180 ? 1_555 O   ? H HOH .  ? A HOH 53  ? 1_555 88.5  ? 
8  O   ? H HOH .  ? A HOH 52  ? 1_555 NA ? F NA . ? A NA 180 ? 1_555 OD1 ? A ASP 55 ? A ASP 165 ? 1_555 95.1  ? 
9  O   ? H HOH .  ? A HOH 53  ? 1_555 NA ? F NA . ? A NA 180 ? 1_555 OD1 ? A ASP 55 ? A ASP 165 ? 1_555 83.5  ? 
10 O   ? H HOH .  ? A HOH 52  ? 1_555 NA ? F NA . ? A NA 180 ? 1_555 OD2 ? A ASP 55 ? A ASP 165 ? 1_555 148.5 ? 
11 O   ? H HOH .  ? A HOH 53  ? 1_555 NA ? F NA . ? A NA 180 ? 1_555 OD2 ? A ASP 55 ? A ASP 165 ? 1_555 98.5  ? 
12 OD1 ? A ASP 55 ? A ASP 165 ? 1_555 NA ? F NA . ? A NA 180 ? 1_555 OD2 ? A ASP 55 ? A ASP 165 ? 1_555 55.8  ? 
# 
_struct_mon_prot_cis.pdbx_id                1 
_struct_mon_prot_cis.label_comp_id          LYS 
_struct_mon_prot_cis.label_seq_id           22 
_struct_mon_prot_cis.label_asym_id          A 
_struct_mon_prot_cis.label_alt_id           . 
_struct_mon_prot_cis.pdbx_PDB_ins_code      ? 
_struct_mon_prot_cis.auth_comp_id           LYS 
_struct_mon_prot_cis.auth_seq_id            132 
_struct_mon_prot_cis.auth_asym_id           A 
_struct_mon_prot_cis.pdbx_label_comp_id_2   GLY 
_struct_mon_prot_cis.pdbx_label_seq_id_2    23 
_struct_mon_prot_cis.pdbx_label_asym_id_2   A 
_struct_mon_prot_cis.pdbx_PDB_ins_code_2    ? 
_struct_mon_prot_cis.pdbx_auth_comp_id_2    GLY 
_struct_mon_prot_cis.pdbx_auth_seq_id_2     133 
_struct_mon_prot_cis.pdbx_auth_asym_id_2    A 
_struct_mon_prot_cis.pdbx_PDB_model_num     1 
_struct_mon_prot_cis.pdbx_omega_angle       -10.37 
# 
loop_
_struct_site.id 
_struct_site.pdbx_evidence_code 
_struct_site.pdbx_auth_asym_id 
_struct_site.pdbx_auth_comp_id 
_struct_site.pdbx_auth_seq_id 
_struct_site.pdbx_auth_ins_code 
_struct_site.pdbx_num_residues 
_struct_site.details 
AC1 Software A CD 1   ? 5 'BINDING SITE FOR RESIDUE CD A 1'   
AC2 Software A CD 2   ? 4 'BINDING SITE FOR RESIDUE CD A 2'   
AC3 Software A CL 178 ? 5 'BINDING SITE FOR RESIDUE CL A 178' 
AC4 Software A CL 179 ? 6 'BINDING SITE FOR RESIDUE CL A 179' 
AC5 Software A NA 180 ? 3 'BINDING SITE FOR RESIDUE NA A 180' 
AC6 Software A NA 181 ? 2 'BINDING SITE FOR RESIDUE NA A 181' 
# 
loop_
_struct_site_gen.id 
_struct_site_gen.site_id 
_struct_site_gen.pdbx_num_res 
_struct_site_gen.label_comp_id 
_struct_site_gen.label_asym_id 
_struct_site_gen.label_seq_id 
_struct_site_gen.pdbx_auth_ins_code 
_struct_site_gen.auth_comp_id 
_struct_site_gen.auth_asym_id 
_struct_site_gen.auth_seq_id 
_struct_site_gen.label_atom_id 
_struct_site_gen.label_alt_id 
_struct_site_gen.symmetry 
_struct_site_gen.details 
1  AC1 5 HOH H .  ? HOH A 46  . ? 1_555 ? 
2  AC1 5 GLU A 56 ? GLU A 166 . ? 1_555 ? 
3  AC1 5 HIS A 60 ? HIS A 170 . ? 3_556 ? 
4  AC1 5 CL  D .  ? CL  A 178 . ? 1_555 ? 
5  AC1 5 CL  E .  ? CL  A 179 . ? 1_555 ? 
6  AC2 4 HOH H .  ? HOH A 28  . ? 1_555 ? 
7  AC2 4 HOH H .  ? HOH A 34  . ? 3_556 ? 
8  AC2 4 ASP A 42 ? ASP A 152 . ? 1_555 ? 
9  AC2 4 GLU A 54 ? GLU A 164 . ? 8_456 ? 
10 AC3 5 CD  B .  ? CD  A 1   . ? 1_555 ? 
11 AC3 5 HOH H .  ? HOH A 46  . ? 1_555 ? 
12 AC3 5 ALA A 9  ? ALA A 119 . ? 1_555 ? 
13 AC3 5 GLU A 56 ? GLU A 166 . ? 1_555 ? 
14 AC3 5 HIS A 60 ? HIS A 170 . ? 3_556 ? 
15 AC4 6 CD  B .  ? CD  A 1   . ? 1_555 ? 
16 AC4 6 HOH H .  ? HOH A 46  . ? 1_555 ? 
17 AC4 6 ARG A 5  ? ARG A 115 . ? 3_556 ? 
18 AC4 6 GLU A 56 ? GLU A 166 . ? 3_556 ? 
19 AC4 6 GLU A 56 ? GLU A 166 . ? 1_555 ? 
20 AC4 6 TYR A 59 ? TYR A 169 . ? 3_556 ? 
21 AC5 3 HOH H .  ? HOH A 52  . ? 1_555 ? 
22 AC5 3 HOH H .  ? HOH A 53  . ? 1_555 ? 
23 AC5 3 ASP A 55 ? ASP A 165 . ? 1_555 ? 
24 AC6 2 SER A 41 ? SER A 151 . ? 1_555 ? 
25 AC6 2 SER A 43 ? SER A 153 . ? 1_555 ? 
# 
_pdbx_validate_symm_contact.id                1 
_pdbx_validate_symm_contact.PDB_model_num     1 
_pdbx_validate_symm_contact.auth_atom_id_1    O 
_pdbx_validate_symm_contact.auth_asym_id_1    A 
_pdbx_validate_symm_contact.auth_comp_id_1    HOH 
_pdbx_validate_symm_contact.auth_seq_id_1     31 
_pdbx_validate_symm_contact.PDB_ins_code_1    ? 
_pdbx_validate_symm_contact.label_alt_id_1    ? 
_pdbx_validate_symm_contact.site_symmetry_1   1_555 
_pdbx_validate_symm_contact.auth_atom_id_2    O 
_pdbx_validate_symm_contact.auth_asym_id_2    A 
_pdbx_validate_symm_contact.auth_comp_id_2    HOH 
_pdbx_validate_symm_contact.auth_seq_id_2     44 
_pdbx_validate_symm_contact.PDB_ins_code_2    ? 
_pdbx_validate_symm_contact.label_alt_id_2    ? 
_pdbx_validate_symm_contact.site_symmetry_2   4_566 
_pdbx_validate_symm_contact.dist              2.15 
# 
_pdbx_validate_torsion.id              1 
_pdbx_validate_torsion.PDB_model_num   1 
_pdbx_validate_torsion.auth_comp_id    LYS 
_pdbx_validate_torsion.auth_asym_id    A 
_pdbx_validate_torsion.auth_seq_id     132 
_pdbx_validate_torsion.PDB_ins_code    ? 
_pdbx_validate_torsion.label_alt_id    ? 
_pdbx_validate_torsion.phi             63.83 
_pdbx_validate_torsion.psi             168.93 
# 
_pdbx_validate_peptide_omega.id               1 
_pdbx_validate_peptide_omega.PDB_model_num    1 
_pdbx_validate_peptide_omega.auth_comp_id_1   GLY 
_pdbx_validate_peptide_omega.auth_asym_id_1   A 
_pdbx_validate_peptide_omega.auth_seq_id_1    133 
_pdbx_validate_peptide_omega.PDB_ins_code_1   ? 
_pdbx_validate_peptide_omega.label_alt_id_1   ? 
_pdbx_validate_peptide_omega.auth_comp_id_2   ASP 
_pdbx_validate_peptide_omega.auth_asym_id_2   A 
_pdbx_validate_peptide_omega.auth_seq_id_2    134 
_pdbx_validate_peptide_omega.PDB_ins_code_2   ? 
_pdbx_validate_peptide_omega.label_alt_id_2   ? 
_pdbx_validate_peptide_omega.omega            -134.81 
# 
loop_
_pdbx_struct_special_symmetry.id 
_pdbx_struct_special_symmetry.PDB_model_num 
_pdbx_struct_special_symmetry.auth_asym_id 
_pdbx_struct_special_symmetry.auth_comp_id 
_pdbx_struct_special_symmetry.auth_seq_id 
_pdbx_struct_special_symmetry.PDB_ins_code 
_pdbx_struct_special_symmetry.label_asym_id 
_pdbx_struct_special_symmetry.label_comp_id 
_pdbx_struct_special_symmetry.label_seq_id 
1 1 A HOH 54 ? H HOH . 
2 1 A HOH 57 ? H HOH . 
# 
loop_
_chem_comp_atom.comp_id 
_chem_comp_atom.atom_id 
_chem_comp_atom.type_symbol 
_chem_comp_atom.pdbx_aromatic_flag 
_chem_comp_atom.pdbx_stereo_config 
_chem_comp_atom.pdbx_ordinal 
ALA N    N  N N 1   
ALA CA   C  N S 2   
ALA C    C  N N 3   
ALA O    O  N N 4   
ALA CB   C  N N 5   
ALA OXT  O  N N 6   
ALA H    H  N N 7   
ALA H2   H  N N 8   
ALA HA   H  N N 9   
ALA HB1  H  N N 10  
ALA HB2  H  N N 11  
ALA HB3  H  N N 12  
ALA HXT  H  N N 13  
ARG N    N  N N 14  
ARG CA   C  N S 15  
ARG C    C  N N 16  
ARG O    O  N N 17  
ARG CB   C  N N 18  
ARG CG   C  N N 19  
ARG CD   C  N N 20  
ARG NE   N  N N 21  
ARG CZ   C  N N 22  
ARG NH1  N  N N 23  
ARG NH2  N  N N 24  
ARG OXT  O  N N 25  
ARG H    H  N N 26  
ARG H2   H  N N 27  
ARG HA   H  N N 28  
ARG HB2  H  N N 29  
ARG HB3  H  N N 30  
ARG HG2  H  N N 31  
ARG HG3  H  N N 32  
ARG HD2  H  N N 33  
ARG HD3  H  N N 34  
ARG HE   H  N N 35  
ARG HH11 H  N N 36  
ARG HH12 H  N N 37  
ARG HH21 H  N N 38  
ARG HH22 H  N N 39  
ARG HXT  H  N N 40  
ASN N    N  N N 41  
ASN CA   C  N S 42  
ASN C    C  N N 43  
ASN O    O  N N 44  
ASN CB   C  N N 45  
ASN CG   C  N N 46  
ASN OD1  O  N N 47  
ASN ND2  N  N N 48  
ASN OXT  O  N N 49  
ASN H    H  N N 50  
ASN H2   H  N N 51  
ASN HA   H  N N 52  
ASN HB2  H  N N 53  
ASN HB3  H  N N 54  
ASN HD21 H  N N 55  
ASN HD22 H  N N 56  
ASN HXT  H  N N 57  
ASP N    N  N N 58  
ASP CA   C  N S 59  
ASP C    C  N N 60  
ASP O    O  N N 61  
ASP CB   C  N N 62  
ASP CG   C  N N 63  
ASP OD1  O  N N 64  
ASP OD2  O  N N 65  
ASP OXT  O  N N 66  
ASP H    H  N N 67  
ASP H2   H  N N 68  
ASP HA   H  N N 69  
ASP HB2  H  N N 70  
ASP HB3  H  N N 71  
ASP HD2  H  N N 72  
ASP HXT  H  N N 73  
CD  CD   CD N N 74  
CL  CL   CL N N 75  
GLN N    N  N N 76  
GLN CA   C  N S 77  
GLN C    C  N N 78  
GLN O    O  N N 79  
GLN CB   C  N N 80  
GLN CG   C  N N 81  
GLN CD   C  N N 82  
GLN OE1  O  N N 83  
GLN NE2  N  N N 84  
GLN OXT  O  N N 85  
GLN H    H  N N 86  
GLN H2   H  N N 87  
GLN HA   H  N N 88  
GLN HB2  H  N N 89  
GLN HB3  H  N N 90  
GLN HG2  H  N N 91  
GLN HG3  H  N N 92  
GLN HE21 H  N N 93  
GLN HE22 H  N N 94  
GLN HXT  H  N N 95  
GLU N    N  N N 96  
GLU CA   C  N S 97  
GLU C    C  N N 98  
GLU O    O  N N 99  
GLU CB   C  N N 100 
GLU CG   C  N N 101 
GLU CD   C  N N 102 
GLU OE1  O  N N 103 
GLU OE2  O  N N 104 
GLU OXT  O  N N 105 
GLU H    H  N N 106 
GLU H2   H  N N 107 
GLU HA   H  N N 108 
GLU HB2  H  N N 109 
GLU HB3  H  N N 110 
GLU HG2  H  N N 111 
GLU HG3  H  N N 112 
GLU HE2  H  N N 113 
GLU HXT  H  N N 114 
GLY N    N  N N 115 
GLY CA   C  N N 116 
GLY C    C  N N 117 
GLY O    O  N N 118 
GLY OXT  O  N N 119 
GLY H    H  N N 120 
GLY H2   H  N N 121 
GLY HA2  H  N N 122 
GLY HA3  H  N N 123 
GLY HXT  H  N N 124 
HIS N    N  N N 125 
HIS CA   C  N S 126 
HIS C    C  N N 127 
HIS O    O  N N 128 
HIS CB   C  N N 129 
HIS CG   C  Y N 130 
HIS ND1  N  Y N 131 
HIS CD2  C  Y N 132 
HIS CE1  C  Y N 133 
HIS NE2  N  Y N 134 
HIS OXT  O  N N 135 
HIS H    H  N N 136 
HIS H2   H  N N 137 
HIS HA   H  N N 138 
HIS HB2  H  N N 139 
HIS HB3  H  N N 140 
HIS HD1  H  N N 141 
HIS HD2  H  N N 142 
HIS HE1  H  N N 143 
HIS HE2  H  N N 144 
HIS HXT  H  N N 145 
HOH O    O  N N 146 
HOH H1   H  N N 147 
HOH H2   H  N N 148 
ILE N    N  N N 149 
ILE CA   C  N S 150 
ILE C    C  N N 151 
ILE O    O  N N 152 
ILE CB   C  N S 153 
ILE CG1  C  N N 154 
ILE CG2  C  N N 155 
ILE CD1  C  N N 156 
ILE OXT  O  N N 157 
ILE H    H  N N 158 
ILE H2   H  N N 159 
ILE HA   H  N N 160 
ILE HB   H  N N 161 
ILE HG12 H  N N 162 
ILE HG13 H  N N 163 
ILE HG21 H  N N 164 
ILE HG22 H  N N 165 
ILE HG23 H  N N 166 
ILE HD11 H  N N 167 
ILE HD12 H  N N 168 
ILE HD13 H  N N 169 
ILE HXT  H  N N 170 
LEU N    N  N N 171 
LEU CA   C  N S 172 
LEU C    C  N N 173 
LEU O    O  N N 174 
LEU CB   C  N N 175 
LEU CG   C  N N 176 
LEU CD1  C  N N 177 
LEU CD2  C  N N 178 
LEU OXT  O  N N 179 
LEU H    H  N N 180 
LEU H2   H  N N 181 
LEU HA   H  N N 182 
LEU HB2  H  N N 183 
LEU HB3  H  N N 184 
LEU HG   H  N N 185 
LEU HD11 H  N N 186 
LEU HD12 H  N N 187 
LEU HD13 H  N N 188 
LEU HD21 H  N N 189 
LEU HD22 H  N N 190 
LEU HD23 H  N N 191 
LEU HXT  H  N N 192 
LYS N    N  N N 193 
LYS CA   C  N S 194 
LYS C    C  N N 195 
LYS O    O  N N 196 
LYS CB   C  N N 197 
LYS CG   C  N N 198 
LYS CD   C  N N 199 
LYS CE   C  N N 200 
LYS NZ   N  N N 201 
LYS OXT  O  N N 202 
LYS H    H  N N 203 
LYS H2   H  N N 204 
LYS HA   H  N N 205 
LYS HB2  H  N N 206 
LYS HB3  H  N N 207 
LYS HG2  H  N N 208 
LYS HG3  H  N N 209 
LYS HD2  H  N N 210 
LYS HD3  H  N N 211 
LYS HE2  H  N N 212 
LYS HE3  H  N N 213 
LYS HZ1  H  N N 214 
LYS HZ2  H  N N 215 
LYS HZ3  H  N N 216 
LYS HXT  H  N N 217 
MET N    N  N N 218 
MET CA   C  N S 219 
MET C    C  N N 220 
MET O    O  N N 221 
MET CB   C  N N 222 
MET CG   C  N N 223 
MET SD   S  N N 224 
MET CE   C  N N 225 
MET OXT  O  N N 226 
MET H    H  N N 227 
MET H2   H  N N 228 
MET HA   H  N N 229 
MET HB2  H  N N 230 
MET HB3  H  N N 231 
MET HG2  H  N N 232 
MET HG3  H  N N 233 
MET HE1  H  N N 234 
MET HE2  H  N N 235 
MET HE3  H  N N 236 
MET HXT  H  N N 237 
NA  NA   NA N N 238 
PHE N    N  N N 239 
PHE CA   C  N S 240 
PHE C    C  N N 241 
PHE O    O  N N 242 
PHE CB   C  N N 243 
PHE CG   C  Y N 244 
PHE CD1  C  Y N 245 
PHE CD2  C  Y N 246 
PHE CE1  C  Y N 247 
PHE CE2  C  Y N 248 
PHE CZ   C  Y N 249 
PHE OXT  O  N N 250 
PHE H    H  N N 251 
PHE H2   H  N N 252 
PHE HA   H  N N 253 
PHE HB2  H  N N 254 
PHE HB3  H  N N 255 
PHE HD1  H  N N 256 
PHE HD2  H  N N 257 
PHE HE1  H  N N 258 
PHE HE2  H  N N 259 
PHE HZ   H  N N 260 
PHE HXT  H  N N 261 
PRO N    N  N N 262 
PRO CA   C  N S 263 
PRO C    C  N N 264 
PRO O    O  N N 265 
PRO CB   C  N N 266 
PRO CG   C  N N 267 
PRO CD   C  N N 268 
PRO OXT  O  N N 269 
PRO H    H  N N 270 
PRO HA   H  N N 271 
PRO HB2  H  N N 272 
PRO HB3  H  N N 273 
PRO HG2  H  N N 274 
PRO HG3  H  N N 275 
PRO HD2  H  N N 276 
PRO HD3  H  N N 277 
PRO HXT  H  N N 278 
SER N    N  N N 279 
SER CA   C  N S 280 
SER C    C  N N 281 
SER O    O  N N 282 
SER CB   C  N N 283 
SER OG   O  N N 284 
SER OXT  O  N N 285 
SER H    H  N N 286 
SER H2   H  N N 287 
SER HA   H  N N 288 
SER HB2  H  N N 289 
SER HB3  H  N N 290 
SER HG   H  N N 291 
SER HXT  H  N N 292 
THR N    N  N N 293 
THR CA   C  N S 294 
THR C    C  N N 295 
THR O    O  N N 296 
THR CB   C  N R 297 
THR OG1  O  N N 298 
THR CG2  C  N N 299 
THR OXT  O  N N 300 
THR H    H  N N 301 
THR H2   H  N N 302 
THR HA   H  N N 303 
THR HB   H  N N 304 
THR HG1  H  N N 305 
THR HG21 H  N N 306 
THR HG22 H  N N 307 
THR HG23 H  N N 308 
THR HXT  H  N N 309 
TRP N    N  N N 310 
TRP CA   C  N S 311 
TRP C    C  N N 312 
TRP O    O  N N 313 
TRP CB   C  N N 314 
TRP CG   C  Y N 315 
TRP CD1  C  Y N 316 
TRP CD2  C  Y N 317 
TRP NE1  N  Y N 318 
TRP CE2  C  Y N 319 
TRP CE3  C  Y N 320 
TRP CZ2  C  Y N 321 
TRP CZ3  C  Y N 322 
TRP CH2  C  Y N 323 
TRP OXT  O  N N 324 
TRP H    H  N N 325 
TRP H2   H  N N 326 
TRP HA   H  N N 327 
TRP HB2  H  N N 328 
TRP HB3  H  N N 329 
TRP HD1  H  N N 330 
TRP HE1  H  N N 331 
TRP HE3  H  N N 332 
TRP HZ2  H  N N 333 
TRP HZ3  H  N N 334 
TRP HH2  H  N N 335 
TRP HXT  H  N N 336 
TYR N    N  N N 337 
TYR CA   C  N S 338 
TYR C    C  N N 339 
TYR O    O  N N 340 
TYR CB   C  N N 341 
TYR CG   C  Y N 342 
TYR CD1  C  Y N 343 
TYR CD2  C  Y N 344 
TYR CE1  C  Y N 345 
TYR CE2  C  Y N 346 
TYR CZ   C  Y N 347 
TYR OH   O  N N 348 
TYR OXT  O  N N 349 
TYR H    H  N N 350 
TYR H2   H  N N 351 
TYR HA   H  N N 352 
TYR HB2  H  N N 353 
TYR HB3  H  N N 354 
TYR HD1  H  N N 355 
TYR HD2  H  N N 356 
TYR HE1  H  N N 357 
TYR HE2  H  N N 358 
TYR HH   H  N N 359 
TYR HXT  H  N N 360 
VAL N    N  N N 361 
VAL CA   C  N S 362 
VAL C    C  N N 363 
VAL O    O  N N 364 
VAL CB   C  N N 365 
VAL CG1  C  N N 366 
VAL CG2  C  N N 367 
VAL OXT  O  N N 368 
VAL H    H  N N 369 
VAL H2   H  N N 370 
VAL HA   H  N N 371 
VAL HB   H  N N 372 
VAL HG11 H  N N 373 
VAL HG12 H  N N 374 
VAL HG13 H  N N 375 
VAL HG21 H  N N 376 
VAL HG22 H  N N 377 
VAL HG23 H  N N 378 
VAL HXT  H  N N 379 
# 
loop_
_chem_comp_bond.comp_id 
_chem_comp_bond.atom_id_1 
_chem_comp_bond.atom_id_2 
_chem_comp_bond.value_order 
_chem_comp_bond.pdbx_aromatic_flag 
_chem_comp_bond.pdbx_stereo_config 
_chem_comp_bond.pdbx_ordinal 
ALA N   CA   sing N N 1   
ALA N   H    sing N N 2   
ALA N   H2   sing N N 3   
ALA CA  C    sing N N 4   
ALA CA  CB   sing N N 5   
ALA CA  HA   sing N N 6   
ALA C   O    doub N N 7   
ALA C   OXT  sing N N 8   
ALA CB  HB1  sing N N 9   
ALA CB  HB2  sing N N 10  
ALA CB  HB3  sing N N 11  
ALA OXT HXT  sing N N 12  
ARG N   CA   sing N N 13  
ARG N   H    sing N N 14  
ARG N   H2   sing N N 15  
ARG CA  C    sing N N 16  
ARG CA  CB   sing N N 17  
ARG CA  HA   sing N N 18  
ARG C   O    doub N N 19  
ARG C   OXT  sing N N 20  
ARG CB  CG   sing N N 21  
ARG CB  HB2  sing N N 22  
ARG CB  HB3  sing N N 23  
ARG CG  CD   sing N N 24  
ARG CG  HG2  sing N N 25  
ARG CG  HG3  sing N N 26  
ARG CD  NE   sing N N 27  
ARG CD  HD2  sing N N 28  
ARG CD  HD3  sing N N 29  
ARG NE  CZ   sing N N 30  
ARG NE  HE   sing N N 31  
ARG CZ  NH1  sing N N 32  
ARG CZ  NH2  doub N N 33  
ARG NH1 HH11 sing N N 34  
ARG NH1 HH12 sing N N 35  
ARG NH2 HH21 sing N N 36  
ARG NH2 HH22 sing N N 37  
ARG OXT HXT  sing N N 38  
ASN N   CA   sing N N 39  
ASN N   H    sing N N 40  
ASN N   H2   sing N N 41  
ASN CA  C    sing N N 42  
ASN CA  CB   sing N N 43  
ASN CA  HA   sing N N 44  
ASN C   O    doub N N 45  
ASN C   OXT  sing N N 46  
ASN CB  CG   sing N N 47  
ASN CB  HB2  sing N N 48  
ASN CB  HB3  sing N N 49  
ASN CG  OD1  doub N N 50  
ASN CG  ND2  sing N N 51  
ASN ND2 HD21 sing N N 52  
ASN ND2 HD22 sing N N 53  
ASN OXT HXT  sing N N 54  
ASP N   CA   sing N N 55  
ASP N   H    sing N N 56  
ASP N   H2   sing N N 57  
ASP CA  C    sing N N 58  
ASP CA  CB   sing N N 59  
ASP CA  HA   sing N N 60  
ASP C   O    doub N N 61  
ASP C   OXT  sing N N 62  
ASP CB  CG   sing N N 63  
ASP CB  HB2  sing N N 64  
ASP CB  HB3  sing N N 65  
ASP CG  OD1  doub N N 66  
ASP CG  OD2  sing N N 67  
ASP OD2 HD2  sing N N 68  
ASP OXT HXT  sing N N 69  
GLN N   CA   sing N N 70  
GLN N   H    sing N N 71  
GLN N   H2   sing N N 72  
GLN CA  C    sing N N 73  
GLN CA  CB   sing N N 74  
GLN CA  HA   sing N N 75  
GLN C   O    doub N N 76  
GLN C   OXT  sing N N 77  
GLN CB  CG   sing N N 78  
GLN CB  HB2  sing N N 79  
GLN CB  HB3  sing N N 80  
GLN CG  CD   sing N N 81  
GLN CG  HG2  sing N N 82  
GLN CG  HG3  sing N N 83  
GLN CD  OE1  doub N N 84  
GLN CD  NE2  sing N N 85  
GLN NE2 HE21 sing N N 86  
GLN NE2 HE22 sing N N 87  
GLN OXT HXT  sing N N 88  
GLU N   CA   sing N N 89  
GLU N   H    sing N N 90  
GLU N   H2   sing N N 91  
GLU CA  C    sing N N 92  
GLU CA  CB   sing N N 93  
GLU CA  HA   sing N N 94  
GLU C   O    doub N N 95  
GLU C   OXT  sing N N 96  
GLU CB  CG   sing N N 97  
GLU CB  HB2  sing N N 98  
GLU CB  HB3  sing N N 99  
GLU CG  CD   sing N N 100 
GLU CG  HG2  sing N N 101 
GLU CG  HG3  sing N N 102 
GLU CD  OE1  doub N N 103 
GLU CD  OE2  sing N N 104 
GLU OE2 HE2  sing N N 105 
GLU OXT HXT  sing N N 106 
GLY N   CA   sing N N 107 
GLY N   H    sing N N 108 
GLY N   H2   sing N N 109 
GLY CA  C    sing N N 110 
GLY CA  HA2  sing N N 111 
GLY CA  HA3  sing N N 112 
GLY C   O    doub N N 113 
GLY C   OXT  sing N N 114 
GLY OXT HXT  sing N N 115 
HIS N   CA   sing N N 116 
HIS N   H    sing N N 117 
HIS N   H2   sing N N 118 
HIS CA  C    sing N N 119 
HIS CA  CB   sing N N 120 
HIS CA  HA   sing N N 121 
HIS C   O    doub N N 122 
HIS C   OXT  sing N N 123 
HIS CB  CG   sing N N 124 
HIS CB  HB2  sing N N 125 
HIS CB  HB3  sing N N 126 
HIS CG  ND1  sing Y N 127 
HIS CG  CD2  doub Y N 128 
HIS ND1 CE1  doub Y N 129 
HIS ND1 HD1  sing N N 130 
HIS CD2 NE2  sing Y N 131 
HIS CD2 HD2  sing N N 132 
HIS CE1 NE2  sing Y N 133 
HIS CE1 HE1  sing N N 134 
HIS NE2 HE2  sing N N 135 
HIS OXT HXT  sing N N 136 
HOH O   H1   sing N N 137 
HOH O   H2   sing N N 138 
ILE N   CA   sing N N 139 
ILE N   H    sing N N 140 
ILE N   H2   sing N N 141 
ILE CA  C    sing N N 142 
ILE CA  CB   sing N N 143 
ILE CA  HA   sing N N 144 
ILE C   O    doub N N 145 
ILE C   OXT  sing N N 146 
ILE CB  CG1  sing N N 147 
ILE CB  CG2  sing N N 148 
ILE CB  HB   sing N N 149 
ILE CG1 CD1  sing N N 150 
ILE CG1 HG12 sing N N 151 
ILE CG1 HG13 sing N N 152 
ILE CG2 HG21 sing N N 153 
ILE CG2 HG22 sing N N 154 
ILE CG2 HG23 sing N N 155 
ILE CD1 HD11 sing N N 156 
ILE CD1 HD12 sing N N 157 
ILE CD1 HD13 sing N N 158 
ILE OXT HXT  sing N N 159 
LEU N   CA   sing N N 160 
LEU N   H    sing N N 161 
LEU N   H2   sing N N 162 
LEU CA  C    sing N N 163 
LEU CA  CB   sing N N 164 
LEU CA  HA   sing N N 165 
LEU C   O    doub N N 166 
LEU C   OXT  sing N N 167 
LEU CB  CG   sing N N 168 
LEU CB  HB2  sing N N 169 
LEU CB  HB3  sing N N 170 
LEU CG  CD1  sing N N 171 
LEU CG  CD2  sing N N 172 
LEU CG  HG   sing N N 173 
LEU CD1 HD11 sing N N 174 
LEU CD1 HD12 sing N N 175 
LEU CD1 HD13 sing N N 176 
LEU CD2 HD21 sing N N 177 
LEU CD2 HD22 sing N N 178 
LEU CD2 HD23 sing N N 179 
LEU OXT HXT  sing N N 180 
LYS N   CA   sing N N 181 
LYS N   H    sing N N 182 
LYS N   H2   sing N N 183 
LYS CA  C    sing N N 184 
LYS CA  CB   sing N N 185 
LYS CA  HA   sing N N 186 
LYS C   O    doub N N 187 
LYS C   OXT  sing N N 188 
LYS CB  CG   sing N N 189 
LYS CB  HB2  sing N N 190 
LYS CB  HB3  sing N N 191 
LYS CG  CD   sing N N 192 
LYS CG  HG2  sing N N 193 
LYS CG  HG3  sing N N 194 
LYS CD  CE   sing N N 195 
LYS CD  HD2  sing N N 196 
LYS CD  HD3  sing N N 197 
LYS CE  NZ   sing N N 198 
LYS CE  HE2  sing N N 199 
LYS CE  HE3  sing N N 200 
LYS NZ  HZ1  sing N N 201 
LYS NZ  HZ2  sing N N 202 
LYS NZ  HZ3  sing N N 203 
LYS OXT HXT  sing N N 204 
MET N   CA   sing N N 205 
MET N   H    sing N N 206 
MET N   H2   sing N N 207 
MET CA  C    sing N N 208 
MET CA  CB   sing N N 209 
MET CA  HA   sing N N 210 
MET C   O    doub N N 211 
MET C   OXT  sing N N 212 
MET CB  CG   sing N N 213 
MET CB  HB2  sing N N 214 
MET CB  HB3  sing N N 215 
MET CG  SD   sing N N 216 
MET CG  HG2  sing N N 217 
MET CG  HG3  sing N N 218 
MET SD  CE   sing N N 219 
MET CE  HE1  sing N N 220 
MET CE  HE2  sing N N 221 
MET CE  HE3  sing N N 222 
MET OXT HXT  sing N N 223 
PHE N   CA   sing N N 224 
PHE N   H    sing N N 225 
PHE N   H2   sing N N 226 
PHE CA  C    sing N N 227 
PHE CA  CB   sing N N 228 
PHE CA  HA   sing N N 229 
PHE C   O    doub N N 230 
PHE C   OXT  sing N N 231 
PHE CB  CG   sing N N 232 
PHE CB  HB2  sing N N 233 
PHE CB  HB3  sing N N 234 
PHE CG  CD1  doub Y N 235 
PHE CG  CD2  sing Y N 236 
PHE CD1 CE1  sing Y N 237 
PHE CD1 HD1  sing N N 238 
PHE CD2 CE2  doub Y N 239 
PHE CD2 HD2  sing N N 240 
PHE CE1 CZ   doub Y N 241 
PHE CE1 HE1  sing N N 242 
PHE CE2 CZ   sing Y N 243 
PHE CE2 HE2  sing N N 244 
PHE CZ  HZ   sing N N 245 
PHE OXT HXT  sing N N 246 
PRO N   CA   sing N N 247 
PRO N   CD   sing N N 248 
PRO N   H    sing N N 249 
PRO CA  C    sing N N 250 
PRO CA  CB   sing N N 251 
PRO CA  HA   sing N N 252 
PRO C   O    doub N N 253 
PRO C   OXT  sing N N 254 
PRO CB  CG   sing N N 255 
PRO CB  HB2  sing N N 256 
PRO CB  HB3  sing N N 257 
PRO CG  CD   sing N N 258 
PRO CG  HG2  sing N N 259 
PRO CG  HG3  sing N N 260 
PRO CD  HD2  sing N N 261 
PRO CD  HD3  sing N N 262 
PRO OXT HXT  sing N N 263 
SER N   CA   sing N N 264 
SER N   H    sing N N 265 
SER N   H2   sing N N 266 
SER CA  C    sing N N 267 
SER CA  CB   sing N N 268 
SER CA  HA   sing N N 269 
SER C   O    doub N N 270 
SER C   OXT  sing N N 271 
SER CB  OG   sing N N 272 
SER CB  HB2  sing N N 273 
SER CB  HB3  sing N N 274 
SER OG  HG   sing N N 275 
SER OXT HXT  sing N N 276 
THR N   CA   sing N N 277 
THR N   H    sing N N 278 
THR N   H2   sing N N 279 
THR CA  C    sing N N 280 
THR CA  CB   sing N N 281 
THR CA  HA   sing N N 282 
THR C   O    doub N N 283 
THR C   OXT  sing N N 284 
THR CB  OG1  sing N N 285 
THR CB  CG2  sing N N 286 
THR CB  HB   sing N N 287 
THR OG1 HG1  sing N N 288 
THR CG2 HG21 sing N N 289 
THR CG2 HG22 sing N N 290 
THR CG2 HG23 sing N N 291 
THR OXT HXT  sing N N 292 
TRP N   CA   sing N N 293 
TRP N   H    sing N N 294 
TRP N   H2   sing N N 295 
TRP CA  C    sing N N 296 
TRP CA  CB   sing N N 297 
TRP CA  HA   sing N N 298 
TRP C   O    doub N N 299 
TRP C   OXT  sing N N 300 
TRP CB  CG   sing N N 301 
TRP CB  HB2  sing N N 302 
TRP CB  HB3  sing N N 303 
TRP CG  CD1  doub Y N 304 
TRP CG  CD2  sing Y N 305 
TRP CD1 NE1  sing Y N 306 
TRP CD1 HD1  sing N N 307 
TRP CD2 CE2  doub Y N 308 
TRP CD2 CE3  sing Y N 309 
TRP NE1 CE2  sing Y N 310 
TRP NE1 HE1  sing N N 311 
TRP CE2 CZ2  sing Y N 312 
TRP CE3 CZ3  doub Y N 313 
TRP CE3 HE3  sing N N 314 
TRP CZ2 CH2  doub Y N 315 
TRP CZ2 HZ2  sing N N 316 
TRP CZ3 CH2  sing Y N 317 
TRP CZ3 HZ3  sing N N 318 
TRP CH2 HH2  sing N N 319 
TRP OXT HXT  sing N N 320 
TYR N   CA   sing N N 321 
TYR N   H    sing N N 322 
TYR N   H2   sing N N 323 
TYR CA  C    sing N N 324 
TYR CA  CB   sing N N 325 
TYR CA  HA   sing N N 326 
TYR C   O    doub N N 327 
TYR C   OXT  sing N N 328 
TYR CB  CG   sing N N 329 
TYR CB  HB2  sing N N 330 
TYR CB  HB3  sing N N 331 
TYR CG  CD1  doub Y N 332 
TYR CG  CD2  sing Y N 333 
TYR CD1 CE1  sing Y N 334 
TYR CD1 HD1  sing N N 335 
TYR CD2 CE2  doub Y N 336 
TYR CD2 HD2  sing N N 337 
TYR CE1 CZ   doub Y N 338 
TYR CE1 HE1  sing N N 339 
TYR CE2 CZ   sing Y N 340 
TYR CE2 HE2  sing N N 341 
TYR CZ  OH   sing N N 342 
TYR OH  HH   sing N N 343 
TYR OXT HXT  sing N N 344 
VAL N   CA   sing N N 345 
VAL N   H    sing N N 346 
VAL N   H2   sing N N 347 
VAL CA  C    sing N N 348 
VAL CA  CB   sing N N 349 
VAL CA  HA   sing N N 350 
VAL C   O    doub N N 351 
VAL C   OXT  sing N N 352 
VAL CB  CG1  sing N N 353 
VAL CB  CG2  sing N N 354 
VAL CB  HB   sing N N 355 
VAL CG1 HG11 sing N N 356 
VAL CG1 HG12 sing N N 357 
VAL CG1 HG13 sing N N 358 
VAL CG2 HG21 sing N N 359 
VAL CG2 HG22 sing N N 360 
VAL CG2 HG23 sing N N 361 
VAL OXT HXT  sing N N 362 
# 
_atom_sites.entry_id                    3FGH 
_atom_sites.fract_transf_matrix[1][1]   -0.00097496 
_atom_sites.fract_transf_matrix[1][2]   -0.01787179 
_atom_sites.fract_transf_matrix[1][3]   -0.02775426 
_atom_sites.fract_transf_matrix[2][1]   0.01005503 
_atom_sites.fract_transf_matrix[2][2]   0.00012120 
_atom_sites.fract_transf_matrix[2][3]   -0.00043126 
_atom_sites.fract_transf_matrix[3][1]   0.00064163 
_atom_sites.fract_transf_matrix[3][2]   -0.01619782 
_atom_sites.fract_transf_matrix[3][3]   0.01040772 
_atom_sites.fract_transf_vector[1]      0.201239 
_atom_sites.fract_transf_vector[2]      0.364967 
_atom_sites.fract_transf_vector[3]      0.597109 
# 
loop_
_atom_type.symbol 
C  
CD 
CL 
N  
NA 
O  
S  
# 
loop_
_atom_site.group_PDB 
_atom_site.id 
_atom_site.type_symbol 
_atom_site.label_atom_id 
_atom_site.label_alt_id 
_atom_site.label_comp_id 
_atom_site.label_asym_id 
_atom_site.label_entity_id 
_atom_site.label_seq_id 
_atom_site.pdbx_PDB_ins_code 
_atom_site.Cartn_x 
_atom_site.Cartn_y 
_atom_site.Cartn_z 
_atom_site.occupancy 
_atom_site.B_iso_or_equiv 
_atom_site.pdbx_formal_charge 
_atom_site.auth_seq_id 
_atom_site.auth_comp_id 
_atom_site.auth_asym_id 
_atom_site.auth_atom_id 
_atom_site.pdbx_PDB_model_num 
ATOM   1   N  N   . GLY A 1 1  ? 3.407   -22.150 6.994   1.00 33.14  ? 111 GLY A N   1 
ATOM   2   C  CA  . GLY A 1 1  ? 4.161   -20.983 7.554   1.00 31.12  ? 111 GLY A CA  1 
ATOM   3   C  C   . GLY A 1 1  ? 3.270   -19.896 8.131   1.00 31.40  ? 111 GLY A C   1 
ATOM   4   O  O   . GLY A 1 1  ? 2.074   -19.818 7.818   1.00 30.54  ? 111 GLY A O   1 
ATOM   5   N  N   . LYS A 1 2  ? 3.858   -19.060 8.985   1.00 29.94  ? 112 LYS A N   1 
ATOM   6   C  CA  . LYS A 1 2  ? 3.132   -17.960 9.615   1.00 28.94  ? 112 LYS A CA  1 
ATOM   7   C  C   . LYS A 1 2  ? 2.608   -16.998 8.556   1.00 25.88  ? 112 LYS A C   1 
ATOM   8   O  O   . LYS A 1 2  ? 3.369   -16.578 7.690   1.00 24.85  ? 112 LYS A O   1 
ATOM   9   C  CB  . LYS A 1 2  ? 4.046   -17.217 10.593  1.00 31.29  ? 112 LYS A CB  1 
ATOM   10  C  CG  . LYS A 1 2  ? 3.349   -16.149 11.419  1.00 33.43  ? 112 LYS A CG  1 
ATOM   11  C  CD  . LYS A 1 2  ? 4.204   -15.736 12.600  1.00 35.74  ? 112 LYS A CD  1 
ATOM   12  C  CE  . LYS A 1 2  ? 4.311   -14.232 12.677  1.00 36.34  ? 112 LYS A CE  1 
ATOM   13  N  NZ  . LYS A 1 2  ? 5.336   -13.698 11.738  1.00 37.51  ? 112 LYS A NZ  1 
ATOM   14  N  N   . PRO A 1 3  ? 1.294   -16.660 8.613   1.00 24.06  ? 113 PRO A N   1 
ATOM   15  C  CA  . PRO A 1 3  ? 0.759   -15.621 7.722   1.00 23.02  ? 113 PRO A CA  1 
ATOM   16  C  C   . PRO A 1 3  ? 1.565   -14.320 7.772   1.00 21.63  ? 113 PRO A C   1 
ATOM   17  O  O   . PRO A 1 3  ? 2.082   -13.946 8.820   1.00 21.94  ? 113 PRO A O   1 
ATOM   18  C  CB  . PRO A 1 3  ? -0.651  -15.389 8.268   1.00 23.94  ? 113 PRO A CB  1 
ATOM   19  C  CG  . PRO A 1 3  ? -1.020  -16.669 8.920   1.00 25.04  ? 113 PRO A CG  1 
ATOM   20  C  CD  . PRO A 1 3  ? 0.248   -17.223 9.490   1.00 25.29  ? 113 PRO A CD  1 
ATOM   21  N  N   . LYS A 1 4  ? 1.685   -13.663 6.631   1.00 21.92  ? 114 LYS A N   1 
ATOM   22  C  CA  . LYS A 1 4  ? 2.454   -12.434 6.543   1.00 21.43  ? 114 LYS A CA  1 
ATOM   23  C  C   . LYS A 1 4  ? 1.535   -11.220 6.607   1.00 18.71  ? 114 LYS A C   1 
ATOM   24  O  O   . LYS A 1 4  ? 0.525   -11.168 5.922   1.00 18.78  ? 114 LYS A O   1 
ATOM   25  C  CB  . LYS A 1 4  ? 3.257   -12.409 5.240   1.00 25.68  ? 114 LYS A CB  1 
ATOM   26  C  CG  . LYS A 1 4  ? 4.246   -13.573 5.064   1.00 31.75  ? 114 LYS A CG  1 
ATOM   27  C  CD  . LYS A 1 4  ? 5.078   -13.410 3.788   1.00 35.94  ? 114 LYS A CD  1 
ATOM   28  C  CE  . LYS A 1 4  ? 4.403   -14.050 2.572   1.00 37.34  ? 114 LYS A CE  1 
ATOM   29  N  NZ  . LYS A 1 4  ? 5.278   -13.988 1.359   1.00 39.09  ? 114 LYS A NZ  1 
ATOM   30  N  N   . ARG A 1 5  ? 1.898   -10.241 7.425   1.00 15.54  ? 115 ARG A N   1 
ATOM   31  C  CA  . ARG A 1 5  ? 1.109   -9.009  7.519   1.00 13.97  ? 115 ARG A CA  1 
ATOM   32  C  C   . ARG A 1 5  ? 1.089   -8.316  6.157   1.00 12.71  ? 115 ARG A C   1 
ATOM   33  O  O   . ARG A 1 5  ? 2.145   -8.123  5.552   1.00 15.76  ? 115 ARG A O   1 
ATOM   34  C  CB  . ARG A 1 5  ? 1.676   -8.057  8.553   1.00 13.05  ? 115 ARG A CB  1 
ATOM   35  C  CG  . ARG A 1 5  ? 0.711   -6.893  8.835   1.00 12.57  ? 115 ARG A CG  1 
ATOM   36  C  CD  . ARG A 1 5  ? 1.273   -5.859  9.777   1.00 13.26  ? 115 ARG A CD  1 
ATOM   37  N  NE  . ARG A 1 5  ? 0.204   -5.050  10.359  1.00 11.39  ? 115 ARG A NE  1 
ATOM   38  C  CZ  . ARG A 1 5  ? 0.387   -4.028  11.190  1.00 11.84  ? 115 ARG A CZ  1 
ATOM   39  N  NH1 . ARG A 1 5  ? 1.614   -3.600  11.492  1.00 13.47  ? 115 ARG A NH1 1 
ATOM   40  N  NH2 . ARG A 1 5  ? -0.665  -3.419  11.711  1.00 11.69  ? 115 ARG A NH2 1 
ATOM   41  N  N   . PRO A 1 6  ? -0.104  -7.963  5.658   1.00 12.85  ? 116 PRO A N   1 
ATOM   42  C  CA  . PRO A 1 6  ? -0.153  -7.316  4.349   1.00 14.04  ? 116 PRO A CA  1 
ATOM   43  C  C   . PRO A 1 6  ? 0.434   -5.910  4.359   1.00 12.61  ? 116 PRO A C   1 
ATOM   44  O  O   . PRO A 1 6  ? 0.528   -5.239  5.399   1.00 12.88  ? 116 PRO A O   1 
ATOM   45  C  CB  . PRO A 1 6  ? -1.639  -7.313  3.995   1.00 16.89  ? 116 PRO A CB  1 
ATOM   46  C  CG  . PRO A 1 6  ? -2.338  -7.496  5.271   1.00 15.56  ? 116 PRO A CG  1 
ATOM   47  C  CD  . PRO A 1 6  ? -1.439  -8.223  6.208   1.00 12.75  ? 116 PRO A CD  1 
ATOM   48  N  N   . ARG A 1 7  ? 0.842   -5.483  3.181   1.00 14.59  ? 117 ARG A N   1 
ATOM   49  C  CA  . ARG A 1 7  ? 1.379   -4.171  2.965   1.00 14.18  ? 117 ARG A CA  1 
ATOM   50  C  C   . ARG A 1 7  ? 0.312   -3.102  3.263   1.00 13.44  ? 117 ARG A C   1 
ATOM   51  O  O   . ARG A 1 7  ? -0.869  -3.266  2.910   1.00 14.41  ? 117 ARG A O   1 
ATOM   52  C  CB  . ARG A 1 7  ? 1.828   -4.101  1.505   1.00 16.65  ? 117 ARG A CB  1 
ATOM   53  C  CG  . ARG A 1 7  ? 2.638   -2.898  1.155   1.00 19.96  ? 117 ARG A CG  1 
ATOM   54  C  CD  . ARG A 1 7  ? 3.293   -3.074  -0.231  1.00 22.80  ? 117 ARG A CD  1 
ATOM   55  N  NE  . ARG A 1 7  ? 4.380   -4.060  -0.176  1.00 24.58  ? 117 ARG A NE  1 
ATOM   56  C  CZ  . ARG A 1 7  ? 5.011   -4.583  -1.223  1.00 27.75  ? 117 ARG A CZ  1 
ATOM   57  N  NH1 . ARG A 1 7  ? 4.677   -4.240  -2.461  1.00 29.08  ? 117 ARG A NH1 1 
ATOM   58  N  NH2 . ARG A 1 7  ? 5.992   -5.456  -1.023  1.00 30.45  ? 117 ARG A NH2 1 
ATOM   59  N  N   . SER A 1 8  ? 0.724   -1.997  3.893   1.00 12.19  ? 118 SER A N   1 
ATOM   60  C  CA  . SER A 1 8  ? -0.196  -0.897  4.170   1.00 12.59  ? 118 SER A CA  1 
ATOM   61  C  C   . SER A 1 8  ? -0.629  -0.208  2.887   1.00 11.75  ? 118 SER A C   1 
ATOM   62  O  O   . SER A 1 8  ? 0.063   -0.280  1.866   1.00 14.05  ? 118 SER A O   1 
ATOM   63  C  CB  . SER A 1 8  ? 0.445   0.119   5.094   1.00 13.74  ? 118 SER A CB  1 
ATOM   64  O  OG  . SER A 1 8  ? 1.442   0.844   4.383   1.00 12.70  ? 118 SER A OG  1 
ATOM   65  N  N   . ALA A 1 9  ? -1.753  0.498   2.965   1.00 11.52  ? 119 ALA A N   1 
ATOM   66  C  CA  . ALA A 1 9  ? -2.277  1.283   1.834   1.00 11.36  ? 119 ALA A CA  1 
ATOM   67  C  C   . ALA A 1 9  ? -1.216  2.246   1.284   1.00 11.87  ? 119 ALA A C   1 
ATOM   68  O  O   . ALA A 1 9  ? -1.017  2.347   0.049   1.00 14.32  ? 119 ALA A O   1 
ATOM   69  C  CB  . ALA A 1 9  ? -3.482  2.061   2.263   1.00 13.82  ? 119 ALA A CB  1 
ATOM   70  N  N   A TYR A 1 10 ? -0.529  2.946   2.195   0.50 13.36  ? 120 TYR A N   1 
ATOM   71  N  N   B TYR A 1 10 ? -0.566  2.983   2.194   0.50 14.22  ? 120 TYR A N   1 
ATOM   72  C  CA  A TYR A 1 10 ? 0.499   3.917   1.809   0.50 14.12  ? 120 TYR A CA  1 
ATOM   73  C  CA  B TYR A 1 10 ? 0.504   3.880   1.797   0.50 15.54  ? 120 TYR A CA  1 
ATOM   74  C  C   A TYR A 1 10 ? 1.693   3.258   1.060   0.50 10.36  ? 120 TYR A C   1 
ATOM   75  C  C   B TYR A 1 10 ? 1.520   3.129   0.935   0.50 10.96  ? 120 TYR A C   1 
ATOM   76  O  O   A TYR A 1 10 ? 2.257   3.827   0.107   0.50 19.40  ? 120 TYR A O   1 
ATOM   77  O  O   B TYR A 1 10 ? 1.737   3.468   -0.241  0.50 23.17  ? 120 TYR A O   1 
ATOM   78  C  CB  A TYR A 1 10 ? 0.965   4.681   3.065   0.50 11.52  ? 120 TYR A CB  1 
ATOM   79  C  CB  B TYR A 1 10 ? 1.179   4.486   3.027   0.50 14.18  ? 120 TYR A CB  1 
ATOM   80  C  CG  A TYR A 1 10 ? 1.996   5.758   2.806   0.50 13.38  ? 120 TYR A CG  1 
ATOM   81  C  CG  B TYR A 1 10 ? 2.510   5.164   2.735   0.50 16.05  ? 120 TYR A CG  1 
ATOM   82  C  CD1 A TYR A 1 10 ? 1.616   7.051   2.455   0.50 15.56  ? 120 TYR A CD1 1 
ATOM   83  C  CD1 B TYR A 1 10 ? 2.559   6.369   2.028   0.50 16.79  ? 120 TYR A CD1 1 
ATOM   84  C  CD2 A TYR A 1 10 ? 3.361   5.475   2.922   0.50 14.63  ? 120 TYR A CD2 1 
ATOM   85  C  CD2 B TYR A 1 10 ? 3.715   4.607   3.176   0.50 18.27  ? 120 TYR A CD2 1 
ATOM   86  C  CE1 A TYR A 1 10 ? 2.590   8.048   2.214   0.50 14.23  ? 120 TYR A CE1 1 
ATOM   87  C  CE1 B TYR A 1 10 ? 3.782   7.011   1.771   0.50 17.52  ? 120 TYR A CE1 1 
ATOM   88  C  CE2 A TYR A 1 10 ? 4.325   6.453   2.683   0.50 14.63  ? 120 TYR A CE2 1 
ATOM   89  C  CE2 B TYR A 1 10 ? 4.944   5.224   2.909   0.50 18.73  ? 120 TYR A CE2 1 
ATOM   90  C  CZ  A TYR A 1 10 ? 3.942   7.735   2.328   0.50 14.47  ? 120 TYR A CZ  1 
ATOM   91  C  CZ  B TYR A 1 10 ? 4.971   6.428   2.210   0.50 17.66  ? 120 TYR A CZ  1 
ATOM   92  O  OH  A TYR A 1 10 ? 4.917   8.688   2.093   0.50 16.37  ? 120 TYR A OH  1 
ATOM   93  O  OH  B TYR A 1 10 ? 6.171   7.050   1.952   0.50 19.49  ? 120 TYR A OH  1 
ATOM   94  N  N   . ASN A 1 11 ? 2.086   2.068   1.526   1.00 13.76  ? 121 ASN A N   1 
ATOM   95  C  CA  . ASN A 1 11 ? 3.149   1.322   0.883   1.00 15.12  ? 121 ASN A CA  1 
ATOM   96  C  C   . ASN A 1 11 ? 2.728   0.639   -0.398  1.00 15.71  ? 121 ASN A C   1 
ATOM   97  O  O   . ASN A 1 11 ? 3.531   0.526   -1.308  1.00 15.84  ? 121 ASN A O   1 
ATOM   98  C  CB  . ASN A 1 11 ? 3.792   0.341   1.859   1.00 16.48  ? 121 ASN A CB  1 
ATOM   99  C  CG  . ASN A 1 11 ? 4.736   1.028   2.833   1.00 17.93  ? 121 ASN A CG  1 
ATOM   100 O  OD1 . ASN A 1 11 ? 4.733   0.741   4.029   1.00 20.16  ? 121 ASN A OD1 1 
ATOM   101 N  ND2 . ASN A 1 11 ? 5.532   1.949   2.326   1.00 18.53  ? 121 ASN A ND2 1 
ATOM   102 N  N   . VAL A 1 12 ? 1.465   0.230   -0.494  1.00 15.28  ? 122 VAL A N   1 
ATOM   103 C  CA  . VAL A 1 12 ? 0.926   -0.304  -1.764  1.00 15.68  ? 122 VAL A CA  1 
ATOM   104 C  C   . VAL A 1 12 ? 0.984   0.785   -2.865  1.00 16.04  ? 122 VAL A C   1 
ATOM   105 O  O   . VAL A 1 12 ? 1.466   0.574   -4.015  1.00 21.51  ? 122 VAL A O   1 
ATOM   106 C  CB  . VAL A 1 12 ? -0.530  -0.848  -1.602  1.00 17.45  ? 122 VAL A CB  1 
ATOM   107 C  CG1 . VAL A 1 12 ? -1.181  -1.113  -2.986  1.00 18.55  ? 122 VAL A CG1 1 
ATOM   108 C  CG2 . VAL A 1 12 ? -0.528  -2.100  -0.772  1.00 18.27  ? 122 VAL A CG2 1 
ATOM   109 N  N   . TYR A 1 13 ? 0.511   1.962   -2.493  1.00 15.75  ? 123 TYR A N   1 
ATOM   110 C  CA  . TYR A 1 13 ? 0.532   3.071   -3.402  1.00 17.67  ? 123 TYR A CA  1 
ATOM   111 C  C   . TYR A 1 13 ? 1.934   3.410   -3.858  1.00 17.73  ? 123 TYR A C   1 
ATOM   112 O  O   . TYR A 1 13 ? 2.136   3.529   -5.051  1.00 20.26  ? 123 TYR A O   1 
ATOM   113 C  CB  . TYR A 1 13 ? -0.069  4.288   -2.775  1.00 19.02  ? 123 TYR A CB  1 
ATOM   114 C  CG  . TYR A 1 13 ? -0.080  5.392   -3.775  1.00 21.11  ? 123 TYR A CG  1 
ATOM   115 C  CD1 . TYR A 1 13 ? -1.123  5.506   -4.670  1.00 21.27  ? 123 TYR A CD1 1 
ATOM   116 C  CD2 . TYR A 1 13 ? 0.981   6.288   -3.885  1.00 22.31  ? 123 TYR A CD2 1 
ATOM   117 C  CE1 . TYR A 1 13 ? -1.154  6.492   -5.617  1.00 22.21  ? 123 TYR A CE1 1 
ATOM   118 C  CE2 . TYR A 1 13 ? 0.954   7.297   -4.824  1.00 23.84  ? 123 TYR A CE2 1 
ATOM   119 C  CZ  . TYR A 1 13 ? -0.110  7.385   -5.682  1.00 22.38  ? 123 TYR A CZ  1 
ATOM   120 O  OH  . TYR A 1 13 ? -0.116  8.358   -6.633  1.00 24.61  ? 123 TYR A OH  1 
ATOM   121 N  N   . VAL A 1 14 ? 2.887   3.613   -2.927  1.00 17.71  ? 124 VAL A N   1 
ATOM   122 C  CA  . VAL A 1 14 ? 4.266   3.964   -3.276  1.00 21.93  ? 124 VAL A CA  1 
ATOM   123 C  C   . VAL A 1 14 ? 4.866   2.889   -4.215  1.00 15.63  ? 124 VAL A C   1 
ATOM   124 O  O   . VAL A 1 14 ? 5.449   3.225   -5.280  1.00 29.44  ? 124 VAL A O   1 
ATOM   125 C  CB  . VAL A 1 14 ? 5.098   4.157   -1.971  1.00 17.43  ? 124 VAL A CB  1 
ATOM   126 C  CG1 . VAL A 1 14 ? 6.561   4.222   -2.268  1.00 17.25  ? 124 VAL A CG1 1 
ATOM   127 C  CG2 . VAL A 1 14 ? 4.659   5.429   -1.247  1.00 19.44  ? 124 VAL A CG2 1 
ATOM   128 N  N   . ALA A 1 15 ? 4.666   1.602   -3.851  1.00 25.55  ? 125 ALA A N   1 
ATOM   129 C  CA  . ALA A 1 15 ? 5.249   0.522   -4.648  1.00 22.72  ? 125 ALA A CA  1 
ATOM   130 C  C   . ALA A 1 15 ? 4.648   0.424   -6.057  1.00 20.89  ? 125 ALA A C   1 
ATOM   131 O  O   . ALA A 1 15 ? 5.391   0.307   -7.059  1.00 30.81  ? 125 ALA A O   1 
ATOM   132 C  CB  . ALA A 1 15 ? 5.146   -0.816  -3.912  1.00 21.61  ? 125 ALA A CB  1 
ATOM   133 N  N   . GLU A 1 16 ? 3.316   0.528   -6.134  1.00 24.46  ? 126 GLU A N   1 
ATOM   134 C  CA  . GLU A 1 16 ? 2.612   0.273   -7.391  1.00 25.16  ? 126 GLU A CA  1 
ATOM   135 C  C   . GLU A 1 16 ? 2.919   1.363   -8.408  1.00 26.67  ? 126 GLU A C   1 
ATOM   136 O  O   . GLU A 1 16 ? 3.017   1.093   -9.600  1.00 28.83  ? 126 GLU A O   1 
ATOM   137 C  CB  . GLU A 1 16 ? 1.093   0.115   -7.164  1.00 26.77  ? 126 GLU A CB  1 
ATOM   138 C  CG  . GLU A 1 16 ? 0.207   1.269   -7.656  1.00 32.39  ? 126 GLU A CG  1 
ATOM   139 C  CD  . GLU A 1 16 ? -1.300  1.020   -7.462  1.00 33.92  ? 126 GLU A CD  1 
ATOM   140 O  OE1 . GLU A 1 16 ? -2.080  1.972   -7.664  1.00 33.78  ? 126 GLU A OE1 1 
ATOM   141 O  OE2 . GLU A 1 16 ? -1.705  -0.107  -7.085  1.00 34.33  ? 126 GLU A OE2 1 
ATOM   142 N  N   . ARG A 1 17 ? 3.086   2.587   -7.914  1.00 25.39  ? 127 ARG A N   1 
ATOM   143 C  CA  . ARG A 1 17 ? 3.347   3.742   -8.742  1.00 25.61  ? 127 ARG A CA  1 
ATOM   144 C  C   . ARG A 1 17 ? 4.822   3.953   -9.088  1.00 26.38  ? 127 ARG A C   1 
ATOM   145 O  O   . ARG A 1 17 ? 5.129   4.650   -10.038 1.00 26.16  ? 127 ARG A O   1 
ATOM   146 C  CB  . ARG A 1 17 ? 2.742   5.001   -8.112  1.00 23.53  ? 127 ARG A CB  1 
ATOM   147 C  CG  . ARG A 1 17 ? 1.213   4.924   -7.869  1.00 28.46  ? 127 ARG A CG  1 
ATOM   148 C  CD  . ARG A 1 17 ? 0.442   4.666   -9.167  1.00 30.77  ? 127 ARG A CD  1 
ATOM   149 N  NE  . ARG A 1 17 ? -0.991  4.527   -8.932  1.00 34.85  ? 127 ARG A NE  1 
ATOM   150 C  CZ  . ARG A 1 17 ? -1.878  5.499   -9.131  1.00 37.33  ? 127 ARG A CZ  1 
ATOM   151 N  NH1 . ARG A 1 17 ? -1.483  6.689   -9.571  1.00 38.66  ? 127 ARG A NH1 1 
ATOM   152 N  NH2 . ARG A 1 17 ? -3.165  5.285   -8.881  1.00 38.80  ? 127 ARG A NH2 1 
ATOM   153 N  N   . PHE A 1 18 ? 5.724   3.328   -8.352  1.00 26.98  ? 128 PHE A N   1 
ATOM   154 C  CA  . PHE A 1 18 ? 7.154   3.599   -8.512  1.00 27.92  ? 128 PHE A CA  1 
ATOM   155 C  C   . PHE A 1 18 ? 7.699   3.403   -9.943  1.00 30.94  ? 128 PHE A C   1 
ATOM   156 O  O   . PHE A 1 18 ? 8.429   4.258   -10.438 1.00 33.06  ? 128 PHE A O   1 
ATOM   157 C  CB  . PHE A 1 18 ? 7.974   2.773   -7.518  1.00 26.53  ? 128 PHE A CB  1 
ATOM   158 C  CG  . PHE A 1 18 ? 9.460   2.894   -7.718  1.00 27.11  ? 128 PHE A CG  1 
ATOM   159 C  CD1 . PHE A 1 18 ? 10.176  3.912   -7.105  1.00 26.16  ? 128 PHE A CD1 1 
ATOM   160 C  CD2 . PHE A 1 18 ? 10.141  1.974   -8.516  1.00 28.38  ? 128 PHE A CD2 1 
ATOM   161 C  CE1 . PHE A 1 18 ? 11.555  4.019   -7.299  1.00 27.50  ? 128 PHE A CE1 1 
ATOM   162 C  CE2 . PHE A 1 18 ? 11.512  2.077   -8.714  1.00 29.81  ? 128 PHE A CE2 1 
ATOM   163 C  CZ  . PHE A 1 18 ? 12.215  3.100   -8.100  1.00 29.31  ? 128 PHE A CZ  1 
ATOM   164 N  N   . GLN A 1 19 ? 7.361   2.281   -10.583 1.00 32.71  ? 129 GLN A N   1 
ATOM   165 C  CA  . GLN A 1 19 ? 7.999   1.859   -11.847 1.00 36.53  ? 129 GLN A CA  1 
ATOM   166 C  C   . GLN A 1 19 ? 7.832   2.883   -12.970 1.00 37.80  ? 129 GLN A C   1 
ATOM   167 O  O   . GLN A 1 19 ? 8.763   3.103   -13.757 1.00 38.24  ? 129 GLN A O   1 
ATOM   168 C  CB  . GLN A 1 19 ? 7.462   0.492   -12.298 1.00 38.53  ? 129 GLN A CB  1 
ATOM   169 C  CG  . GLN A 1 19 ? 8.173   -0.095  -13.529 1.00 41.23  ? 129 GLN A CG  1 
ATOM   170 C  CD  . GLN A 1 19 ? 7.574   -1.412  -13.994 1.00 43.58  ? 129 GLN A CD  1 
ATOM   171 O  OE1 . GLN A 1 19 ? 7.630   -2.419  -13.284 1.00 45.45  ? 129 GLN A OE1 1 
ATOM   172 N  NE2 . GLN A 1 19 ? 7.008   -1.413  -15.198 1.00 44.59  ? 129 GLN A NE2 1 
ATOM   173 N  N   . GLU A 1 20 ? 6.653   3.499   -13.038 1.00 38.46  ? 130 GLU A N   1 
ATOM   174 C  CA  . GLU A 1 20 ? 6.340   4.464   -14.093 1.00 38.82  ? 130 GLU A CA  1 
ATOM   175 C  C   . GLU A 1 20 ? 6.506   5.917   -13.630 1.00 38.29  ? 130 GLU A C   1 
ATOM   176 O  O   . GLU A 1 20 ? 6.272   6.853   -14.406 1.00 40.05  ? 130 GLU A O   1 
ATOM   177 C  CB  . GLU A 1 20 ? 4.921   4.229   -14.625 1.00 39.34  ? 130 GLU A CB  1 
ATOM   178 N  N   . ALA A 1 21 ? 6.927   6.097   -12.378 1.00 35.64  ? 131 ALA A N   1 
ATOM   179 C  CA  . ALA A 1 21 ? 6.907   7.414   -11.717 1.00 34.04  ? 131 ALA A CA  1 
ATOM   180 C  C   . ALA A 1 21 ? 7.798   8.469   -12.363 1.00 34.60  ? 131 ALA A C   1 
ATOM   181 O  O   . ALA A 1 21 ? 7.350   9.595   -12.612 1.00 37.75  ? 131 ALA A O   1 
ATOM   182 C  CB  . ALA A 1 21 ? 7.259   7.270   -10.261 1.00 33.49  ? 131 ALA A CB  1 
ATOM   183 N  N   . LYS A 1 22 ? 9.060   8.124   -12.608 1.00 34.07  ? 132 LYS A N   1 
ATOM   184 C  CA  . LYS A 1 22 ? 10.018  9.103   -13.139 1.00 33.27  ? 132 LYS A CA  1 
ATOM   185 C  C   . LYS A 1 22 ? 10.251  10.258  -12.128 1.00 32.60  ? 132 LYS A C   1 
ATOM   186 O  O   . LYS A 1 22 ? 9.556   10.347  -11.099 1.00 35.31  ? 132 LYS A O   1 
ATOM   187 C  CB  . LYS A 1 22 ? 9.539   9.632   -14.501 1.00 34.76  ? 132 LYS A CB  1 
ATOM   188 N  N   . GLY A 1 23 ? 11.258  11.098  -12.371 1.00 32.36  ? 133 GLY A N   1 
ATOM   189 C  CA  . GLY A 1 23 ? 12.259  10.846  -13.400 1.00 32.17  ? 133 GLY A CA  1 
ATOM   190 C  C   . GLY A 1 23 ? 13.513  10.102  -12.916 1.00 28.95  ? 133 GLY A C   1 
ATOM   191 O  O   . GLY A 1 23 ? 13.553  8.880   -12.994 1.00 31.92  ? 133 GLY A O   1 
ATOM   192 N  N   . ASP A 1 24 ? 14.521  10.829  -12.426 1.00 31.14  ? 134 ASP A N   1 
ATOM   193 C  CA  . ASP A 1 24 ? 15.922  10.565  -12.821 1.00 30.83  ? 134 ASP A CA  1 
ATOM   194 C  C   . ASP A 1 24 ? 16.680  9.411   -12.152 1.00 29.50  ? 134 ASP A C   1 
ATOM   195 O  O   . ASP A 1 24 ? 17.697  8.950   -12.677 1.00 31.49  ? 134 ASP A O   1 
ATOM   196 C  CB  . ASP A 1 24 ? 16.750  11.867  -12.751 1.00 31.89  ? 134 ASP A CB  1 
ATOM   197 N  N   . SER A 1 25 ? 16.198  8.960   -10.996 1.00 26.65  ? 135 SER A N   1 
ATOM   198 C  CA  . SER A 1 25 ? 16.886  7.953   -10.188 1.00 24.35  ? 135 SER A CA  1 
ATOM   199 C  C   . SER A 1 25 ? 15.822  7.302   -9.320  1.00 23.79  ? 135 SER A C   1 
ATOM   200 O  O   . SER A 1 25 ? 14.759  7.868   -9.149  1.00 23.05  ? 135 SER A O   1 
ATOM   201 C  CB  . SER A 1 25 ? 17.931  8.614   -9.281  1.00 24.33  ? 135 SER A CB  1 
ATOM   202 O  OG  . SER A 1 25 ? 17.319  9.458   -8.330  1.00 24.27  ? 135 SER A OG  1 
ATOM   203 N  N   . PRO A 1 26 ? 16.118  6.129   -8.753  1.00 22.46  ? 136 PRO A N   1 
ATOM   204 C  CA  . PRO A 1 26 ? 15.162  5.517   -7.816  1.00 22.02  ? 136 PRO A CA  1 
ATOM   205 C  C   . PRO A 1 26 ? 14.795  6.446   -6.638  1.00 21.40  ? 136 PRO A C   1 
ATOM   206 O  O   . PRO A 1 26 ? 13.621  6.559   -6.311  1.00 19.14  ? 136 PRO A O   1 
ATOM   207 C  CB  . PRO A 1 26 ? 15.901  4.271   -7.318  1.00 25.75  ? 136 PRO A CB  1 
ATOM   208 C  CG  . PRO A 1 26 ? 16.885  3.962   -8.383  1.00 26.31  ? 136 PRO A CG  1 
ATOM   209 C  CD  . PRO A 1 26 ? 17.304  5.281   -8.969  1.00 24.08  ? 136 PRO A CD  1 
ATOM   210 N  N   . GLN A 1 27 ? 15.774  7.113   -6.033  1.00 20.94  ? 137 GLN A N   1 
ATOM   211 C  CA  . GLN A 1 27 ? 15.551  8.123   -4.968  1.00 22.24  ? 137 GLN A CA  1 
ATOM   212 C  C   . GLN A 1 27 ? 14.541  9.168   -5.389  1.00 22.82  ? 137 GLN A C   1 
ATOM   213 O  O   . GLN A 1 27 ? 13.623  9.508   -4.643  1.00 21.82  ? 137 GLN A O   1 
ATOM   214 C  CB  . GLN A 1 27 ? 16.841  8.908   -4.648  1.00 25.11  ? 137 GLN A CB  1 
ATOM   215 C  CG  . GLN A 1 27 ? 18.072  8.119   -4.254  1.00 23.12  ? 137 GLN A CG  1 
ATOM   216 C  CD  . GLN A 1 27 ? 18.977  7.789   -5.438  1.00 18.48  ? 137 GLN A CD  1 
ATOM   217 O  OE1 . GLN A 1 27 ? 20.136  8.206   -5.488  1.00 21.75  ? 137 GLN A OE1 1 
ATOM   218 N  NE2 . GLN A 1 27 ? 18.465  6.996   -6.363  1.00 16.63  ? 137 GLN A NE2 1 
ATOM   219 N  N   . GLU A 1 28 ? 14.729  9.704   -6.590  1.00 22.21  ? 138 GLU A N   1 
ATOM   220 C  CA  . GLU A 1 28 ? 13.892  10.784  -7.064  1.00 25.66  ? 138 GLU A CA  1 
ATOM   221 C  C   . GLU A 1 28 ? 12.480  10.304  -7.380  1.00 24.11  ? 138 GLU A C   1 
ATOM   222 O  O   . GLU A 1 28 ? 11.516  10.981  -7.048  1.00 26.36  ? 138 GLU A O   1 
ATOM   223 C  CB  . GLU A 1 28 ? 14.537  11.475  -8.271  1.00 28.79  ? 138 GLU A CB  1 
ATOM   224 C  CG  . GLU A 1 28 ? 15.686  12.406  -7.888  1.00 36.03  ? 138 GLU A CG  1 
ATOM   225 C  CD  . GLU A 1 28 ? 15.263  13.470  -6.881  1.00 39.59  ? 138 GLU A CD  1 
ATOM   226 O  OE1 . GLU A 1 28 ? 14.495  14.377  -7.262  1.00 41.23  ? 138 GLU A OE1 1 
ATOM   227 O  OE2 . GLU A 1 28 ? 15.693  13.393  -5.706  1.00 41.81  ? 138 GLU A OE2 1 
ATOM   228 N  N   . LYS A 1 29 ? 12.367  9.140   -8.010  1.00 24.71  ? 139 LYS A N   1 
ATOM   229 C  CA  . LYS A 1 29 ? 11.057  8.478   -8.205  1.00 21.37  ? 139 LYS A CA  1 
ATOM   230 C  C   . LYS A 1 29 ? 10.277  8.250   -6.881  1.00 21.68  ? 139 LYS A C   1 
ATOM   231 O  O   . LYS A 1 29 ? 9.083   8.525   -6.813  1.00 24.68  ? 139 LYS A O   1 
ATOM   232 C  CB  . LYS A 1 29 ? 11.205  7.172   -9.001  1.00 23.11  ? 139 LYS A CB  1 
ATOM   233 C  CG  . LYS A 1 29 ? 11.728  7.366   -10.445 1.00 26.13  ? 139 LYS A CG  1 
ATOM   234 C  CD  . LYS A 1 29 ? 12.272  6.073   -11.013 1.00 29.64  ? 139 LYS A CD  1 
ATOM   235 C  CE  . LYS A 1 29 ? 11.193  5.219   -11.667 1.00 32.89  ? 139 LYS A CE  1 
ATOM   236 N  NZ  . LYS A 1 29 ? 11.815  4.196   -12.567 1.00 35.97  ? 139 LYS A NZ  1 
ATOM   237 N  N   A LEU A 1 30 ? 10.965  7.750   -5.852  0.50 21.20  ? 140 LEU A N   1 
ATOM   238 N  N   B LEU A 1 30 ? 10.962  7.775   -5.845  0.50 20.70  ? 140 LEU A N   1 
ATOM   239 C  CA  A LEU A 1 30 ? 10.349  7.574   -4.533  0.50 21.53  ? 140 LEU A CA  1 
ATOM   240 C  CA  B LEU A 1 30 ? 10.322  7.579   -4.543  0.50 20.66  ? 140 LEU A CA  1 
ATOM   241 C  C   A LEU A 1 30 ? 9.856   8.910   -3.972  0.50 21.91  ? 140 LEU A C   1 
ATOM   242 C  C   B LEU A 1 30 ? 9.883   8.899   -3.898  0.50 21.70  ? 140 LEU A C   1 
ATOM   243 O  O   A LEU A 1 30 ? 8.710   9.015   -3.521  0.50 20.76  ? 140 LEU A O   1 
ATOM   244 O  O   B LEU A 1 30 ? 8.793   8.985   -3.319  0.50 21.48  ? 140 LEU A O   1 
ATOM   245 C  CB  A LEU A 1 30 ? 11.318  6.903   -3.544  0.50 21.07  ? 140 LEU A CB  1 
ATOM   246 C  CB  B LEU A 1 30 ? 11.243  6.803   -3.601  0.50 18.77  ? 140 LEU A CB  1 
ATOM   247 C  CG  A LEU A 1 30 ? 10.824  6.630   -2.108  0.50 21.13  ? 140 LEU A CG  1 
ATOM   248 C  CG  B LEU A 1 30 ? 11.220  5.292   -3.844  0.50 18.84  ? 140 LEU A CG  1 
ATOM   249 C  CD1 A LEU A 1 30 ? 9.526   5.849   -2.109  0.50 21.50  ? 140 LEU A CD1 1 
ATOM   250 C  CD1 B LEU A 1 30 ? 12.444  4.606   -3.285  0.50 18.87  ? 140 LEU A CD1 1 
ATOM   251 C  CD2 A LEU A 1 30 ? 11.863  5.898   -1.263  0.50 23.37  ? 140 LEU A CD2 1 
ATOM   252 C  CD2 B LEU A 1 30 ? 9.963   4.664   -3.256  0.50 17.66  ? 140 LEU A CD2 1 
ATOM   253 N  N   . LYS A 1 31 ? 10.722  9.922   -4.020  1.00 23.57  ? 141 LYS A N   1 
ATOM   254 C  CA  . LYS A 1 31 ? 10.407  11.265  -3.536  1.00 26.92  ? 141 LYS A CA  1 
ATOM   255 C  C   . LYS A 1 31 ? 9.138   11.802  -4.170  1.00 27.05  ? 141 LYS A C   1 
ATOM   256 O  O   . LYS A 1 31 ? 8.290   12.363  -3.470  1.00 28.65  ? 141 LYS A O   1 
ATOM   257 C  CB  . LYS A 1 31 ? 11.580  12.206  -3.847  1.00 28.58  ? 141 LYS A CB  1 
ATOM   258 C  CG  . LYS A 1 31 ? 11.458  13.604  -3.259  1.00 33.95  ? 141 LYS A CG  1 
ATOM   259 C  CD  . LYS A 1 31 ? 12.645  14.470  -3.671  1.00 35.17  ? 141 LYS A CD  1 
ATOM   260 C  CE  . LYS A 1 31 ? 12.358  15.950  -3.473  1.00 37.78  ? 141 LYS A CE  1 
ATOM   261 N  NZ  . LYS A 1 31 ? 11.487  16.495  -4.549  1.00 38.85  ? 141 LYS A NZ  1 
ATOM   262 N  N   . THR A 1 32 ? 8.977   11.577  -5.477  1.00 27.85  ? 142 THR A N   1 
ATOM   263 C  CA  . THR A 1 32 ? 7.784   12.063  -6.184  1.00 30.02  ? 142 THR A CA  1 
ATOM   264 C  C   . THR A 1 32 ? 6.499   11.281  -5.877  1.00 27.08  ? 142 THR A C   1 
ATOM   265 O  O   . THR A 1 32 ? 5.422   11.883  -5.775  1.00 28.12  ? 142 THR A O   1 
ATOM   266 C  CB  . THR A 1 32 ? 7.982   12.166  -7.717  1.00 33.49  ? 142 THR A CB  1 
ATOM   267 O  OG1 . THR A 1 32 ? 7.964   10.859  -8.306  1.00 36.64  ? 142 THR A OG1 1 
ATOM   268 C  CG2 . THR A 1 32 ? 9.288   12.871  -8.064  1.00 32.94  ? 142 THR A CG2 1 
ATOM   269 N  N   A VAL A 1 33 ? 6.606   9.963   -5.758  0.50 26.63  ? 143 VAL A N   1 
ATOM   270 N  N   B VAL A 1 33 ? 6.590   9.957   -5.719  0.50 25.68  ? 143 VAL A N   1 
ATOM   271 C  CA  A VAL A 1 33 ? 5.438   9.170   -5.412  0.50 24.52  ? 143 VAL A CA  1 
ATOM   272 C  CA  B VAL A 1 33 ? 5.379   9.167   -5.400  0.50 22.76  ? 143 VAL A CA  1 
ATOM   273 C  C   A VAL A 1 33 ? 4.935   9.610   -4.030  0.50 23.95  ? 143 VAL A C   1 
ATOM   274 C  C   B VAL A 1 33 ? 4.911   9.332   -3.949  0.50 23.92  ? 143 VAL A C   1 
ATOM   275 O  O   A VAL A 1 33 ? 3.757   9.905   -3.860  0.50 21.16  ? 143 VAL A O   1 
ATOM   276 O  O   B VAL A 1 33 ? 3.725   9.122   -3.649  0.50 24.20  ? 143 VAL A O   1 
ATOM   277 C  CB  A VAL A 1 33 ? 5.709   7.647   -5.469  0.50 25.63  ? 143 VAL A CB  1 
ATOM   278 C  CB  B VAL A 1 33 ? 5.478   7.647   -5.758  0.50 21.48  ? 143 VAL A CB  1 
ATOM   279 C  CG1 A VAL A 1 33 ? 4.455   6.892   -5.156  0.50 25.58  ? 143 VAL A CG1 1 
ATOM   280 C  CG1 B VAL A 1 33 ? 5.611   7.438   -7.259  0.50 22.15  ? 143 VAL A CG1 1 
ATOM   281 C  CG2 A VAL A 1 33 ? 6.206   7.229   -6.842  0.50 27.15  ? 143 VAL A CG2 1 
ATOM   282 C  CG2 B VAL A 1 33 ? 6.590   6.951   -4.978  0.50 21.24  ? 143 VAL A CG2 1 
ATOM   283 N  N   . LYS A 1 34 ? 5.840   9.694   -3.061  1.00 22.33  ? 144 LYS A N   1 
ATOM   284 C  CA  . LYS A 1 34 ? 5.493   10.133  -1.711  1.00 25.36  ? 144 LYS A CA  1 
ATOM   285 C  C   . LYS A 1 34 ? 4.755   11.465  -1.729  1.00 26.76  ? 144 LYS A C   1 
ATOM   286 O  O   . LYS A 1 34 ? 3.780   11.638  -0.998  1.00 28.10  ? 144 LYS A O   1 
ATOM   287 C  CB  . LYS A 1 34 ? 6.727   10.181  -0.817  1.00 25.96  ? 144 LYS A CB  1 
ATOM   288 C  CG  . LYS A 1 34 ? 7.202   8.782   -0.422  1.00 26.64  ? 144 LYS A CG  1 
ATOM   289 C  CD  . LYS A 1 34 ? 8.626   8.762   0.102   1.00 31.96  ? 144 LYS A CD  1 
ATOM   290 C  CE  . LYS A 1 34 ? 8.700   9.088   1.573   1.00 34.89  ? 144 LYS A CE  1 
ATOM   291 N  NZ  . LYS A 1 34 ? 10.081  8.860   2.098   1.00 36.94  ? 144 LYS A NZ  1 
ATOM   292 N  N   . GLU A 1 35 ? 5.185   12.380  -2.600  1.00 28.82  ? 145 GLU A N   1 
ATOM   293 C  CA  . GLU A 1 35 ? 4.424   13.602  -2.882  1.00 31.06  ? 145 GLU A CA  1 
ATOM   294 C  C   . GLU A 1 35 ? 3.035   13.314  -3.472  1.00 29.24  ? 145 GLU A C   1 
ATOM   295 O  O   . GLU A 1 35 ? 2.032   13.857  -2.999  1.00 30.49  ? 145 GLU A O   1 
ATOM   296 C  CB  . GLU A 1 35 ? 5.228   14.528  -3.812  1.00 34.24  ? 145 GLU A CB  1 
ATOM   297 C  CG  . GLU A 1 35 ? 6.490   15.149  -3.188  1.00 38.14  ? 145 GLU A CG  1 
ATOM   298 C  CD  . GLU A 1 35 ? 7.216   16.110  -4.140  1.00 40.37  ? 145 GLU A CD  1 
ATOM   299 O  OE1 . GLU A 1 35 ? 6.536   16.783  -4.948  1.00 41.63  ? 145 GLU A OE1 1 
ATOM   300 O  OE2 . GLU A 1 35 ? 8.465   16.196  -4.075  1.00 41.31  ? 145 GLU A OE2 1 
ATOM   301 N  N   . ASN A 1 36 ? 2.967   12.451  -4.485  1.00 28.83  ? 146 ASN A N   1 
ATOM   302 C  CA  . ASN A 1 36 ? 1.684   12.093  -5.101  1.00 28.57  ? 146 ASN A CA  1 
ATOM   303 C  C   . ASN A 1 36 ? 0.678   11.484  -4.117  1.00 26.52  ? 146 ASN A C   1 
ATOM   304 O  O   . ASN A 1 36 ? -0.485  11.898  -4.100  1.00 25.19  ? 146 ASN A O   1 
ATOM   305 C  CB  . ASN A 1 36 ? 1.880   11.181  -6.311  1.00 30.30  ? 146 ASN A CB  1 
ATOM   306 C  CG  . ASN A 1 36 ? 2.612   11.870  -7.449  1.00 31.10  ? 146 ASN A CG  1 
ATOM   307 O  OD1 . ASN A 1 36 ? 2.754   13.105  -7.468  1.00 32.73  ? 146 ASN A OD1 1 
ATOM   308 N  ND2 . ASN A 1 36 ? 3.102   11.075  -8.399  1.00 30.47  ? 146 ASN A ND2 1 
ATOM   309 N  N   . TRP A 1 37 ? 1.114   10.540  -3.272  1.00 24.52  ? 147 TRP A N   1 
ATOM   310 C  CA  . TRP A 1 37 ? 0.231   10.070  -2.188  1.00 22.85  ? 147 TRP A CA  1 
ATOM   311 C  C   . TRP A 1 37 ? -0.371  11.223  -1.370  1.00 24.29  ? 147 TRP A C   1 
ATOM   312 O  O   . TRP A 1 37 ? -1.545  11.177  -0.984  1.00 24.20  ? 147 TRP A O   1 
ATOM   313 C  CB  . TRP A 1 37 ? 0.920   9.096   -1.219  1.00 24.04  ? 147 TRP A CB  1 
ATOM   314 C  CG  . TRP A 1 37 ? -0.004  8.838   -0.042  1.00 25.59  ? 147 TRP A CG  1 
ATOM   315 C  CD1 . TRP A 1 37 ? -0.208  9.659   1.039   1.00 27.10  ? 147 TRP A CD1 1 
ATOM   316 C  CD2 . TRP A 1 37 ? -0.930  7.755   0.106   1.00 23.45  ? 147 TRP A CD2 1 
ATOM   317 N  NE1 . TRP A 1 37 ? -1.157  9.127   1.862   1.00 30.09  ? 147 TRP A NE1 1 
ATOM   318 C  CE2 . TRP A 1 37 ? -1.610  7.949   1.324   1.00 28.00  ? 147 TRP A CE2 1 
ATOM   319 C  CE3 . TRP A 1 37 ? -1.217  6.615   -0.652  1.00 23.41  ? 147 TRP A CE3 1 
ATOM   320 C  CZ2 . TRP A 1 37 ? -2.581  7.052   1.798   1.00 27.24  ? 147 TRP A CZ2 1 
ATOM   321 C  CZ3 . TRP A 1 37 ? -2.181  5.722   -0.184  1.00 23.75  ? 147 TRP A CZ3 1 
ATOM   322 C  CH2 . TRP A 1 37 ? -2.841  5.937   1.039   1.00 25.39  ? 147 TRP A CH2 1 
ATOM   323 N  N   . LYS A 1 38 ? 0.448   12.224  -1.065  1.00 28.29  ? 148 LYS A N   1 
ATOM   324 C  CA  . LYS A 1 38 ? 0.018   13.371  -0.242  1.00 29.98  ? 148 LYS A CA  1 
ATOM   325 C  C   . LYS A 1 38 ? -1.095  14.175  -0.902  1.00 27.79  ? 148 LYS A C   1 
ATOM   326 O  O   . LYS A 1 38 ? -1.926  14.748  -0.213  1.00 31.37  ? 148 LYS A O   1 
ATOM   327 C  CB  . LYS A 1 38 ? 1.194   14.308  0.090   1.00 32.35  ? 148 LYS A CB  1 
ATOM   328 C  CG  . LYS A 1 38 ? 2.253   13.729  1.018   1.00 35.38  ? 148 LYS A CG  1 
ATOM   329 C  CD  . LYS A 1 38 ? 3.229   14.815  1.473   1.00 36.06  ? 148 LYS A CD  1 
ATOM   330 C  CE  . LYS A 1 38 ? 4.624   14.255  1.718   1.00 37.09  ? 148 LYS A CE  1 
ATOM   331 N  NZ  . LYS A 1 38 ? 4.742   13.516  3.016   1.00 38.20  ? 148 LYS A NZ  1 
ATOM   332 N  N   . ASN A 1 39 ? -1.141  14.176  -2.234  1.00 26.31  ? 149 ASN A N   1 
ATOM   333 C  CA  . ASN A 1 39 ? -2.111  14.998  -2.991  1.00 23.97  ? 149 ASN A CA  1 
ATOM   334 C  C   . ASN A 1 39 ? -3.250  14.202  -3.678  1.00 24.70  ? 149 ASN A C   1 
ATOM   335 O  O   . ASN A 1 39 ? -3.978  14.725  -4.524  1.00 23.47  ? 149 ASN A O   1 
ATOM   336 C  CB  . ASN A 1 39 ? -1.384  15.856  -4.026  1.00 30.05  ? 149 ASN A CB  1 
ATOM   337 C  CG  . ASN A 1 39 ? -0.353  16.771  -3.398  1.00 32.22  ? 149 ASN A CG  1 
ATOM   338 O  OD1 . ASN A 1 39 ? 0.823   16.750  -3.779  1.00 32.67  ? 149 ASN A OD1 1 
ATOM   339 N  ND2 . ASN A 1 39 ? -0.782  17.572  -2.420  1.00 32.18  ? 149 ASN A ND2 1 
ATOM   340 N  N   . LEU A 1 40 ? -3.395  12.936  -3.318  1.00 19.93  ? 150 LEU A N   1 
ATOM   341 C  CA  . LEU A 1 40 ? -4.560  12.136  -3.755  1.00 17.09  ? 150 LEU A CA  1 
ATOM   342 C  C   . LEU A 1 40 ? -5.877  12.765  -3.322  1.00 14.78  ? 150 LEU A C   1 
ATOM   343 O  O   . LEU A 1 40 ? -5.959  13.383  -2.244  1.00 16.81  ? 150 LEU A O   1 
ATOM   344 C  CB  . LEU A 1 40 ? -4.475  10.747  -3.127  1.00 16.26  ? 150 LEU A CB  1 
ATOM   345 C  CG  . LEU A 1 40 ? -3.349  9.845   -3.592  1.00 17.73  ? 150 LEU A CG  1 
ATOM   346 C  CD1 . LEU A 1 40 ? -3.343  8.537   -2.823  1.00 18.40  ? 150 LEU A CD1 1 
ATOM   347 C  CD2 . LEU A 1 40 ? -3.503  9.586   -5.079  1.00 19.19  ? 150 LEU A CD2 1 
ATOM   348 N  N   . SER A 1 41 ? -6.924  12.568  -4.128  1.00 13.78  ? 151 SER A N   1 
ATOM   349 C  CA  . SER A 1 41 ? -8.271  12.923  -3.672  1.00 13.23  ? 151 SER A CA  1 
ATOM   350 C  C   . SER A 1 41 ? -8.686  12.079  -2.463  1.00 11.62  ? 151 SER A C   1 
ATOM   351 O  O   . SER A 1 41 ? -8.154  10.963  -2.250  1.00 12.11  ? 151 SER A O   1 
ATOM   352 C  CB  . SER A 1 41 ? -9.301  12.734  -4.779  1.00 14.29  ? 151 SER A CB  1 
ATOM   353 O  OG  . SER A 1 41 ? -9.576  11.373  -5.006  1.00 13.27  ? 151 SER A OG  1 
ATOM   354 N  N   . ASP A 1 42 ? -9.664  12.583  -1.712  1.00 11.65  ? 152 ASP A N   1 
ATOM   355 C  CA  . ASP A 1 42 ? -10.181 11.821  -0.583  1.00 11.57  ? 152 ASP A CA  1 
ATOM   356 C  C   . ASP A 1 42 ? -10.723 10.456  -1.031  1.00 10.66  ? 152 ASP A C   1 
ATOM   357 O  O   . ASP A 1 42 ? -10.492 9.459   -0.382  1.00 12.03  ? 152 ASP A O   1 
ATOM   358 C  CB  . ASP A 1 42 ? -11.281 12.585  0.117   1.00 12.09  ? 152 ASP A CB  1 
ATOM   359 C  CG  . ASP A 1 42 ? -10.760 13.823  0.878   1.00 13.17  ? 152 ASP A CG  1 
ATOM   360 O  OD1 . ASP A 1 42 ? -11.585 14.630  1.337   1.00 13.65  ? 152 ASP A OD1 1 
ATOM   361 O  OD2 . ASP A 1 42 ? -9.538  14.071  1.023   1.00 13.67  ? 152 ASP A OD2 1 
ATOM   362 N  N   . SER A 1 43 ? -11.394 10.402  -2.186  1.00 10.40  ? 153 SER A N   1 
ATOM   363 C  CA  . SER A 1 43 ? -12.029 9.147   -2.604  1.00 11.29  ? 153 SER A CA  1 
ATOM   364 C  C   . SER A 1 43 ? -10.971 8.152   -3.097  1.00 10.34  ? 153 SER A C   1 
ATOM   365 O  O   . SER A 1 43 ? -11.109 6.934   -2.901  1.00 11.31  ? 153 SER A O   1 
ATOM   366 C  CB  . SER A 1 43 ? -13.117 9.343   -3.657  1.00 11.24  ? 153 SER A CB  1 
ATOM   367 O  OG  . SER A 1 43 ? -12.594 9.809   -4.879  1.00 12.22  ? 153 SER A OG  1 
ATOM   368 N  N   . GLU A 1 44 ? -9.881  8.636   -3.677  1.00 11.58  ? 154 GLU A N   1 
ATOM   369 C  CA  . GLU A 1 44 ? -8.821  7.723   -4.099  1.00 12.82  ? 154 GLU A CA  1 
ATOM   370 C  C   . GLU A 1 44 ? -8.074  7.160   -2.900  1.00 12.85  ? 154 GLU A C   1 
ATOM   371 O  O   . GLU A 1 44 ? -7.783  5.958   -2.847  1.00 12.34  ? 154 GLU A O   1 
ATOM   372 C  CB  . GLU A 1 44 ? -7.854  8.383   -5.092  1.00 14.31  ? 154 GLU A CB  1 
ATOM   373 C  CG  . GLU A 1 44 ? -6.942  7.324   -5.763  1.00 17.89  ? 154 GLU A CG  1 
ATOM   374 C  CD  . GLU A 1 44 ? -6.153  7.814   -6.977  1.00 19.58  ? 154 GLU A CD  1 
ATOM   375 O  OE1 . GLU A 1 44 ? -6.376  8.929   -7.500  1.00 19.82  ? 154 GLU A OE1 1 
ATOM   376 O  OE2 . GLU A 1 44 ? -5.283  7.043   -7.411  1.00 23.21  ? 154 GLU A OE2 1 
ATOM   377 N  N   A LYS A 1 45 ? -7.750  8.035   -1.947  0.50 11.96  ? 155 LYS A N   1 
ATOM   378 N  N   B LYS A 1 45 ? -7.784  7.992   -1.920  0.50 11.23  ? 155 LYS A N   1 
ATOM   379 C  CA  A LYS A 1 45 ? -7.176  7.631   -0.658  0.50 13.10  ? 155 LYS A CA  1 
ATOM   380 C  CA  B LYS A 1 45 ? -7.122  7.486   -0.733  0.50 12.29  ? 155 LYS A CA  1 
ATOM   381 C  C   A LYS A 1 45 ? -8.044  6.528   -0.045  0.50 10.84  ? 155 LYS A C   1 
ATOM   382 C  C   B LYS A 1 45 ? -8.037  6.548   0.068   0.50 10.87  ? 155 LYS A C   1 
ATOM   383 O  O   A LYS A 1 45 ? -7.553  5.422   0.294   0.50 11.34  ? 155 LYS A O   1 
ATOM   384 O  O   B LYS A 1 45 ? -7.570  5.583   0.677   0.50 11.69  ? 155 LYS A O   1 
ATOM   385 C  CB  A LYS A 1 45 ? -7.090  8.826   0.299   0.50 14.89  ? 155 LYS A CB  1 
ATOM   386 C  CB  B LYS A 1 45 ? -6.638  8.630   0.121   0.50 11.58  ? 155 LYS A CB  1 
ATOM   387 C  CG  A LYS A 1 45 ? -5.872  9.715   0.066   0.50 14.90  ? 155 LYS A CG  1 
ATOM   388 C  CG  B LYS A 1 45 ? -5.796  8.205   1.283   0.50 12.75  ? 155 LYS A CG  1 
ATOM   389 C  CD  A LYS A 1 45 ? -5.775  10.847  1.090   0.50 14.46  ? 155 LYS A CD  1 
ATOM   390 C  CD  B LYS A 1 45 ? -5.065  9.408   1.859   0.50 11.92  ? 155 LYS A CD  1 
ATOM   391 C  CE  A LYS A 1 45 ? -4.913  12.031  0.594   0.50 15.58  ? 155 LYS A CE  1 
ATOM   392 C  CE  B LYS A 1 45 ? -3.913  9.781   0.976   0.50 16.09  ? 155 LYS A CE  1 
ATOM   393 N  NZ  A LYS A 1 45 ? -5.088  13.225  1.460   0.50 17.87  ? 155 LYS A NZ  1 
ATOM   394 N  NZ  B LYS A 1 45 ? -3.251  11.003  1.434   0.50 15.20  ? 155 LYS A NZ  1 
ATOM   395 N  N   . GLU A 1 46 ? -9.338  6.826   0.060   1.00 11.71  ? 156 GLU A N   1 
ATOM   396 C  CA  . GLU A 1 46 ? -10.342 5.923   0.643   1.00 12.37  ? 156 GLU A CA  1 
ATOM   397 C  C   . GLU A 1 46 ? -10.307 4.542   -0.004  1.00 12.04  ? 156 GLU A C   1 
ATOM   398 O  O   . GLU A 1 46 ? -10.375 3.518   0.683   1.00 11.43  ? 156 GLU A O   1 
ATOM   399 C  CB  . GLU A 1 46 ? -11.760 6.538   0.543   1.00 13.35  ? 156 GLU A CB  1 
ATOM   400 C  CG  . GLU A 1 46 ? -12.837 5.482   0.904   1.00 21.42  ? 156 GLU A CG  1 
ATOM   401 C  CD  . GLU A 1 46 ? -13.891 5.921   1.903   1.00 28.76  ? 156 GLU A CD  1 
ATOM   402 O  OE1 . GLU A 1 46 ? -14.672 6.838   1.602   1.00 30.78  ? 156 GLU A OE1 1 
ATOM   403 O  OE2 . GLU A 1 46 ? -13.957 5.311   2.994   1.00 33.73  ? 156 GLU A OE2 1 
ATOM   404 N  N   . LEU A 1 47 ? -10.185 4.499   -1.322  1.00 11.11  ? 157 LEU A N   1 
ATOM   405 C  CA  . LEU A 1 47 ? -10.114 3.226   -2.033  1.00 11.70  ? 157 LEU A CA  1 
ATOM   406 C  C   . LEU A 1 47 ? -8.859  2.425   -1.666  1.00 10.99  ? 157 LEU A C   1 
ATOM   407 O  O   . LEU A 1 47 ? -8.943  1.229   -1.429  1.00 11.40  ? 157 LEU A O   1 
ATOM   408 C  CB  . LEU A 1 47 ? -10.193 3.494   -3.537  1.00 13.77  ? 157 LEU A CB  1 
ATOM   409 C  CG  . LEU A 1 47 ? -10.224 2.258   -4.440  1.00 13.65  ? 157 LEU A CG  1 
ATOM   410 C  CD1 . LEU A 1 47 ? -11.369 1.324   -4.053  1.00 17.51  ? 157 LEU A CD1 1 
ATOM   411 C  CD2 . LEU A 1 47 ? -10.338 2.676   -5.856  1.00 17.49  ? 157 LEU A CD2 1 
ATOM   412 N  N   A TYR A 1 48 ? -7.694  3.055   -1.669  0.50 9.68   ? 158 TYR A N   1 
ATOM   413 N  N   B TYR A 1 48 ? -7.713  3.076   -1.638  0.50 12.35  ? 158 TYR A N   1 
ATOM   414 C  CA  A TYR A 1 48 ? -6.469  2.371   -1.269  0.50 10.88  ? 158 TYR A CA  1 
ATOM   415 C  CA  B TYR A 1 48 ? -6.484  2.415   -1.239  0.50 15.51  ? 158 TYR A CA  1 
ATOM   416 C  C   A TYR A 1 48 ? -6.634  1.810   0.137   0.50 11.06  ? 158 TYR A C   1 
ATOM   417 C  C   B TYR A 1 48 ? -6.533  1.859   0.170   0.50 13.99  ? 158 TYR A C   1 
ATOM   418 O  O   A TYR A 1 48 ? -6.279  0.661   0.390   0.50 8.91   ? 158 TYR A O   1 
ATOM   419 O  O   B TYR A 1 48 ? -6.046  0.749   0.445   0.50 10.14  ? 158 TYR A O   1 
ATOM   420 C  CB  A TYR A 1 48 ? -5.255  3.307   -1.282  0.50 9.02   ? 158 TYR A CB  1 
ATOM   421 C  CB  B TYR A 1 48 ? -5.303  3.358   -1.388  0.50 20.08  ? 158 TYR A CB  1 
ATOM   422 C  CG  A TYR A 1 48 ? -4.580  3.528   -2.612  0.50 11.23  ? 158 TYR A CG  1 
ATOM   423 C  CG  B TYR A 1 48 ? -4.374  2.854   -2.421  0.50 24.93  ? 158 TYR A CG  1 
ATOM   424 C  CD1 A TYR A 1 48 ? -3.812  2.508   -3.194  0.50 8.17   ? 158 TYR A CD1 1 
ATOM   425 C  CD1 B TYR A 1 48 ? -3.316  2.038   -2.062  0.50 26.37  ? 158 TYR A CD1 1 
ATOM   426 C  CD2 A TYR A 1 48 ? -4.693  4.761   -3.272  0.50 10.52  ? 158 TYR A CD2 1 
ATOM   427 C  CD2 B TYR A 1 48 ? -4.581  3.133   -3.768  0.50 26.21  ? 158 TYR A CD2 1 
ATOM   428 C  CE1 A TYR A 1 48 ? -3.185  2.706   -4.390  0.50 13.13  ? 158 TYR A CE1 1 
ATOM   429 C  CE1 B TYR A 1 48 ? -2.485  1.539   -2.986  0.50 27.67  ? 158 TYR A CE1 1 
ATOM   430 C  CE2 A TYR A 1 48 ? -4.073  4.977   -4.464  0.50 12.99  ? 158 TYR A CE2 1 
ATOM   431 C  CE2 B TYR A 1 48 ? -3.726  2.623   -4.728  0.50 26.87  ? 158 TYR A CE2 1 
ATOM   432 C  CZ  A TYR A 1 48 ? -3.320  3.944   -5.027  0.50 14.72  ? 158 TYR A CZ  1 
ATOM   433 C  CZ  B TYR A 1 48 ? -2.680  1.827   -4.317  0.50 26.76  ? 158 TYR A CZ  1 
ATOM   434 O  OH  A TYR A 1 48 ? -2.695  4.138   -6.226  0.50 16.74  ? 158 TYR A OH  1 
ATOM   435 O  OH  B TYR A 1 48 ? -1.801  1.298   -5.203  0.50 26.74  ? 158 TYR A OH  1 
ATOM   436 N  N   . ILE A 1 49 ? -7.138  2.614   1.069   1.00 10.59  ? 159 ILE A N   1 
ATOM   437 C  CA  . ILE A 1 49 ? -7.263  2.197   2.451   1.00 10.17  ? 159 ILE A CA  1 
ATOM   438 C  C   . ILE A 1 49 ? -8.261  1.036   2.582   1.00 10.52  ? 159 ILE A C   1 
ATOM   439 O  O   . ILE A 1 49 ? -7.987  0.075   3.308   1.00 10.98  ? 159 ILE A O   1 
ATOM   440 C  CB  . ILE A 1 49 ? -7.615  3.372   3.325   1.00 11.22  ? 159 ILE A CB  1 
ATOM   441 C  CG1 . ILE A 1 49 ? -6.389  4.297   3.361   1.00 13.73  ? 159 ILE A CG1 1 
ATOM   442 C  CG2 . ILE A 1 49 ? -8.021  2.889   4.714   1.00 13.49  ? 159 ILE A CG2 1 
ATOM   443 C  CD1 . ILE A 1 49 ? -6.627  5.672   3.969   1.00 13.01  ? 159 ILE A CD1 1 
ATOM   444 N  N   . GLN A 1 50 ? -9.385  1.081   1.854   1.00 10.07  ? 160 GLN A N   1 
ATOM   445 C  CA  . GLN A 1 50 ? -10.353 -0.013  1.915   1.00 11.73  ? 160 GLN A CA  1 
ATOM   446 C  C   . GLN A 1 50 ? -9.749  -1.299  1.401   1.00 10.39  ? 160 GLN A C   1 
ATOM   447 O  O   . GLN A 1 50 ? -9.975  -2.357  1.964   1.00 11.10  ? 160 GLN A O   1 
ATOM   448 C  CB  . GLN A 1 50 ? -11.647 0.347   1.160   1.00 15.34  ? 160 GLN A CB  1 
ATOM   449 C  CG  . GLN A 1 50 ? -12.622 -0.819  0.837   1.00 22.51  ? 160 GLN A CG  1 
ATOM   450 C  CD  . GLN A 1 50 ? -13.301 -1.367  2.033   1.00 27.17  ? 160 GLN A CD  1 
ATOM   451 O  OE1 . GLN A 1 50 ? -13.270 -0.781  3.123   1.00 30.22  ? 160 GLN A OE1 1 
ATOM   452 N  NE2 . GLN A 1 50 ? -13.951 -2.501  1.848   1.00 25.42  ? 160 GLN A NE2 1 
ATOM   453 N  N   . HIS A 1 51 ? -8.974  -1.232  0.315   1.00 10.92  ? 161 HIS A N   1 
ATOM   454 C  CA  . HIS A 1 51 ? -8.326  -2.444  -0.176  1.00 12.93  ? 161 HIS A CA  1 
ATOM   455 C  C   . HIS A 1 51 ? -7.359  -3.019  0.834   1.00 10.44  ? 161 HIS A C   1 
ATOM   456 O  O   . HIS A 1 51 ? -7.318  -4.216  1.047   1.00 11.58  ? 161 HIS A O   1 
ATOM   457 C  CB  . HIS A 1 51 ? -7.608  -2.169  -1.472  1.00 11.22  ? 161 HIS A CB  1 
ATOM   458 C  CG  . HIS A 1 51 ? -8.517  -2.003  -2.646  1.00 11.87  ? 161 HIS A CG  1 
ATOM   459 N  ND1 . HIS A 1 51 ? -8.113  -1.378  -3.807  1.00 13.68  ? 161 HIS A ND1 1 
ATOM   460 C  CD2 . HIS A 1 51 ? -9.807  -2.364  -2.843  1.00 13.29  ? 161 HIS A CD2 1 
ATOM   461 C  CE1 . HIS A 1 51 ? -9.113  -1.371  -4.669  1.00 15.32  ? 161 HIS A CE1 1 
ATOM   462 N  NE2 . HIS A 1 51 ? -10.152 -1.956  -4.115  1.00 14.38  ? 161 HIS A NE2 1 
ATOM   463 N  N   . ALA A 1 52 ? -6.585  -2.148  1.481   1.00 11.25  ? 162 ALA A N   1 
ATOM   464 C  CA  . ALA A 1 52 ? -5.652  -2.641  2.508   1.00 10.54  ? 162 ALA A CA  1 
ATOM   465 C  C   . ALA A 1 52 ? -6.414  -3.232  3.693   1.00 10.75  ? 162 ALA A C   1 
ATOM   466 O  O   . ALA A 1 52 ? -6.037  -4.296  4.206   1.00 10.23  ? 162 ALA A O   1 
ATOM   467 C  CB  . ALA A 1 52 ? -4.716  -1.536  2.963   1.00 12.72  ? 162 ALA A CB  1 
ATOM   468 N  N   . LYS A 1 53 ? -7.504  -2.579  4.110   1.00 10.78  ? 163 LYS A N   1 
ATOM   469 C  CA  . LYS A 1 53 ? -8.333  -3.096  5.189   1.00 11.11  ? 163 LYS A CA  1 
ATOM   470 C  C   . LYS A 1 53 ? -8.846  -4.515  4.874   1.00 10.42  ? 163 LYS A C   1 
ATOM   471 O  O   . LYS A 1 53 ? -8.847  -5.385  5.739   1.00 10.03  ? 163 LYS A O   1 
ATOM   472 C  CB  . LYS A 1 53 ? -9.505  -2.164  5.460   1.00 12.79  ? 163 LYS A CB  1 
ATOM   473 C  CG  . LYS A 1 53 ? -10.365 -2.639  6.642   1.00 16.05  ? 163 LYS A CG  1 
ATOM   474 C  CD  . LYS A 1 53 ? -11.492 -1.699  6.973   1.00 19.23  ? 163 LYS A CD  1 
ATOM   475 C  CE  . LYS A 1 53 ? -12.590 -2.432  7.741   1.00 27.03  ? 163 LYS A CE  1 
ATOM   476 N  NZ  . LYS A 1 53 ? -13.976 -2.154  7.217   1.00 31.44  ? 163 LYS A NZ  1 
ATOM   477 N  N   . GLU A 1 54 ? -9.267  -4.738  3.638   1.00 10.81  ? 164 GLU A N   1 
ATOM   478 C  CA  . GLU A 1 54 ? -9.730  -6.078  3.226   1.00 11.00  ? 164 GLU A CA  1 
ATOM   479 C  C   . GLU A 1 54 ? -8.616  -7.110  3.351   1.00 10.55  ? 164 GLU A C   1 
ATOM   480 O  O   . GLU A 1 54 ? -8.835  -8.222  3.842   1.00 10.93  ? 164 GLU A O   1 
ATOM   481 C  CB  . GLU A 1 54 ? -10.301 -6.055  1.793   1.00 11.08  ? 164 GLU A CB  1 
ATOM   482 C  CG  . GLU A 1 54 ? -11.583 -5.262  1.747   1.00 12.03  ? 164 GLU A CG  1 
ATOM   483 C  CD  . GLU A 1 54 ? -12.112 -5.139  0.305   1.00 11.68  ? 164 GLU A CD  1 
ATOM   484 O  OE1 . GLU A 1 54 ? -13.329 -4.912  0.109   1.00 16.23  ? 164 GLU A OE1 1 
ATOM   485 O  OE2 . GLU A 1 54 ? -11.363 -5.229  -0.721  1.00 13.89  ? 164 GLU A OE2 1 
ATOM   486 N  N   . ASP A 1 55 ? -7.411  -6.747  2.947   1.00 10.56  ? 165 ASP A N   1 
ATOM   487 C  CA  . ASP A 1 55 ? -6.291  -7.670  3.049   1.00 10.91  ? 165 ASP A CA  1 
ATOM   488 C  C   . ASP A 1 55 ? -5.982  -7.938  4.545   1.00 10.73  ? 165 ASP A C   1 
ATOM   489 O  O   . ASP A 1 55 ? -5.607  -9.041  4.926   1.00 10.92  ? 165 ASP A O   1 
ATOM   490 C  CB  . ASP A 1 55 ? -5.051  -7.078  2.404   1.00 14.81  ? 165 ASP A CB  1 
ATOM   491 C  CG  . ASP A 1 55 ? -5.099  -7.104  0.905   1.00 20.03  ? 165 ASP A CG  1 
ATOM   492 O  OD1 . ASP A 1 55 ? -5.867  -7.887  0.259   1.00 25.19  ? 165 ASP A OD1 1 
ATOM   493 O  OD2 . ASP A 1 55 ? -4.326  -6.339  0.302   1.00 20.51  ? 165 ASP A OD2 1 
ATOM   494 N  N   . GLU A 1 56 ? -6.109  -6.909  5.399   1.00 9.32   ? 166 GLU A N   1 
ATOM   495 C  CA  . GLU A 1 56 ? -5.832  -7.012  6.846   1.00 9.14   ? 166 GLU A CA  1 
ATOM   496 C  C   . GLU A 1 56 ? -6.880  -7.917  7.497   1.00 10.22  ? 166 GLU A C   1 
ATOM   497 O  O   . GLU A 1 56 ? -6.555  -8.747  8.332   1.00 10.41  ? 166 GLU A O   1 
ATOM   498 C  CB  . GLU A 1 56 ? -5.820  -5.624  7.469   1.00 9.75   ? 166 GLU A CB  1 
ATOM   499 C  CG  . GLU A 1 56 ? -4.581  -4.861  6.977   1.00 11.35  ? 166 GLU A CG  1 
ATOM   500 C  CD  . GLU A 1 56 ? -4.646  -3.342  7.121   1.00 10.15  ? 166 GLU A CD  1 
ATOM   501 O  OE1 . GLU A 1 56 ? -5.623  -2.794  7.660   1.00 10.05  ? 166 GLU A OE1 1 
ATOM   502 O  OE2 . GLU A 1 56 ? -3.687  -2.670  6.674   1.00 11.05  ? 166 GLU A OE2 1 
ATOM   503 N  N   . THR A 1 57 ? -8.139  -7.807  7.079   1.00 10.02  ? 167 THR A N   1 
ATOM   504 C  CA  . THR A 1 57 ? -9.163  -8.721  7.580   1.00 9.65   ? 167 THR A CA  1 
ATOM   505 C  C   . THR A 1 57 ? -8.846  -10.183 7.219   1.00 8.93   ? 167 THR A C   1 
ATOM   506 O  O   . THR A 1 57 ? -8.983  -11.073 8.047   1.00 10.33  ? 167 THR A O   1 
ATOM   507 C  CB  . THR A 1 57 ? -10.543 -8.321  7.039   1.00 10.47  ? 167 THR A CB  1 
ATOM   508 O  OG1 . THR A 1 57 ? -10.825 -6.986  7.475   1.00 11.35  ? 167 THR A OG1 1 
ATOM   509 C  CG2 . THR A 1 57 ? -11.670 -9.232  7.489   1.00 12.41  ? 167 THR A CG2 1 
ATOM   510 N  N   . ARG A 1 58 ? -8.410  -10.421 5.978   1.00 9.70   ? 168 ARG A N   1 
ATOM   511 C  CA  . ARG A 1 58 ? -8.033  -11.755 5.574   1.00 9.66   ? 168 ARG A CA  1 
ATOM   512 C  C   . ARG A 1 58 ? -6.870  -12.248 6.480   1.00 10.90  ? 168 ARG A C   1 
ATOM   513 O  O   . ARG A 1 58 ? -6.880  -13.381 6.937   1.00 10.63  ? 168 ARG A O   1 
ATOM   514 C  CB  . ARG A 1 58 ? -7.664  -11.784 4.077   1.00 11.31  ? 168 ARG A CB  1 
ATOM   515 C  CG  . ARG A 1 58 ? -7.005  -13.059 3.684   1.00 13.33  ? 168 ARG A CG  1 
ATOM   516 C  CD  . ARG A 1 58 ? -6.662  -13.068 2.195   1.00 18.37  ? 168 ARG A CD  1 
ATOM   517 N  NE  . ARG A 1 58 ? -5.722  -11.990 1.876   1.00 25.65  ? 168 ARG A NE  1 
ATOM   518 C  CZ  . ARG A 1 58 ? -5.530  -11.462 0.667   1.00 30.48  ? 168 ARG A CZ  1 
ATOM   519 N  NH1 . ARG A 1 58 ? -6.206  -11.898 -0.392  1.00 33.04  ? 168 ARG A NH1 1 
ATOM   520 N  NH2 . ARG A 1 58 ? -4.644  -10.493 0.516   1.00 33.55  ? 168 ARG A NH2 1 
ATOM   521 N  N   . TYR A 1 59 ? -5.868  -11.396 6.694   1.00 10.02  ? 169 TYR A N   1 
ATOM   522 C  CA  . TYR A 1 59 ? -4.744  -11.730 7.576   1.00 9.77   ? 169 TYR A CA  1 
ATOM   523 C  C   . TYR A 1 59 ? -5.216  -12.060 8.987   1.00 10.43  ? 169 TYR A C   1 
ATOM   524 O  O   . TYR A 1 59 ? -4.754  -13.018 9.596   1.00 10.71  ? 169 TYR A O   1 
ATOM   525 C  CB  . TYR A 1 59 ? -3.730  -10.590 7.557   1.00 11.81  ? 169 TYR A CB  1 
ATOM   526 C  CG  . TYR A 1 59 ? -2.622  -10.664 8.569   1.00 11.55  ? 169 TYR A CG  1 
ATOM   527 C  CD1 . TYR A 1 59 ? -1.681  -11.681 8.529   1.00 13.17  ? 169 TYR A CD1 1 
ATOM   528 C  CD2 . TYR A 1 59 ? -2.474  -9.667  9.508   1.00 11.30  ? 169 TYR A CD2 1 
ATOM   529 C  CE1 . TYR A 1 59 ? -0.646  -11.723 9.445   1.00 13.61  ? 169 TYR A CE1 1 
ATOM   530 C  CE2 . TYR A 1 59 ? -1.437  -9.692  10.447  1.00 12.29  ? 169 TYR A CE2 1 
ATOM   531 C  CZ  . TYR A 1 59 ? -0.532  -10.714 10.411  1.00 13.06  ? 169 TYR A CZ  1 
ATOM   532 O  OH  . TYR A 1 59 ? 0.470   -10.726 11.338  1.00 14.78  ? 169 TYR A OH  1 
ATOM   533 N  N   . HIS A 1 60 ? -6.157  -11.285 9.512   1.00 9.70   ? 170 HIS A N   1 
ATOM   534 C  CA  . HIS A 1 60 ? -6.696  -11.577 10.842  1.00 10.17  ? 170 HIS A CA  1 
ATOM   535 C  C   . HIS A 1 60 ? -7.320  -12.967 10.870  1.00 9.65   ? 170 HIS A C   1 
ATOM   536 O  O   . HIS A 1 60 ? -7.081  -13.749 11.806  1.00 11.13  ? 170 HIS A O   1 
ATOM   537 C  CB  . HIS A 1 60 ? -7.733  -10.535 11.215  1.00 9.19   ? 170 HIS A CB  1 
ATOM   538 C  CG  . HIS A 1 60 ? -7.163  -9.159  11.360  1.00 9.55   ? 170 HIS A CG  1 
ATOM   539 N  ND1 . HIS A 1 60 ? -7.931  -8.021  11.349  1.00 10.53  ? 170 HIS A ND1 1 
ATOM   540 C  CD2 . HIS A 1 60 ? -5.885  -8.748  11.510  1.00 10.47  ? 170 HIS A CD2 1 
ATOM   541 C  CE1 . HIS A 1 60 ? -7.146  -6.960  11.468  1.00 10.78  ? 170 HIS A CE1 1 
ATOM   542 N  NE2 . HIS A 1 60 ? -5.896  -7.373  11.556  1.00 8.90   ? 170 HIS A NE2 1 
ATOM   543 N  N   . ASN A 1 61 ? -8.128  -13.280 9.849   1.00 9.74   ? 171 ASN A N   1 
ATOM   544 C  CA  . ASN A 1 61 ? -8.752  -14.612 9.774   1.00 10.20  ? 171 ASN A CA  1 
ATOM   545 C  C   . ASN A 1 61 ? -7.700  -15.702 9.700   1.00 11.31  ? 171 ASN A C   1 
ATOM   546 O  O   . ASN A 1 61 ? -7.793  -16.718 10.401  1.00 10.91  ? 171 ASN A O   1 
ATOM   547 C  CB  . ASN A 1 61 ? -9.722  -14.685 8.601   1.00 10.00  ? 171 ASN A CB  1 
ATOM   548 C  CG  . ASN A 1 61 ? -10.958 -13.842 8.824   1.00 11.61  ? 171 ASN A CG  1 
ATOM   549 O  OD1 . ASN A 1 61 ? -11.347 -13.610 9.972   1.00 14.11  ? 171 ASN A OD1 1 
ATOM   550 N  ND2 . ASN A 1 61 ? -11.581 -13.409 7.757   1.00 12.39  ? 171 ASN A ND2 1 
ATOM   551 N  N   . GLU A 1 62 ? -6.681  -15.508 8.868   1.00 10.90  ? 172 GLU A N   1 
ATOM   552 C  CA  . GLU A 1 62 ? -5.611  -16.503 8.713   1.00 12.56  ? 172 GLU A CA  1 
ATOM   553 C  C   . GLU A 1 62 ? -4.827  -16.728 10.017  1.00 12.72  ? 172 GLU A C   1 
ATOM   554 O  O   . GLU A 1 62 ? -4.488  -17.846 10.359  1.00 16.43  ? 172 GLU A O   1 
ATOM   555 C  CB  . GLU A 1 62 ? -4.647  -16.086 7.594   1.00 14.57  ? 172 GLU A CB  1 
ATOM   556 C  CG  . GLU A 1 62 ? -5.228  -16.108 6.216   1.00 18.15  ? 172 GLU A CG  1 
ATOM   557 C  CD  . GLU A 1 62 ? -4.317  -15.404 5.209   1.00 23.83  ? 172 GLU A CD  1 
ATOM   558 O  OE1 . GLU A 1 62 ? -3.400  -14.662 5.640   1.00 28.29  ? 172 GLU A OE1 1 
ATOM   559 O  OE2 . GLU A 1 62 ? -4.513  -15.599 3.994   1.00 28.08  ? 172 GLU A OE2 1 
ATOM   560 N  N   A MET A 1 63 ? -4.564  -15.653 10.759  0.50 11.74  ? 173 MET A N   1 
ATOM   561 N  N   B MET A 1 63 ? -4.588  -15.621 10.744  0.50 11.80  ? 173 MET A N   1 
ATOM   562 C  CA  A MET A 1 63 ? -3.894  -15.852 12.037  0.50 12.39  ? 173 MET A CA  1 
ATOM   563 C  CA  B MET A 1 63 ? -3.898  -15.678 12.042  0.50 13.49  ? 173 MET A CA  1 
ATOM   564 C  C   A MET A 1 63 ? -4.733  -16.712 12.968  0.50 13.33  ? 173 MET A C   1 
ATOM   565 C  C   B MET A 1 63 ? -4.696  -16.416 13.129  0.50 13.53  ? 173 MET A C   1 
ATOM   566 O  O   A MET A 1 63 ? -4.222  -17.623 13.634  0.50 14.09  ? 173 MET A O   1 
ATOM   567 O  O   B MET A 1 63 ? -4.102  -16.934 14.080  0.50 15.86  ? 173 MET A O   1 
ATOM   568 C  CB  A MET A 1 63 ? -3.601  -14.535 12.704  0.50 14.40  ? 173 MET A CB  1 
ATOM   569 C  CB  B MET A 1 63 ? -3.536  -14.272 12.554  0.50 15.30  ? 173 MET A CB  1 
ATOM   570 C  CG  A MET A 1 63 ? -2.406  -13.867 12.145  0.50 14.14  ? 173 MET A CG  1 
ATOM   571 C  CG  B MET A 1 63 ? -2.439  -13.535 11.785  0.50 15.39  ? 173 MET A CG  1 
ATOM   572 S  SD  A MET A 1 63 ? -1.990  -12.546 13.234  0.50 15.11  ? 173 MET A SD  1 
ATOM   573 S  SD  B MET A 1 63 ? -0.788  -14.263 11.810  0.50 15.17  ? 173 MET A SD  1 
ATOM   574 C  CE  A MET A 1 63 ? -0.723  -13.307 14.222  0.50 19.27  ? 173 MET A CE  1 
ATOM   575 C  CE  B MET A 1 63 ? -0.369  -14.134 13.543  0.50 16.13  ? 173 MET A CE  1 
ATOM   576 N  N   . LYS A 1 64 ? -6.031  -16.434 12.985  1.00 13.51  ? 174 LYS A N   1 
ATOM   577 C  CA  . LYS A 1 64 ? -6.924  -17.145 13.889  1.00 15.08  ? 174 LYS A CA  1 
ATOM   578 C  C   . LYS A 1 64 ? -7.067  -18.622 13.504  1.00 18.50  ? 174 LYS A C   1 
ATOM   579 O  O   . LYS A 1 64 ? -7.308  -19.464 14.381  1.00 20.67  ? 174 LYS A O   1 
ATOM   580 C  CB  . LYS A 1 64 ? -8.298  -16.495 13.900  1.00 13.73  ? 174 LYS A CB  1 
ATOM   581 C  CG  . LYS A 1 64 ? -8.375  -15.155 14.532  1.00 13.46  ? 174 LYS A CG  1 
ATOM   582 C  CD  . LYS A 1 64 ? -9.738  -14.510 14.202  1.00 18.32  ? 174 LYS A CD  1 
ATOM   583 C  CE  . LYS A 1 64 ? -9.885  -13.149 14.805  1.00 20.81  ? 174 LYS A CE  1 
ATOM   584 N  NZ  . LYS A 1 64 ? -11.203 -12.578 14.455  1.00 19.42  ? 174 LYS A NZ  1 
ATOM   585 N  N   A SER A 1 65 ? -6.921  -18.930 12.211  0.50 19.00  ? 175 SER A N   1 
ATOM   586 N  N   B SER A 1 65 ? -6.925  -18.949 12.219  0.50 16.75  ? 175 SER A N   1 
ATOM   587 C  CA  A SER A 1 65 ? -6.989  -20.315 11.703  0.50 20.88  ? 175 SER A CA  1 
ATOM   588 C  CA  B SER A 1 65 ? -7.035  -20.349 11.789  0.50 17.17  ? 175 SER A CA  1 
ATOM   589 C  C   A SER A 1 65 ? -5.657  -21.050 11.771  0.50 22.56  ? 175 SER A C   1 
ATOM   590 C  C   B SER A 1 65 ? -5.678  -21.020 11.526  0.50 20.76  ? 175 SER A C   1 
ATOM   591 O  O   A SER A 1 65 ? -5.625  -22.281 11.828  0.50 21.84  ? 175 SER A O   1 
ATOM   592 O  O   B SER A 1 65 ? -5.656  -22.197 11.142  0.50 18.45  ? 175 SER A O   1 
ATOM   593 C  CB  A SER A 1 65 ? -7.453  -20.308 10.249  0.50 21.97  ? 175 SER A CB  1 
ATOM   594 C  CB  B SER A 1 65 ? -7.941  -20.451 10.553  0.50 16.14  ? 175 SER A CB  1 
ATOM   595 O  OG  A SER A 1 65 ? -8.817  -19.979 10.167  0.50 22.78  ? 175 SER A OG  1 
ATOM   596 O  OG  B SER A 1 65 ? -7.344  -19.808 9.445   0.50 13.66  ? 175 SER A OG  1 
ATOM   597 N  N   . TRP A 1 66 ? -4.568  -20.293 11.726  1.00 22.18  ? 176 TRP A N   1 
ATOM   598 C  CA  . TRP A 1 66 ? -3.192  -20.832 11.524  1.00 24.17  ? 176 TRP A CA  1 
ATOM   599 C  C   . TRP A 1 66 ? -2.832  -21.887 12.544  1.00 25.53  ? 176 TRP A C   1 
ATOM   600 O  O   . TRP A 1 66 ? -3.089  -21.717 13.744  1.00 27.84  ? 176 TRP A O   1 
ATOM   601 C  CB  . TRP A 1 66 ? -2.141  -19.708 11.596  1.00 29.44  ? 176 TRP A CB  1 
ATOM   602 C  CG  . TRP A 1 66 ? -0.681  -20.173 11.447  1.00 30.30  ? 176 TRP A CG  1 
ATOM   603 C  CD1 . TRP A 1 66 ? -0.178  -21.008 10.491  1.00 31.48  ? 176 TRP A CD1 1 
ATOM   604 C  CD2 . TRP A 1 66 ? 0.434   -19.794 12.276  1.00 31.38  ? 176 TRP A CD2 1 
ATOM   605 N  NE1 . TRP A 1 66 ? 1.178   -21.189 10.680  1.00 33.16  ? 176 TRP A NE1 1 
ATOM   606 C  CE2 . TRP A 1 66 ? 1.580   -20.455 11.765  1.00 32.05  ? 176 TRP A CE2 1 
ATOM   607 C  CE3 . TRP A 1 66 ? 0.575   -18.966 13.403  1.00 31.79  ? 176 TRP A CE3 1 
ATOM   608 C  CZ2 . TRP A 1 66 ? 2.851   -20.316 12.345  1.00 32.24  ? 176 TRP A CZ2 1 
ATOM   609 C  CZ3 . TRP A 1 66 ? 1.846   -18.830 13.981  1.00 32.80  ? 176 TRP A CZ3 1 
ATOM   610 C  CH2 . TRP A 1 66 ? 2.965   -19.498 13.442  1.00 31.81  ? 176 TRP A CH2 1 
ATOM   611 N  N   . ALA A 1 67 ? -2.219  -22.964 12.057  1.00 28.22  ? 177 ALA A N   1 
ATOM   612 C  CA  . ALA A 1 67 ? -1.738  -24.049 12.910  1.00 30.16  ? 177 ALA A CA  1 
ATOM   613 C  C   . ALA A 1 67 ? -0.227  -24.245 12.732  1.00 32.57  ? 177 ALA A C   1 
ATOM   614 C  CB  . ALA A 1 67 ? -2.490  -25.337 12.588  1.00 29.70  ? 177 ALA A CB  1 
HETATM 615 CD CD  . CD  B 2 .  ? -4.262  -0.695  7.454   1.00 10.64  ? 1   CD  A CD  1 
HETATM 616 CD CD  . CD  C 2 .  ? -9.826  16.026  2.196   1.00 14.74  ? 2   CD  A CD  1 
HETATM 617 CL CL  . CL  D 3 .  ? -3.337  0.853   5.746   1.00 12.68  ? 178 CL  A CL  1 
HETATM 618 CL CL  . CL  E 3 .  ? -2.818  -0.733  9.434   1.00 11.82  ? 179 CL  A CL  1 
HETATM 619 NA NA  . NA  F 4 .  ? -5.165  -7.007  -1.780  1.00 12.09  ? 180 NA  A NA  1 
HETATM 620 NA NA  . NA  G 4 .  ? -12.654 12.641  -3.945  1.00 18.36  ? 181 NA  A NA  1 
HETATM 621 O  O   . HOH H 5 .  ? -0.763  -10.048 13.899  1.00 15.85  ? 3   HOH A O   1 
HETATM 622 O  O   . HOH H 5 .  ? -2.431  -4.574  0.975   1.00 20.27  ? 4   HOH A O   1 
HETATM 623 O  O   . HOH H 5 .  ? -10.529 9.490   2.407   1.00 16.83  ? 5   HOH A O   1 
HETATM 624 O  O   . HOH H 5 .  ? -10.579 15.338  -2.086  1.00 21.99  ? 6   HOH A O   1 
HETATM 625 O  O   . HOH H 5 .  ? -11.125 -9.788  3.469   1.00 16.20  ? 7   HOH A O   1 
HETATM 626 O  O   . HOH H 5 .  ? 2.311   2.457   6.295   1.00 20.62  ? 8   HOH A O   1 
HETATM 627 O  O   . HOH H 5 .  ? -8.924  9.004   -8.688  1.00 23.81  ? 9   HOH A O   1 
HETATM 628 O  O   . HOH H 5 .  ? -10.813 11.128  -7.345  1.00 17.54  ? 10  HOH A O   1 
HETATM 629 O  O   . HOH H 5 .  ? 0.487   -7.355  0.856   1.00 25.42  ? 11  HOH A O   1 
HETATM 630 O  O   . HOH H 5 .  ? -4.099  -3.297  -0.802  1.00 18.18  ? 12  HOH A O   1 
HETATM 631 O  O   . HOH H 5 .  ? -9.543  -18.916 16.276  1.00 18.64  ? 13  HOH A O   1 
HETATM 632 O  O   . HOH H 5 .  ? 3.683   -2.002  4.768   1.00 17.22  ? 14  HOH A O   1 
HETATM 633 O  O   . HOH H 5 .  ? -5.335  -0.653  -3.756  1.00 20.81  ? 15  HOH A O   1 
HETATM 634 O  O   . HOH H 5 .  ? -12.631 -5.868  5.519   1.00 17.76  ? 16  HOH A O   1 
HETATM 635 O  O   . HOH H 5 .  ? -10.855 -8.633  11.558  1.00 15.55  ? 17  HOH A O   1 
HETATM 636 O  O   . HOH H 5 .  ? -6.318  11.513  -6.739  1.00 23.70  ? 18  HOH A O   1 
HETATM 637 O  O   . HOH H 5 .  ? -4.038  -19.667 8.353   1.00 26.44  ? 19  HOH A O   1 
HETATM 638 O  O   . HOH H 5 .  ? -10.801 -10.435 16.360  1.00 21.35  ? 20  HOH A O   1 
HETATM 639 O  O   . HOH H 5 .  ? -10.962 -11.705 11.892  1.00 21.98  ? 21  HOH A O   1 
HETATM 640 O  O   . HOH H 5 .  ? -11.624 1.276   5.236   1.00 26.50  ? 22  HOH A O   1 
HETATM 641 O  O   . HOH H 5 .  ? -3.793  -10.723 3.530   1.00 18.77  ? 23  HOH A O   1 
HETATM 642 O  O   . HOH H 5 .  ? -6.944  16.991  -0.167  1.00 14.50  ? 24  HOH A O   1 
HETATM 643 O  O   . HOH H 5 .  ? -13.739 5.922   -2.452  1.00 16.12  ? 25  HOH A O   1 
HETATM 644 O  O   . HOH H 5 .  ? -16.040 8.553   0.270   1.00 11.15  ? 26  HOH A O   1 
HETATM 645 O  O   . HOH H 5 .  ? 4.446   -10.444 8.950   1.00 22.99  ? 27  HOH A O   1 
HETATM 646 O  O   . HOH H 5 .  ? -7.513  16.080  2.165   1.00 19.18  ? 28  HOH A O   1 
HETATM 647 O  O   . HOH H 5 .  ? 19.651  11.255  -7.270  1.00 24.38  ? 30  HOH A O   1 
HETATM 648 O  O   . HOH H 5 .  ? 19.391  13.656  -8.919  1.00 22.47  ? 31  HOH A O   1 
HETATM 649 O  O   . HOH H 5 .  ? -15.121 -0.408  10.408  1.00 125.58 ? 32  HOH A O   1 
HETATM 650 O  O   . HOH H 5 .  ? -3.851  -1.315  -5.883  1.00 31.67  ? 33  HOH A O   1 
HETATM 651 O  O   . HOH H 5 .  ? -8.832  -21.951 15.256  1.00 12.03  ? 34  HOH A O   1 
HETATM 652 O  O   . HOH H 5 .  ? 4.325   -4.800  10.879  0.50 18.75  ? 35  HOH A O   1 
HETATM 653 O  O   . HOH H 5 .  ? 2.278   -12.476 11.013  1.00 44.82  ? 36  HOH A O   1 
HETATM 654 O  O   . HOH H 5 .  ? -2.158  -12.292 4.935   1.00 26.59  ? 37  HOH A O   1 
HETATM 655 O  O   . HOH H 5 .  ? 0.570   -14.931 4.045   1.00 40.03  ? 38  HOH A O   1 
HETATM 656 O  O   . HOH H 5 .  ? -1.702  12.702  -6.262  1.00 32.83  ? 39  HOH A O   1 
HETATM 657 O  O   . HOH H 5 .  ? -14.052 10.318  0.567   1.00 26.81  ? 40  HOH A O   1 
HETATM 658 O  O   . HOH H 5 .  ? -16.860 10.405  2.862   1.00 42.44  ? 41  HOH A O   1 
HETATM 659 O  O   . HOH H 5 .  ? -13.038 9.517   3.413   1.00 30.40  ? 42  HOH A O   1 
HETATM 660 O  O   . HOH H 5 .  ? 3.521   -5.524  6.255   1.00 32.70  ? 43  HOH A O   1 
HETATM 661 O  O   . HOH H 5 .  ? 6.077   -2.747  4.113   1.00 26.15  ? 44  HOH A O   1 
HETATM 662 O  O   . HOH H 5 .  ? -8.952  -5.524  -4.389  1.00 25.84  ? 45  HOH A O   1 
HETATM 663 O  O   . HOH H 5 .  ? -3.670  1.001   8.095   1.00 34.22  ? 46  HOH A O   1 
HETATM 664 O  O   . HOH H 5 .  ? 13.988  9.227   -1.847  1.00 32.10  ? 49  HOH A O   1 
HETATM 665 O  O   . HOH H 5 .  ? 15.725  5.575   -12.200 1.00 46.31  ? 50  HOH A O   1 
HETATM 666 O  O   . HOH H 5 .  ? 2.134   8.480   -8.154  1.00 45.65  ? 51  HOH A O   1 
HETATM 667 O  O   . HOH H 5 .  ? -6.194  -8.675  -3.094  1.00 65.15  ? 52  HOH A O   1 
HETATM 668 O  O   . HOH H 5 .  ? -7.262  -5.865  -1.698  1.00 100.82 ? 53  HOH A O   1 
HETATM 669 O  O   . HOH H 5 .  ? -11.343 -3.529  9.909   0.50 23.56  ? 54  HOH A O   1 
HETATM 670 O  O   . HOH H 5 .  ? -13.429 -8.148  3.608   1.00 32.11  ? 55  HOH A O   1 
HETATM 671 O  O   . HOH H 5 .  ? -12.328 -6.770  9.766   1.00 24.12  ? 56  HOH A O   1 
HETATM 672 O  O   . HOH H 5 .  ? -7.321  -3.474  9.743   0.50 11.00  ? 57  HOH A O   1 
HETATM 673 O  O   . HOH H 5 .  ? -9.400  -5.303  9.381   1.00 13.46  ? 182 HOH A O   1 
HETATM 674 O  O   . HOH H 5 .  ? -4.287  -0.545  -1.201  1.00 14.71  ? 183 HOH A O   1 
# 
loop_
_atom_site_anisotrop.id 
_atom_site_anisotrop.type_symbol 
_atom_site_anisotrop.pdbx_label_atom_id 
_atom_site_anisotrop.pdbx_label_alt_id 
_atom_site_anisotrop.pdbx_label_comp_id 
_atom_site_anisotrop.pdbx_label_asym_id 
_atom_site_anisotrop.pdbx_label_seq_id 
_atom_site_anisotrop.pdbx_PDB_ins_code 
_atom_site_anisotrop.U[1][1] 
_atom_site_anisotrop.U[2][2] 
_atom_site_anisotrop.U[3][3] 
_atom_site_anisotrop.U[1][2] 
_atom_site_anisotrop.U[1][3] 
_atom_site_anisotrop.U[2][3] 
_atom_site_anisotrop.pdbx_auth_seq_id 
_atom_site_anisotrop.pdbx_auth_comp_id 
_atom_site_anisotrop.pdbx_auth_asym_id 
_atom_site_anisotrop.pdbx_auth_atom_id 
1   N  N   . GLY A 1  ? 0.4195 0.4216 0.4178 0.0074  -0.0195 -0.0397 111 GLY A N   
2   C  CA  . GLY A 1  ? 0.4041 0.3781 0.4001 0.0171  0.0008  -0.0427 111 GLY A CA  
3   C  C   . GLY A 1  ? 0.3982 0.4006 0.3941 0.0192  -0.0043 -0.0434 111 GLY A C   
4   O  O   . GLY A 1  ? 0.4053 0.3701 0.3848 0.0289  -0.0116 -0.0343 111 GLY A O   
5   N  N   . LYS A 2  ? 0.3846 0.3732 0.3794 0.0147  0.0119  -0.0308 112 LYS A N   
6   C  CA  . LYS A 2  ? 0.3823 0.3532 0.3640 0.0276  0.0005  -0.0092 112 LYS A CA  
7   C  C   . LYS A 2  ? 0.3361 0.3106 0.3365 0.0361  0.0099  -0.0047 112 LYS A C   
8   O  O   . LYS A 2  ? 0.3487 0.2919 0.3035 0.0467  0.0034  0.0032  112 LYS A O   
9   C  CB  . LYS A 2  ? 0.3980 0.4026 0.3881 0.0148  0.0017  -0.0184 112 LYS A CB  
10  C  CG  . LYS A 2  ? 0.4296 0.4288 0.4115 0.0127  0.0099  -0.0118 112 LYS A CG  
11  C  CD  . LYS A 2  ? 0.4569 0.4587 0.4423 -0.0034 0.0018  -0.0085 112 LYS A CD  
12  C  CE  . LYS A 2  ? 0.4637 0.4584 0.4585 0.0024  0.0119  -0.0011 112 LYS A CE  
13  N  NZ  . LYS A 2  ? 0.4702 0.4866 0.4683 0.0097  0.0189  0.0055  112 LYS A NZ  
14  N  N   . PRO A 3  ? 0.3302 0.2798 0.3042 0.0354  0.0136  0.0031  113 PRO A N   
15  C  CA  . PRO A 3  ? 0.3113 0.2480 0.3153 0.0282  0.0067  -0.0063 113 PRO A CA  
16  C  C   . PRO A 3  ? 0.2777 0.2474 0.2968 0.0346  0.0215  -0.0174 113 PRO A C   
17  O  O   . PRO A 3  ? 0.2583 0.2787 0.2966 0.0345  0.0294  -0.0168 113 PRO A O   
18  C  CB  . PRO A 3  ? 0.3079 0.2640 0.3375 0.0271  0.0181  -0.0053 113 PRO A CB  
19  C  CG  . PRO A 3  ? 0.3152 0.2891 0.3470 0.0163  0.0177  -0.0044 113 PRO A CG  
20  C  CD  . PRO A 3  ? 0.3148 0.2849 0.3610 0.0218  0.0163  -0.0057 113 PRO A CD  
21  N  N   . LYS A 4  ? 0.2779 0.2511 0.3037 0.0399  0.0180  -0.0171 114 LYS A N   
22  C  CA  . LYS A 4  ? 0.2782 0.2473 0.2885 0.0322  0.0022  0.0012  114 LYS A CA  
23  C  C   . LYS A 4  ? 0.2403 0.2216 0.2489 0.0315  0.0064  0.0004  114 LYS A C   
24  O  O   . LYS A 4  ? 0.2855 0.2050 0.2229 0.0292  -0.0030 -0.0025 114 LYS A O   
25  C  CB  . LYS A 4  ? 0.3144 0.3227 0.3384 0.0339  0.0211  -0.0046 114 LYS A CB  
26  C  CG  . LYS A 4  ? 0.3955 0.3925 0.4183 0.0295  0.0154  -0.0138 114 LYS A CG  
27  C  CD  . LYS A 4  ? 0.4558 0.4608 0.4489 0.0081  0.0155  -0.0087 114 LYS A CD  
28  C  CE  . LYS A 4  ? 0.4723 0.4789 0.4673 0.0039  0.0106  -0.0095 114 LYS A CE  
29  N  NZ  . LYS A 4  ? 0.4971 0.5097 0.4783 0.0049  0.0118  -0.0084 114 LYS A NZ  
30  N  N   . ARG A 5  ? 0.2103 0.1712 0.2089 0.0617  0.0269  0.0138  115 ARG A N   
31  C  CA  . ARG A 5  ? 0.1979 0.1539 0.1787 0.0286  0.0244  0.0137  115 ARG A CA  
32  C  C   . ARG A 5  ? 0.1669 0.1615 0.1545 0.0001  0.0016  0.0152  115 ARG A C   
33  O  O   . ARG A 5  ? 0.1782 0.2139 0.2064 -0.0047 0.0508  0.0068  115 ARG A O   
34  C  CB  . ARG A 5  ? 0.1826 0.1210 0.1920 0.0161  0.0030  0.0163  115 ARG A CB  
35  C  CG  . ARG A 5  ? 0.1886 0.1391 0.1497 0.0375  0.0030  0.0114  115 ARG A CG  
36  C  CD  . ARG A 5  ? 0.1906 0.1660 0.1471 0.0123  -0.0002 0.0305  115 ARG A CD  
37  N  NE  . ARG A 5  ? 0.1576 0.1337 0.1413 0.0143  0.0069  0.0286  115 ARG A NE  
38  C  CZ  . ARG A 5  ? 0.1489 0.1444 0.1565 -0.0212 0.0058  0.0258  115 ARG A CZ  
39  N  NH1 . ARG A 5  ? 0.1564 0.1682 0.1871 -0.0044 -0.0097 0.0492  115 ARG A NH1 
40  N  NH2 . ARG A 5  ? 0.1778 0.1358 0.1303 0.0096  0.0102  0.0251  115 ARG A NH2 
41  N  N   . PRO A 6  ? 0.1698 0.1605 0.1578 0.0021  0.0132  0.0230  116 PRO A N   
42  C  CA  . PRO A 6  ? 0.1886 0.1776 0.1671 -0.0185 0.0091  0.0113  116 PRO A CA  
43  C  C   . PRO A 6  ? 0.1493 0.1737 0.1561 0.0011  0.0123  0.0179  116 PRO A C   
44  O  O   . PRO A 6  ? 0.1747 0.1549 0.1598 0.0148  0.0169  0.0046  116 PRO A O   
45  C  CB  . PRO A 6  ? 0.2070 0.2235 0.2113 -0.0031 -0.0001 0.0518  116 PRO A CB  
46  C  CG  . PRO A 6  ? 0.2043 0.2155 0.1711 0.0088  0.0020  0.0113  116 PRO A CG  
47  C  CD  . PRO A 6  ? 0.1652 0.1598 0.1593 -0.0042 0.0056  0.0015  116 PRO A CD  
48  N  N   . ARG A 7  ? 0.1994 0.1954 0.1592 0.0032  0.0290  0.0220  117 ARG A N   
49  C  CA  . ARG A 7  ? 0.1968 0.1631 0.1787 0.0242  0.0343  0.0301  117 ARG A CA  
50  C  C   . ARG A 7  ? 0.1694 0.1756 0.1653 0.0127  0.0168  0.0301  117 ARG A C   
51  O  O   . ARG A 7  ? 0.1765 0.1750 0.1959 -0.0132 0.0021  0.0321  117 ARG A O   
52  C  CB  . ARG A 7  ? 0.2414 0.2204 0.1708 -0.0144 0.0237  0.0223  117 ARG A CB  
53  C  CG  . ARG A 7  ? 0.2891 0.2462 0.2230 -0.0273 0.0347  0.0308  117 ARG A CG  
54  C  CD  . ARG A 7  ? 0.3032 0.3111 0.2518 -0.0226 0.0495  0.0352  117 ARG A CD  
55  N  NE  . ARG A 7  ? 0.3115 0.3270 0.2952 -0.0144 0.0473  0.0421  117 ARG A NE  
56  C  CZ  . ARG A 7  ? 0.3716 0.3344 0.3484 -0.0029 0.0165  0.0112  117 ARG A CZ  
57  N  NH1 . ARG A 7  ? 0.3903 0.3756 0.3388 -0.0115 0.0498  0.0151  117 ARG A NH1 
58  N  NH2 . ARG A 7  ? 0.3678 0.3915 0.3975 -0.0062 0.0226  0.0029  117 ARG A NH2 
59  N  N   . SER A 8  ? 0.1583 0.1677 0.1367 0.0072  0.0166  0.0437  118 SER A N   
60  C  CA  . SER A 8  ? 0.1802 0.1787 0.1194 -0.0074 0.0023  0.0312  118 SER A CA  
61  C  C   . SER A 8  ? 0.1709 0.1587 0.1168 -0.0366 0.0038  0.0389  118 SER A C   
62  O  O   . SER A 8  ? 0.1805 0.2098 0.1436 -0.0086 0.0222  0.0421  118 SER A O   
63  C  CB  . SER A 8  ? 0.1766 0.1888 0.1565 -0.0165 -0.0056 0.0519  118 SER A CB  
64  O  OG  . SER A 8  ? 0.1473 0.1951 0.1400 -0.0027 0.0006  0.0494  118 SER A OG  
65  N  N   . ALA A 9  ? 0.1754 0.1418 0.1205 -0.0239 -0.0030 0.0328  119 ALA A N   
66  C  CA  . ALA A 9  ? 0.1444 0.1449 0.1421 -0.0386 0.0030  0.0481  119 ALA A CA  
67  C  C   . ALA A 9  ? 0.1380 0.1656 0.1473 -0.0408 0.0059  0.0455  119 ALA A C   
68  O  O   . ALA A 9  ? 0.1763 0.1998 0.1676 -0.0304 -0.0138 0.0585  119 ALA A O   
69  C  CB  . ALA A 9  ? 0.1489 0.1720 0.2042 -0.0077 -0.0320 0.0506  119 ALA A CB  
70  N  N   A TYR A 10 ? 0.1724 0.1747 0.1604 -0.0160 -0.0201 0.0506  120 TYR A N   
71  N  N   B TYR A 10 ? 0.1828 0.1821 0.1754 -0.0132 -0.0193 0.0428  120 TYR A N   
72  C  CA  A TYR A 10 ? 0.1720 0.1957 0.1686 -0.0136 -0.0075 0.0315  120 TYR A CA  
73  C  CA  B TYR A 10 ? 0.1916 0.2077 0.1910 -0.0091 -0.0022 0.0279  120 TYR A CA  
74  C  C   A TYR A 10 ? 0.1145 0.1594 0.1197 -0.0582 0.0064  0.0705  120 TYR A C   
75  C  C   B TYR A 10 ? 0.1320 0.1589 0.1253 -0.0564 0.0125  0.0657  120 TYR A C   
76  O  O   A TYR A 10 ? 0.2243 0.2876 0.2250 0.0079  -0.0416 0.0274  120 TYR A O   
77  O  O   B TYR A 10 ? 0.3007 0.3114 0.2680 0.0197  -0.0413 0.0008  120 TYR A O   
78  C  CB  A TYR A 10 ? 0.1355 0.1566 0.1455 -0.0544 -0.0269 0.0391  120 TYR A CB  
79  C  CB  B TYR A 10 ? 0.1547 0.1902 0.1939 -0.0389 -0.0083 0.0252  120 TYR A CB  
80  C  CG  A TYR A 10 ? 0.1512 0.1721 0.1851 -0.0467 -0.0132 0.0290  120 TYR A CG  
81  C  CG  B TYR A 10 ? 0.1786 0.2065 0.2244 -0.0400 0.0014  0.0222  120 TYR A CG  
82  C  CD1 A TYR A 10 ? 0.1719 0.2140 0.2052 -0.0407 -0.0154 0.0236  120 TYR A CD1 
83  C  CD1 B TYR A 10 ? 0.1974 0.2135 0.2269 -0.0134 0.0032  0.0227  120 TYR A CD1 
84  C  CD2 A TYR A 10 ? 0.1697 0.1814 0.2047 -0.0118 -0.0020 0.0287  120 TYR A CD2 
85  C  CD2 B TYR A 10 ? 0.2090 0.2379 0.2471 -0.0272 0.0050  0.0199  120 TYR A CD2 
86  C  CE1 A TYR A 10 ? 0.1737 0.1773 0.1894 -0.0422 0.0027  0.0205  120 TYR A CE1 
87  C  CE1 B TYR A 10 ? 0.1925 0.2155 0.2575 -0.0242 0.0032  0.0069  120 TYR A CE1 
88  C  CE2 A TYR A 10 ? 0.1913 0.1806 0.1838 -0.0272 -0.0143 0.0220  120 TYR A CE2 
89  C  CE2 B TYR A 10 ? 0.2038 0.2402 0.2677 -0.0271 0.0075  0.0125  120 TYR A CE2 
90  C  CZ  A TYR A 10 ? 0.1799 0.1780 0.1917 -0.0501 0.0001  0.0198  120 TYR A CZ  
91  C  CZ  B TYR A 10 ? 0.1789 0.2347 0.2573 -0.0411 0.0067  0.0238  120 TYR A CZ  
92  O  OH  A TYR A 10 ? 0.1908 0.2113 0.2198 -0.0610 -0.0067 0.0124  120 TYR A OH  
93  O  OH  B TYR A 10 ? 0.1998 0.2626 0.2780 -0.0379 0.0086  0.0221  120 TYR A OH  
94  N  N   . ASN A 11 ? 0.1522 0.1950 0.1756 -0.0256 -0.0179 0.0438  121 ASN A N   
95  C  CA  . ASN A 11 ? 0.1845 0.2273 0.1626 -0.0384 -0.0077 0.0355  121 ASN A CA  
96  C  C   . ASN A 11 ? 0.1796 0.2303 0.1867 -0.0253 -0.0155 0.0311  121 ASN A C   
97  O  O   . ASN A 11 ? 0.1892 0.2784 0.1341 -0.0725 0.0316  0.0495  121 ASN A O   
98  C  CB  . ASN A 11 ? 0.1915 0.2619 0.1725 -0.0223 -0.0216 0.0397  121 ASN A CB  
99  C  CG  . ASN A 11 ? 0.2102 0.2774 0.1937 -0.0267 -0.0058 0.0318  121 ASN A CG  
100 O  OD1 . ASN A 11 ? 0.2410 0.3238 0.2011 -0.0207 -0.0252 0.0295  121 ASN A OD1 
101 N  ND2 . ASN A 11 ? 0.2159 0.2955 0.1924 -0.0524 -0.0109 0.0237  121 ASN A ND2 
102 N  N   . VAL A 12 ? 0.1946 0.2443 0.1418 -0.0558 0.0122  0.0452  122 VAL A N   
103 C  CA  . VAL A 12 ? 0.2006 0.2731 0.1221 -0.0649 -0.0081 0.0494  122 VAL A CA  
104 C  C   . VAL A 12 ? 0.1951 0.2840 0.1301 -0.0590 0.0116  0.0445  122 VAL A C   
105 O  O   . VAL A 12 ? 0.2523 0.3344 0.2304 -0.0500 -0.0276 0.0157  122 VAL A O   
106 C  CB  . VAL A 12 ? 0.2129 0.2795 0.1705 -0.0542 -0.0292 0.0257  122 VAL A CB  
107 C  CG1 . VAL A 12 ? 0.2422 0.2938 0.1688 -0.0397 -0.0066 -0.0087 122 VAL A CG1 
108 C  CG2 . VAL A 12 ? 0.2320 0.2761 0.1859 -0.0490 -0.0125 0.0330  122 VAL A CG2 
109 N  N   . TYR A 13 ? 0.1881 0.2636 0.1466 -0.0720 -0.0170 0.0759  123 TYR A N   
110 C  CA  . TYR A 13 ? 0.1886 0.2837 0.1990 -0.0591 -0.0292 0.0671  123 TYR A CA  
111 C  C   . TYR A 13 ? 0.1984 0.2908 0.1844 -0.0556 -0.0305 0.0766  123 TYR A C   
112 O  O   . TYR A 13 ? 0.2347 0.3644 0.1706 -0.0702 -0.0137 0.0918  123 TYR A O   
113 C  CB  . TYR A 13 ? 0.2314 0.2620 0.2292 -0.0373 -0.0093 0.0795  123 TYR A CB  
114 C  CG  . TYR A 13 ? 0.2404 0.2806 0.2808 -0.0079 -0.0008 0.0654  123 TYR A CG  
115 C  CD1 . TYR A 13 ? 0.2432 0.2960 0.2689 0.0254  -0.0050 0.0549  123 TYR A CD1 
116 C  CD2 . TYR A 13 ? 0.2712 0.2745 0.3019 -0.0071 -0.0079 0.0556  123 TYR A CD2 
117 C  CE1 . TYR A 13 ? 0.2979 0.2835 0.2623 0.0015  0.0095  0.0496  123 TYR A CE1 
118 C  CE2 . TYR A 13 ? 0.3034 0.3106 0.2914 -0.0179 0.0082  0.0723  123 TYR A CE2 
119 C  CZ  . TYR A 13 ? 0.2787 0.2858 0.2857 -0.0035 0.0244  0.0661  123 TYR A CZ  
120 O  OH  . TYR A 13 ? 0.3618 0.3081 0.2651 0.0112  0.0169  0.0816  123 TYR A OH  
121 N  N   . VAL A 14 ? 0.1822 0.2977 0.1927 -0.0616 -0.0169 0.1025  124 VAL A N   
122 C  CA  . VAL A 14 ? 0.2510 0.3044 0.2779 -0.0271 -0.0560 0.0348  124 VAL A CA  
123 C  C   . VAL A 14 ? 0.1611 0.3001 0.1323 -0.0699 0.0529  0.0758  124 VAL A C   
124 O  O   . VAL A 14 ? 0.3144 0.3864 0.4174 -0.0186 -0.0815 -0.0129 124 VAL A O   
125 C  CB  . VAL A 14 ? 0.1809 0.2675 0.2139 -0.0313 -0.0286 0.0597  124 VAL A CB  
126 C  CG1 . VAL A 14 ? 0.1743 0.2726 0.2086 -0.0406 -0.0040 0.0523  124 VAL A CG1 
127 C  CG2 . VAL A 14 ? 0.2365 0.2687 0.2334 -0.0206 -0.0347 0.0680  124 VAL A CG2 
128 N  N   . ALA A 15 ? 0.2925 0.3612 0.3170 -0.0016 -0.0476 -0.0002 125 ALA A N   
129 C  CA  . ALA A 15 ? 0.2316 0.3786 0.2527 -0.0461 0.0098  0.0019  125 ALA A CA  
130 C  C   . ALA A 15 ? 0.2091 0.3845 0.2000 -0.0601 0.0645  0.0099  125 ALA A C   
131 O  O   . ALA A 15 ? 0.3733 0.4414 0.3559 -0.0368 -0.0074 -0.0347 125 ALA A O   
132 C  CB  . ALA A 15 ? 0.2382 0.3363 0.2467 -0.0381 0.0337  -0.0018 125 ALA A CB  
133 N  N   . GLU A 16 ? 0.2817 0.4034 0.2439 -0.0509 -0.0063 0.0092  126 GLU A N   
134 C  CA  . GLU A 16 ? 0.2924 0.4093 0.2542 -0.0616 -0.0039 -0.0046 126 GLU A CA  
135 C  C   . GLU A 16 ? 0.3206 0.4122 0.2804 -0.0489 -0.0093 0.0012  126 GLU A C   
136 O  O   . GLU A 16 ? 0.3642 0.4320 0.2990 -0.0597 0.0009  -0.0117 126 GLU A O   
137 C  CB  . GLU A 16 ? 0.2982 0.4186 0.3003 -0.0363 -0.0098 -0.0059 126 GLU A CB  
138 C  CG  . GLU A 16 ? 0.3707 0.4511 0.4088 -0.0260 0.0048  0.0135  126 GLU A CG  
139 C  CD  . GLU A 16 ? 0.3871 0.4644 0.4371 -0.0229 0.0022  0.0031  126 GLU A CD  
140 O  OE1 . GLU A 16 ? 0.3884 0.4669 0.4282 -0.0180 -0.0059 0.0046  126 GLU A OE1 
141 O  OE2 . GLU A 16 ? 0.3870 0.4677 0.4495 -0.0397 0.0254  0.0137  126 GLU A OE2 
142 N  N   . ARG A 17 ? 0.3143 0.4067 0.2437 -0.0501 -0.0053 0.0121  127 ARG A N   
143 C  CA  . ARG A 17 ? 0.3096 0.3921 0.2714 -0.0485 -0.0103 0.0238  127 ARG A CA  
144 C  C   . ARG A 17 ? 0.3204 0.3946 0.2871 -0.0509 -0.0054 0.0336  127 ARG A C   
145 O  O   . ARG A 17 ? 0.3178 0.4300 0.2460 -0.0737 0.0253  0.0190  127 ARG A O   
146 C  CB  . ARG A 17 ? 0.2983 0.3725 0.2231 -0.0453 -0.0237 0.0146  127 ARG A CB  
147 C  CG  . ARG A 17 ? 0.3528 0.4233 0.3052 -0.0226 -0.0070 0.0097  127 ARG A CG  
148 C  CD  . ARG A 17 ? 0.3804 0.4379 0.3505 -0.0259 -0.0121 -0.0077 127 ARG A CD  
149 N  NE  . ARG A 17 ? 0.4146 0.4867 0.4227 -0.0129 0.0102  -0.0029 127 ARG A NE  
150 C  CZ  . ARG A 17 ? 0.4510 0.4943 0.4731 -0.0084 0.0061  0.0050  127 ARG A CZ  
151 N  NH1 . ARG A 17 ? 0.4688 0.5083 0.4915 -0.0121 0.0148  0.0082  127 ARG A NH1 
152 N  NH2 . ARG A 17 ? 0.4548 0.5191 0.5002 -0.0152 0.0086  0.0080  127 ARG A NH2 
153 N  N   . PHE A 18 ? 0.3086 0.4148 0.3014 -0.0694 -0.0020 0.0240  128 PHE A N   
154 C  CA  . PHE A 18 ? 0.3226 0.4248 0.3135 -0.0511 0.0162  0.0348  128 PHE A CA  
155 C  C   . PHE A 18 ? 0.3764 0.4409 0.3582 -0.0542 0.0225  0.0353  128 PHE A C   
156 O  O   . PHE A 18 ? 0.3879 0.4841 0.3840 -0.0409 0.0245  0.0431  128 PHE A O   
157 C  CB  . PHE A 18 ? 0.3035 0.4129 0.2916 -0.0499 0.0191  0.0253  128 PHE A CB  
158 C  CG  . PHE A 18 ? 0.3107 0.4013 0.3178 -0.0498 0.0151  0.0203  128 PHE A CG  
159 C  CD1 . PHE A 18 ? 0.2987 0.3845 0.3106 -0.0596 0.0175  0.0330  128 PHE A CD1 
160 C  CD2 . PHE A 18 ? 0.3208 0.4127 0.3447 -0.0447 0.0191  0.0226  128 PHE A CD2 
161 C  CE1 . PHE A 18 ? 0.3085 0.3940 0.3422 -0.0310 0.0237  0.0230  128 PHE A CE1 
162 C  CE2 . PHE A 18 ? 0.3386 0.4291 0.3649 -0.0436 0.0185  0.0217  128 PHE A CE2 
163 C  CZ  . PHE A 18 ? 0.3487 0.4100 0.3547 -0.0409 0.0157  0.0207  128 PHE A CZ  
164 N  N   . GLN A 19 ? 0.4050 0.4538 0.3842 -0.0398 0.0226  0.0244  129 GLN A N   
165 C  CA  . GLN A 19 ? 0.4591 0.4962 0.4324 -0.0206 0.0196  0.0142  129 GLN A CA  
166 C  C   . GLN A 19 ? 0.4705 0.5025 0.4631 -0.0187 0.0197  0.0209  129 GLN A C   
167 O  O   . GLN A 19 ? 0.4787 0.5093 0.4649 -0.0203 0.0221  0.0112  129 GLN A O   
168 C  CB  . GLN A 19 ? 0.4882 0.5108 0.4649 -0.0144 0.0078  0.0050  129 GLN A CB  
169 C  CG  . GLN A 19 ? 0.5250 0.5398 0.5017 -0.0079 0.0121  -0.0054 129 GLN A CG  
170 C  CD  . GLN A 19 ? 0.5554 0.5633 0.5369 -0.0088 0.0051  -0.0036 129 GLN A CD  
171 O  OE1 . GLN A 19 ? 0.5787 0.5826 0.5653 -0.0099 0.0087  -0.0038 129 GLN A OE1 
172 N  NE2 . GLN A 19 ? 0.5684 0.5731 0.5525 -0.0080 -0.0001 -0.0085 129 GLN A NE2 
173 N  N   . GLU A 20 ? 0.4847 0.5131 0.4636 -0.0198 0.0133  0.0165  130 GLU A N   
174 C  CA  . GLU A 20 ? 0.4907 0.5084 0.4757 -0.0145 0.0053  0.0193  130 GLU A CA  
175 C  C   . GLU A 20 ? 0.4887 0.5010 0.4649 -0.0164 0.0050  0.0174  130 GLU A C   
176 O  O   . GLU A 20 ? 0.5057 0.5241 0.4919 -0.0086 0.0008  0.0216  130 GLU A O   
177 C  CB  . GLU A 20 ? 0.4916 0.5197 0.4832 -0.0138 0.0025  0.0128  130 GLU A CB  
178 N  N   . ALA A 21 ? 0.4507 0.4734 0.4300 -0.0136 0.0187  0.0272  131 ALA A N   
179 C  CA  . ALA A 21 ? 0.4318 0.4452 0.4163 -0.0227 0.0187  0.0365  131 ALA A CA  
180 C  C   . ALA A 21 ? 0.4253 0.4428 0.4463 -0.0109 0.0209  0.0345  131 ALA A C   
181 O  O   . ALA A 21 ? 0.4781 0.4729 0.4832 -0.0188 0.0257  0.0437  131 ALA A O   
182 C  CB  . ALA A 21 ? 0.4289 0.4403 0.4030 -0.0228 0.0177  0.0163  131 ALA A CB  
183 N  N   . LYS A 22 ? 0.4333 0.4455 0.4157 -0.0257 0.0281  0.0437  132 LYS A N   
184 C  CA  . LYS A 22 ? 0.4208 0.4265 0.4168 -0.0227 0.0154  0.0101  132 LYS A CA  
185 C  C   . LYS A 22 ? 0.4094 0.4237 0.4053 -0.0245 0.0199  0.0021  132 LYS A C   
186 O  O   . LYS A 22 ? 0.4580 0.4635 0.4201 0.0018  0.0265  0.0306  132 LYS A O   
187 C  CB  . LYS A 22 ? 0.4394 0.4415 0.4396 -0.0082 0.0076  0.0078  132 LYS A CB  
188 N  N   . GLY A 23 ? 0.4067 0.4212 0.4013 -0.0208 0.0276  0.0331  133 GLY A N   
189 C  CA  . GLY A 23 ? 0.3998 0.4113 0.4110 0.0021  0.0066  0.0122  133 GLY A CA  
190 C  C   . GLY A 23 ? 0.3547 0.3651 0.3802 -0.0126 0.0017  0.0187  133 GLY A C   
191 O  O   . GLY A 23 ? 0.3985 0.4101 0.4039 -0.0051 0.0082  0.0148  133 GLY A O   
192 N  N   . ASP A 24 ? 0.3827 0.4135 0.3870 -0.0110 0.0132  0.0212  134 ASP A N   
193 C  CA  . ASP A 24 ? 0.3706 0.4107 0.3901 -0.0057 0.0141  0.0157  134 ASP A CA  
194 C  C   . ASP A 24 ? 0.3460 0.4091 0.3657 -0.0042 0.0386  0.0228  134 ASP A C   
195 O  O   . ASP A 24 ? 0.3407 0.4413 0.4142 -0.0092 0.0227  -0.0040 134 ASP A O   
196 C  CB  . ASP A 24 ? 0.3976 0.4043 0.4098 -0.0089 0.0173  0.0109  134 ASP A CB  
197 N  N   . SER A 25 ? 0.3076 0.3815 0.3235 -0.0262 0.0397  0.0459  135 SER A N   
198 C  CA  . SER A 25 ? 0.2496 0.3580 0.3176 -0.0221 0.0386  0.0317  135 SER A CA  
199 C  C   . SER A 25 ? 0.2568 0.3420 0.3051 -0.0326 0.0297  0.0348  135 SER A C   
200 O  O   . SER A 25 ? 0.2549 0.3557 0.2652 -0.0417 0.0262  0.0612  135 SER A O   
201 C  CB  . SER A 25 ? 0.2853 0.3485 0.2907 -0.0274 0.0350  0.0241  135 SER A CB  
202 O  OG  . SER A 25 ? 0.2648 0.3308 0.3265 -0.0064 0.0151  0.0397  135 SER A OG  
203 N  N   . PRO A 26 ? 0.2297 0.3249 0.2985 -0.0211 0.0357  0.0204  136 PRO A N   
204 C  CA  . PRO A 26 ? 0.2179 0.3105 0.3082 -0.0310 0.0421  0.0177  136 PRO A CA  
205 C  C   . PRO A 26 ? 0.2224 0.2938 0.2967 -0.0127 0.0204  0.0179  136 PRO A C   
206 O  O   . PRO A 26 ? 0.1523 0.2969 0.2779 -0.0204 0.0417  0.0452  136 PRO A O   
207 C  CB  . PRO A 26 ? 0.2826 0.3383 0.3573 -0.0152 0.0339  0.0067  136 PRO A CB  
208 C  CG  . PRO A 26 ? 0.2774 0.3519 0.3701 -0.0177 0.0311  0.0285  136 PRO A CG  
209 C  CD  . PRO A 26 ? 0.2593 0.3221 0.3335 -0.0110 0.0327  0.0094  136 PRO A CD  
210 N  N   . GLN A 27 ? 0.2215 0.2879 0.2860 -0.0151 -0.0038 0.0014  137 GLN A N   
211 C  CA  . GLN A 27 ? 0.2396 0.3019 0.3033 -0.0147 0.0256  0.0091  137 GLN A CA  
212 C  C   . GLN A 27 ? 0.2397 0.2984 0.3287 -0.0169 0.0146  0.0199  137 GLN A C   
213 O  O   . GLN A 27 ? 0.2200 0.2633 0.3457 -0.0212 0.0427  0.0449  137 GLN A O   
214 C  CB  . GLN A 27 ? 0.2754 0.3331 0.3455 -0.0163 -0.0013 -0.0168 137 GLN A CB  
215 C  CG  . GLN A 27 ? 0.2340 0.3210 0.3233 -0.0163 0.0215  -0.0342 137 GLN A CG  
216 C  CD  . GLN A 27 ? 0.1890 0.2356 0.2776 -0.0369 0.0207  -0.0164 137 GLN A CD  
217 O  OE1 . GLN A 27 ? 0.1993 0.2823 0.3447 -0.0419 0.0177  -0.0052 137 GLN A OE1 
218 N  NE2 . GLN A 27 ? 0.1760 0.2124 0.2431 -0.0327 0.0219  -0.0198 137 GLN A NE2 
219 N  N   . GLU A 28 ? 0.2240 0.2960 0.3237 -0.0249 0.0471  0.0518  138 GLU A N   
220 C  CA  . GLU A 28 ? 0.2752 0.3410 0.3586 -0.0128 0.0460  0.0612  138 GLU A CA  
221 C  C   . GLU A 28 ? 0.2514 0.3253 0.3394 -0.0008 0.0471  0.0756  138 GLU A C   
222 O  O   . GLU A 28 ? 0.2834 0.3258 0.3924 -0.0063 0.0834  0.1131  138 GLU A O   
223 C  CB  . GLU A 28 ? 0.3212 0.3858 0.3868 -0.0020 0.0421  0.0663  138 GLU A CB  
224 C  CG  . GLU A 28 ? 0.4178 0.4697 0.4815 -0.0107 0.0118  0.0326  138 GLU A CG  
225 C  CD  . GLU A 28 ? 0.4777 0.5101 0.5164 -0.0037 0.0071  0.0219  138 GLU A CD  
226 O  OE1 . GLU A 28 ? 0.4948 0.5275 0.5440 0.0102  0.0007  0.0324  138 GLU A OE1 
227 O  OE2 . GLU A 28 ? 0.5066 0.5500 0.5317 -0.0045 -0.0042 0.0266  138 GLU A OE2 
228 N  N   . LYS A 29 ? 0.2415 0.3537 0.3435 -0.0302 0.0308  0.0744  139 LYS A N   
229 C  CA  . LYS A 29 ? 0.2029 0.3282 0.2806 -0.0308 0.0429  0.0832  139 LYS A CA  
230 C  C   . LYS A 29 ? 0.2002 0.3310 0.2925 -0.0089 0.0325  0.0652  139 LYS A C   
231 O  O   . LYS A 29 ? 0.2299 0.3843 0.3236 0.0034  0.0120  0.1013  139 LYS A O   
232 C  CB  . LYS A 29 ? 0.2505 0.3560 0.2715 -0.0472 0.0442  0.0833  139 LYS A CB  
233 C  CG  . LYS A 29 ? 0.2771 0.4029 0.3125 -0.0293 0.0529  0.0520  139 LYS A CG  
234 C  CD  . LYS A 29 ? 0.3357 0.4219 0.3683 -0.0203 0.0389  0.0196  139 LYS A CD  
235 C  CE  . LYS A 29 ? 0.3860 0.4578 0.4058 -0.0151 0.0305  -0.0003 139 LYS A CE  
236 N  NZ  . LYS A 29 ? 0.4300 0.4806 0.4558 0.0010  0.0291  -0.0093 139 LYS A NZ  
237 N  N   A LEU A 30 ? 0.2238 0.2993 0.2822 -0.0138 0.0184  0.0559  140 LEU A N   
238 N  N   B LEU A 30 ? 0.2136 0.2941 0.2784 -0.0158 0.0203  0.0570  140 LEU A N   
239 C  CA  A LEU A 30 ? 0.2415 0.2828 0.2934 0.0003  0.0168  0.0489  140 LEU A CA  
240 C  CA  B LEU A 30 ? 0.2235 0.2736 0.2879 -0.0023 0.0176  0.0520  140 LEU A CA  
241 C  C   A LEU A 30 ? 0.2330 0.2814 0.3178 0.0007  0.0241  0.0485  140 LEU A C   
242 C  C   B LEU A 30 ? 0.2273 0.2795 0.3176 -0.0006 0.0231  0.0472  140 LEU A C   
243 O  O   A LEU A 30 ? 0.2151 0.2602 0.3131 0.0167  0.0328  0.0746  140 LEU A O   
244 O  O   B LEU A 30 ? 0.2243 0.2694 0.3222 0.0187  0.0315  0.0627  140 LEU A O   
245 C  CB  A LEU A 30 ? 0.2326 0.2847 0.2832 -0.0004 0.0026  0.0343  140 LEU A CB  
246 C  CB  B LEU A 30 ? 0.1809 0.2633 0.2690 -0.0087 0.0074  0.0405  140 LEU A CB  
247 C  CG  A LEU A 30 ? 0.2398 0.2854 0.2777 0.0060  0.0005  0.0370  140 LEU A CG  
248 C  CG  B LEU A 30 ? 0.1951 0.2600 0.2607 -0.0225 0.0105  0.0539  140 LEU A CG  
249 C  CD1 A LEU A 30 ? 0.2556 0.2796 0.2815 -0.0029 -0.0013 0.0283  140 LEU A CD1 
250 C  CD1 B LEU A 30 ? 0.1734 0.2717 0.2719 -0.0134 0.0105  0.0431  140 LEU A CD1 
251 C  CD2 A LEU A 30 ? 0.2811 0.3209 0.2859 0.0044  -0.0035 0.0350  140 LEU A CD2 
252 C  CD2 B LEU A 30 ? 0.1739 0.2285 0.2684 -0.0281 0.0111  0.0429  140 LEU A CD2 
253 N  N   . LYS A 31 ? 0.2496 0.2905 0.3553 -0.0022 0.0288  0.0496  141 LYS A N   
254 C  CA  . LYS A 31 ? 0.2839 0.3358 0.4028 -0.0114 0.0288  0.0445  141 LYS A CA  
255 C  C   . LYS A 31 ? 0.2767 0.3432 0.4076 -0.0028 0.0412  0.0561  141 LYS A C   
256 O  O   . LYS A 31 ? 0.3199 0.3284 0.4400 0.0144  0.0631  0.0802  141 LYS A O   
257 C  CB  . LYS A 31 ? 0.3161 0.3534 0.4162 -0.0261 0.0383  0.0404  141 LYS A CB  
258 C  CG  . LYS A 31 ? 0.4060 0.4176 0.4661 -0.0007 0.0148  0.0221  141 LYS A CG  
259 C  CD  . LYS A 31 ? 0.4295 0.4343 0.4723 -0.0114 0.0198  0.0222  141 LYS A CD  
260 C  CE  . LYS A 31 ? 0.4746 0.4622 0.4987 0.0002  0.0122  0.0169  141 LYS A CE  
261 N  NZ  . LYS A 31 ? 0.4926 0.4896 0.4937 -0.0067 0.0059  0.0158  141 LYS A NZ  
262 N  N   . THR A 32 ? 0.2872 0.3602 0.4106 -0.0005 0.0331  0.0741  142 THR A N   
263 C  CA  . THR A 32 ? 0.3351 0.3817 0.4237 0.0054  0.0242  0.0649  142 THR A CA  
264 C  C   . THR A 32 ? 0.2899 0.3570 0.3820 0.0180  0.0330  0.0718  142 THR A C   
265 O  O   . THR A 32 ? 0.2965 0.3743 0.3975 0.0260  0.0487  0.1169  142 THR A O   
266 C  CB  . THR A 32 ? 0.3963 0.4266 0.4493 0.0034  0.0249  0.0462  142 THR A CB  
267 O  OG1 . THR A 32 ? 0.4430 0.4513 0.4977 -0.0023 0.0157  0.0275  142 THR A OG1 
268 C  CG2 . THR A 32 ? 0.3743 0.4272 0.4499 0.0150  0.0346  0.0484  142 THR A CG2 
269 N  N   A VAL A 33 ? 0.2831 0.3614 0.3670 0.0049  0.0255  0.0713  143 VAL A N   
270 N  N   B VAL A 33 ? 0.2699 0.3557 0.3498 0.0060  0.0230  0.0708  143 VAL A N   
271 C  CA  A VAL A 33 ? 0.2556 0.3475 0.3282 0.0030  0.0213  0.0629  143 VAL A CA  
272 C  CA  B VAL A 33 ? 0.2300 0.3359 0.2986 0.0064  0.0161  0.0589  143 VAL A CA  
273 C  C   A VAL A 33 ? 0.2433 0.3378 0.3287 0.0063  0.0174  0.0618  143 VAL A C   
274 C  C   B VAL A 33 ? 0.2571 0.3375 0.3141 0.0048  0.0164  0.0535  143 VAL A C   
275 O  O   A VAL A 33 ? 0.1872 0.3130 0.3035 0.0326  0.0244  0.0960  143 VAL A O   
276 O  O   B VAL A 33 ? 0.2505 0.3311 0.3377 0.0189  0.0140  0.0512  143 VAL A O   
277 C  CB  A VAL A 33 ? 0.2898 0.3514 0.3324 0.0017  0.0193  0.0459  143 VAL A CB  
278 C  CB  B VAL A 33 ? 0.2205 0.3342 0.2612 0.0126  0.0108  0.0483  143 VAL A CB  
279 C  CG1 A VAL A 33 ? 0.2865 0.3452 0.3402 -0.0018 0.0097  0.0388  143 VAL A CG1 
280 C  CG1 B VAL A 33 ? 0.2227 0.3470 0.2719 0.0102  -0.0065 0.0276  143 VAL A CG1 
281 C  CG2 A VAL A 33 ? 0.3163 0.3639 0.3513 0.0049  0.0126  0.0431  143 VAL A CG2 
282 C  CG2 B VAL A 33 ? 0.1983 0.3293 0.2793 0.0110  0.0045  0.0439  143 VAL A CG2 
283 N  N   . LYS A 34 ? 0.2136 0.3050 0.3295 0.0014  0.0167  0.0767  144 LYS A N   
284 C  CA  . LYS A 34 ? 0.2663 0.3315 0.3658 -0.0012 0.0154  0.0618  144 LYS A CA  
285 C  C   . LYS A 34 ? 0.3093 0.3291 0.3781 0.0059  0.0359  0.0609  144 LYS A C   
286 O  O   . LYS A 34 ? 0.3224 0.3520 0.3931 -0.0128 0.0508  0.0610  144 LYS A O   
287 C  CB  . LYS A 34 ? 0.2724 0.3510 0.3629 -0.0296 0.0232  0.0508  144 LYS A CB  
288 C  CG  . LYS A 34 ? 0.2659 0.3639 0.3824 -0.0130 0.0149  0.0405  144 LYS A CG  
289 C  CD  . LYS A 34 ? 0.3277 0.4387 0.4478 -0.0116 -0.0047 0.0210  144 LYS A CD  
290 C  CE  . LYS A 34 ? 0.3942 0.4688 0.4624 -0.0017 0.0044  0.0122  144 LYS A CE  
291 N  NZ  . LYS A 34 ? 0.4079 0.5055 0.4900 0.0033  -0.0192 0.0068  144 LYS A NZ  
292 N  N   . GLU A 35 ? 0.3487 0.3445 0.4017 -0.0087 0.0235  0.0562  145 GLU A N   
293 C  CA  . GLU A 35 ? 0.3945 0.3637 0.4218 -0.0120 0.0228  0.0468  145 GLU A CA  
294 C  C   . GLU A 35 ? 0.3837 0.3331 0.3939 -0.0130 0.0345  0.0574  145 GLU A C   
295 O  O   . GLU A 35 ? 0.3692 0.3328 0.4561 -0.0421 0.0186  0.0469  145 GLU A O   
296 C  CB  . GLU A 35 ? 0.4209 0.4236 0.4561 -0.0218 0.0261  0.0433  145 GLU A CB  
297 C  CG  . GLU A 35 ? 0.4624 0.4843 0.5025 -0.0118 0.0052  0.0298  145 GLU A CG  
298 C  CD  . GLU A 35 ? 0.4942 0.5095 0.5300 -0.0111 0.0071  0.0338  145 GLU A CD  
299 O  OE1 . GLU A 35 ? 0.5123 0.5264 0.5430 -0.0043 -0.0036 0.0325  145 GLU A OE1 
300 O  OE2 . GLU A 35 ? 0.5044 0.5237 0.5415 -0.0095 0.0072  0.0230  145 GLU A OE2 
301 N  N   . ASN A 36 ? 0.3681 0.3464 0.3810 -0.0151 0.0306  0.0593  146 ASN A N   
302 C  CA  . ASN A 36 ? 0.3611 0.3606 0.3635 0.0101  0.0199  0.0382  146 ASN A CA  
303 C  C   . ASN A 36 ? 0.3244 0.3370 0.3461 0.0163  0.0122  0.0416  146 ASN A C   
304 O  O   . ASN A 36 ? 0.2894 0.3669 0.3006 0.0439  0.0199  0.0517  146 ASN A O   
305 C  CB  . ASN A 36 ? 0.3945 0.3801 0.3763 0.0082  0.0262  0.0417  146 ASN A CB  
306 C  CG  . ASN A 36 ? 0.4118 0.3919 0.3780 0.0058  0.0308  0.0266  146 ASN A CG  
307 O  OD1 . ASN A 36 ? 0.4470 0.4117 0.3848 0.0335  0.0400  0.0163  146 ASN A OD1 
308 N  ND2 . ASN A 36 ? 0.4340 0.3766 0.3470 -0.0107 0.0346  0.0059  146 ASN A ND2 
309 N  N   . TRP A 37 ? 0.2961 0.3088 0.3266 -0.0194 0.0141  0.0479  147 TRP A N   
310 C  CA  . TRP A 37 ? 0.2771 0.2861 0.3051 -0.0127 0.0022  0.0461  147 TRP A CA  
311 C  C   . TRP A 37 ? 0.2891 0.3096 0.3241 -0.0114 -0.0089 0.0226  147 TRP A C   
312 O  O   . TRP A 37 ? 0.2652 0.3189 0.3352 -0.0423 0.0025  0.0187  147 TRP A O   
313 C  CB  . TRP A 37 ? 0.3159 0.2957 0.3016 -0.0221 -0.0017 0.0325  147 TRP A CB  
314 C  CG  . TRP A 37 ? 0.3407 0.3007 0.3309 -0.0238 0.0176  0.0133  147 TRP A CG  
315 C  CD1 . TRP A 37 ? 0.3764 0.3373 0.3159 -0.0404 0.0172  0.0144  147 TRP A CD1 
316 C  CD2 . TRP A 37 ? 0.3035 0.2956 0.2916 -0.0260 0.0025  0.0274  147 TRP A CD2 
317 N  NE1 . TRP A 37 ? 0.3774 0.3792 0.3865 -0.0642 0.0222  0.0015  147 TRP A NE1 
318 C  CE2 . TRP A 37 ? 0.3758 0.3350 0.3526 -0.0334 0.0113  0.0134  147 TRP A CE2 
319 C  CE3 . TRP A 37 ? 0.2924 0.2835 0.3135 -0.0126 -0.0069 0.0214  147 TRP A CE3 
320 C  CZ2 . TRP A 37 ? 0.3560 0.3514 0.3273 -0.0397 0.0042  0.0073  147 TRP A CZ2 
321 C  CZ3 . TRP A 37 ? 0.2959 0.3119 0.2944 -0.0215 0.0093  0.0227  147 TRP A CZ3 
322 C  CH2 . TRP A 37 ? 0.3456 0.3136 0.3053 -0.0297 0.0098  0.0191  147 TRP A CH2 
323 N  N   . LYS A 38 ? 0.3646 0.3271 0.3830 -0.0311 0.0050  0.0035  148 LYS A N   
324 C  CA  . LYS A 38 ? 0.3772 0.3558 0.4061 -0.0303 0.0145  -0.0248 148 LYS A CA  
325 C  C   . LYS A 38 ? 0.3564 0.3245 0.3749 -0.0479 0.0107  -0.0181 148 LYS A C   
326 O  O   . LYS A 38 ? 0.4179 0.3601 0.4139 -0.0193 0.0088  -0.0500 148 LYS A O   
327 C  CB  . LYS A 38 ? 0.4010 0.3898 0.4382 -0.0339 0.0050  -0.0047 148 LYS A CB  
328 C  CG  . LYS A 38 ? 0.4423 0.4389 0.4632 -0.0264 -0.0059 -0.0037 148 LYS A CG  
329 C  CD  . LYS A 38 ? 0.4644 0.4465 0.4592 -0.0276 -0.0068 0.0004  148 LYS A CD  
330 C  CE  . LYS A 38 ? 0.4761 0.4687 0.4645 -0.0181 -0.0054 0.0099  148 LYS A CE  
331 N  NZ  . LYS A 38 ? 0.4876 0.4844 0.4791 -0.0285 -0.0106 0.0128  148 LYS A NZ  
332 N  N   . ASN A 39 ? 0.3244 0.3037 0.3714 -0.0522 0.0217  -0.0103 149 ASN A N   
333 C  CA  . ASN A 39 ? 0.2802 0.2436 0.3869 -0.0148 0.0309  0.0007  149 ASN A CA  
334 C  C   . ASN A 39 ? 0.3005 0.2848 0.3528 -0.0143 0.0315  -0.0047 149 ASN A C   
335 O  O   . ASN A 39 ? 0.3016 0.1920 0.3979 0.0008  0.0327  0.0269  149 ASN A O   
336 C  CB  . ASN A 39 ? 0.3643 0.3338 0.4437 -0.0301 0.0231  0.0002  149 ASN A CB  
337 C  CG  . ASN A 39 ? 0.3757 0.3838 0.4645 -0.0332 0.0181  -0.0134 149 ASN A CG  
338 O  OD1 . ASN A 39 ? 0.3703 0.3936 0.4773 -0.0264 0.0278  0.0071  149 ASN A OD1 
339 N  ND2 . ASN A 39 ? 0.3986 0.3711 0.4531 -0.0408 0.0245  -0.0130 149 ASN A ND2 
340 N  N   . LEU A 40 ? 0.2291 0.2242 0.3038 -0.0037 0.0389  -0.0299 150 LEU A N   
341 C  CA  . LEU A 40 ? 0.2184 0.1861 0.2445 -0.0076 0.0110  -0.0001 150 LEU A CA  
342 C  C   . LEU A 40 ? 0.1875 0.1666 0.2074 -0.0311 0.0012  -0.0094 150 LEU A C   
343 O  O   . LEU A 40 ? 0.2094 0.2197 0.2094 -0.0319 0.0056  -0.0238 150 LEU A O   
344 C  CB  . LEU A 40 ? 0.2336 0.1823 0.2019 0.0119  0.0152  0.0390  150 LEU A CB  
345 C  CG  . LEU A 40 ? 0.2272 0.2223 0.2241 0.0238  0.0071  0.0251  150 LEU A CG  
346 C  CD1 . LEU A 40 ? 0.2452 0.2214 0.2324 0.0502  -0.0040 0.0524  150 LEU A CD1 
347 C  CD2 . LEU A 40 ? 0.2447 0.2558 0.2284 0.0307  -0.0247 0.0182  150 LEU A CD2 
348 N  N   . SER A 41 ? 0.2264 0.1315 0.1654 0.0047  0.0016  0.0261  151 SER A N   
349 C  CA  . SER A 41 ? 0.2095 0.1424 0.1506 -0.0175 0.0055  0.0004  151 SER A CA  
350 C  C   . SER A 41 ? 0.1863 0.1202 0.1347 -0.0011 0.0048  0.0040  151 SER A C   
351 O  O   . SER A 41 ? 0.1894 0.1317 0.1391 0.0064  -0.0139 0.0103  151 SER A O   
352 C  CB  . SER A 41 ? 0.2395 0.1373 0.1660 -0.0208 -0.0382 0.0044  151 SER A CB  
353 O  OG  . SER A 41 ? 0.2448 0.1077 0.1517 0.0043  -0.0103 0.0180  151 SER A OG  
354 N  N   . ASP A 42 ? 0.1800 0.1263 0.1363 -0.0074 0.0034  -0.0113 152 ASP A N   
355 C  CA  . ASP A 42 ? 0.1668 0.1205 0.1522 -0.0041 -0.0008 0.0163  152 ASP A CA  
356 C  C   . ASP A 42 ? 0.1752 0.1207 0.1090 0.0105  -0.0114 -0.0101 152 ASP A C   
357 O  O   . ASP A 42 ? 0.2217 0.1008 0.1345 0.0100  -0.0232 0.0008  152 ASP A O   
358 C  CB  . ASP A 42 ? 0.1874 0.1290 0.1426 0.0072  -0.0084 0.0012  152 ASP A CB  
359 C  CG  . ASP A 42 ? 0.2152 0.1404 0.1449 0.0011  -0.0148 0.0341  152 ASP A CG  
360 O  OD1 . ASP A 42 ? 0.2238 0.1180 0.1766 0.0060  0.0000  -0.0177 152 ASP A OD1 
361 O  OD2 . ASP A 42 ? 0.1713 0.1553 0.1924 -0.0040 -0.0085 0.0123  152 ASP A OD2 
362 N  N   . SER A 43 ? 0.1829 0.1122 0.1001 0.0152  -0.0201 -0.0090 153 SER A N   
363 C  CA  . SER A 43 ? 0.1702 0.1137 0.1449 0.0053  -0.0123 -0.0137 153 SER A CA  
364 C  C   . SER A 43 ? 0.1547 0.1104 0.1275 0.0260  -0.0054 0.0131  153 SER A C   
365 O  O   . SER A 43 ? 0.2085 0.0719 0.1489 0.0241  -0.0238 0.0012  153 SER A O   
366 C  CB  . SER A 43 ? 0.1749 0.1315 0.1204 -0.0198 -0.0009 0.0080  153 SER A CB  
367 O  OG  . SER A 43 ? 0.1861 0.1355 0.1424 -0.0040 -0.0176 0.0136  153 SER A OG  
368 N  N   . GLU A 44 ? 0.1458 0.1649 0.1291 0.0186  0.0010  -0.0021 154 GLU A N   
369 C  CA  . GLU A 44 ? 0.1615 0.1558 0.1696 0.0251  -0.0020 0.0147  154 GLU A CA  
370 C  C   . GLU A 44 ? 0.1975 0.1332 0.1574 0.0261  -0.0205 0.0087  154 GLU A C   
371 O  O   . GLU A 44 ? 0.1890 0.1313 0.1485 0.0503  -0.0117 0.0137  154 GLU A O   
372 C  CB  . GLU A 44 ? 0.1826 0.1739 0.1870 0.0304  0.0333  0.0283  154 GLU A CB  
373 C  CG  . GLU A 44 ? 0.2303 0.2262 0.2230 0.0401  0.0350  0.0114  154 GLU A CG  
374 C  CD  . GLU A 44 ? 0.2563 0.2543 0.2332 0.0436  0.0225  0.0181  154 GLU A CD  
375 O  OE1 . GLU A 44 ? 0.2731 0.2294 0.2505 0.0169  0.0397  0.0204  154 GLU A OE1 
376 O  OE2 . GLU A 44 ? 0.3239 0.2843 0.2736 0.0752  0.0289  0.0212  154 GLU A OE2 
377 N  N   A LYS A 45 ? 0.1745 0.1304 0.1492 0.0107  -0.0325 0.0152  155 LYS A N   
378 N  N   B LYS A 45 ? 0.1684 0.1191 0.1389 0.0144  -0.0314 0.0216  155 LYS A N   
379 C  CA  A LYS A 45 ? 0.2009 0.1463 0.1503 -0.0053 -0.0255 0.0135  155 LYS A CA  
380 C  CA  B LYS A 45 ? 0.1892 0.1426 0.1350 -0.0004 -0.0259 0.0170  155 LYS A CA  
381 C  C   A LYS A 45 ? 0.1899 0.0839 0.1378 0.0061  -0.0221 0.0079  155 LYS A C   
382 C  C   B LYS A 45 ? 0.1872 0.0939 0.1316 0.0097  -0.0141 0.0038  155 LYS A C   
383 O  O   A LYS A 45 ? 0.2177 0.0591 0.1538 0.0053  -0.0548 0.0210  155 LYS A O   
384 O  O   B LYS A 45 ? 0.1964 0.1335 0.1142 0.0257  -0.0289 0.0163  155 LYS A O   
385 C  CB  A LYS A 45 ? 0.2296 0.1694 0.1664 -0.0214 -0.0303 0.0109  155 LYS A CB  
386 C  CB  B LYS A 45 ? 0.1850 0.1078 0.1469 0.0143  -0.0310 0.0365  155 LYS A CB  
387 C  CG  A LYS A 45 ? 0.2297 0.1522 0.1840 -0.0335 -0.0069 0.0122  155 LYS A CG  
388 C  CG  B LYS A 45 ? 0.1926 0.1520 0.1397 -0.0271 -0.0395 0.0215  155 LYS A CG  
389 C  CD  A LYS A 45 ? 0.2497 0.1387 0.1609 -0.0291 -0.0131 0.0029  155 LYS A CD  
390 C  CD  B LYS A 45 ? 0.1831 0.1303 0.1393 -0.0372 -0.0210 0.0252  155 LYS A CD  
391 C  CE  A LYS A 45 ? 0.2390 0.1864 0.1666 -0.0441 -0.0319 -0.0020 155 LYS A CE  
392 C  CE  B LYS A 45 ? 0.2126 0.2267 0.1719 -0.0237 -0.0227 0.0330  155 LYS A CE  
393 N  NZ  A LYS A 45 ? 0.2780 0.1704 0.2303 -0.0169 -0.0104 0.0137  155 LYS A NZ  
394 N  NZ  B LYS A 45 ? 0.1915 0.1960 0.1901 -0.0240 -0.0366 0.0400  155 LYS A NZ  
395 N  N   . GLU A 46 ? 0.1822 0.1267 0.1358 -0.0131 -0.0121 0.0052  156 GLU A N   
396 C  CA  . GLU A 46 ? 0.2036 0.1502 0.1162 0.0041  -0.0096 -0.0076 156 GLU A CA  
397 C  C   . GLU A 46 ? 0.2183 0.1136 0.1253 0.0160  -0.0231 0.0178  156 GLU A C   
398 O  O   . GLU A 46 ? 0.1757 0.1131 0.1455 0.0132  -0.0207 0.0134  156 GLU A O   
399 C  CB  . GLU A 46 ? 0.2269 0.1268 0.1533 0.0583  -0.0452 0.0202  156 GLU A CB  
400 C  CG  . GLU A 46 ? 0.2916 0.2437 0.2782 0.0109  -0.0097 0.0462  156 GLU A CG  
401 C  CD  . GLU A 46 ? 0.4008 0.3318 0.3600 0.0181  -0.0091 0.0245  156 GLU A CD  
402 O  OE1 . GLU A 46 ? 0.3888 0.3748 0.4057 0.0390  -0.0403 0.0150  156 GLU A OE1 
403 O  OE2 . GLU A 46 ? 0.4624 0.4141 0.4049 0.0110  -0.0057 0.0271  156 GLU A OE2 
404 N  N   . LEU A 47 ? 0.1919 0.1149 0.1152 0.0183  -0.0126 -0.0088 157 LEU A N   
405 C  CA  . LEU A 47 ? 0.1964 0.1174 0.1307 0.0200  -0.0171 -0.0120 157 LEU A CA  
406 C  C   . LEU A 47 ? 0.1946 0.1232 0.0997 0.0055  -0.0103 0.0012  157 LEU A C   
407 O  O   . LEU A 47 ? 0.2247 0.0910 0.1172 0.0117  -0.0247 0.0106  157 LEU A O   
408 C  CB  . LEU A 47 ? 0.2395 0.1710 0.1126 0.0228  -0.0340 -0.0275 157 LEU A CB  
409 C  CG  . LEU A 47 ? 0.2367 0.1185 0.1633 0.0375  -0.0316 -0.0091 157 LEU A CG  
410 C  CD1 . LEU A 47 ? 0.2894 0.1492 0.2265 0.0207  -0.0409 -0.0032 157 LEU A CD1 
411 C  CD2 . LEU A 47 ? 0.3011 0.1960 0.1673 0.0250  -0.0568 -0.0323 157 LEU A CD2 
412 N  N   A TYR A 48 ? 0.1740 0.1136 0.0802 0.0037  0.0016  0.0148  158 TYR A N   
413 N  N   B TYR A 48 ? 0.2035 0.1489 0.1167 0.0027  0.0000  0.0140  158 TYR A N   
414 C  CA  A TYR A 48 ? 0.1579 0.1248 0.1304 0.0104  0.0181  0.0290  158 TYR A CA  
415 C  CA  B TYR A 48 ? 0.2153 0.1815 0.1923 0.0125  0.0092  0.0067  158 TYR A CA  
416 C  C   A TYR A 48 ? 0.1654 0.1360 0.1186 0.0087  0.0014  0.0110  158 TYR A C   
417 C  C   B TYR A 48 ? 0.1983 0.1671 0.1660 0.0153  0.0055  -0.0037 158 TYR A C   
418 O  O   A TYR A 48 ? 0.1348 0.0759 0.1276 -0.0025 0.0063  0.0524  158 TYR A O   
419 O  O   B TYR A 48 ? 0.1550 0.0907 0.1396 0.0113  0.0142  0.0149  158 TYR A O   
420 C  CB  A TYR A 48 ? 0.1347 0.1115 0.0964 0.0199  0.0219  0.0717  158 TYR A CB  
421 C  CB  B TYR A 48 ? 0.2633 0.2568 0.2427 -0.0011 0.0066  0.0246  158 TYR A CB  
422 C  CG  A TYR A 48 ? 0.1590 0.1382 0.1294 0.0223  0.0243  0.0513  158 TYR A CG  
423 C  CG  B TYR A 48 ? 0.3200 0.3150 0.3119 0.0028  0.0005  0.0107  158 TYR A CG  
424 C  CD1 A TYR A 48 ? 0.1352 0.1106 0.0646 0.0085  -0.0081 0.0336  158 TYR A CD1 
425 C  CD1 B TYR A 48 ? 0.3398 0.3381 0.3241 -0.0058 0.0046  0.0085  158 TYR A CD1 
426 C  CD2 A TYR A 48 ? 0.1438 0.1407 0.1151 0.0328  0.0277  0.0638  158 TYR A CD2 
427 C  CD2 B TYR A 48 ? 0.3397 0.3388 0.3171 -0.0083 0.0009  0.0036  158 TYR A CD2 
428 C  CE1 A TYR A 48 ? 0.1550 0.2040 0.1397 0.0143  0.0077  0.0505  158 TYR A CE1 
429 C  CE1 B TYR A 48 ? 0.3519 0.3528 0.3466 0.0036  -0.0015 -0.0017 158 TYR A CE1 
430 C  CE2 A TYR A 48 ? 0.1615 0.1743 0.1574 0.0120  0.0434  0.0392  158 TYR A CE2 
431 C  CE2 B TYR A 48 ? 0.3398 0.3515 0.3296 -0.0092 0.0107  0.0006  158 TYR A CE2 
432 C  CZ  A TYR A 48 ? 0.1818 0.1978 0.1796 0.0269  0.0302  0.0421  158 TYR A CZ  
433 C  CZ  B TYR A 48 ? 0.3450 0.3473 0.3245 -0.0007 0.0121  0.0022  158 TYR A CZ  
434 O  OH  A TYR A 48 ? 0.2119 0.2412 0.1828 0.0002  0.0599  0.0518  158 TYR A OH  
435 O  OH  B TYR A 48 ? 0.3415 0.3464 0.3279 0.0007  -0.0084 -0.0024 158 TYR A OH  
436 N  N   . ILE A 49 ? 0.1649 0.1324 0.1048 0.0066  0.0088  0.0165  159 ILE A N   
437 C  CA  . ILE A 49 ? 0.1684 0.1124 0.1055 0.0035  0.0016  0.0151  159 ILE A CA  
438 C  C   . ILE A 49 ? 0.1596 0.1108 0.1293 0.0033  -0.0088 0.0088  159 ILE A C   
439 O  O   . ILE A 49 ? 0.2049 0.1026 0.1095 0.0108  -0.0177 0.0268  159 ILE A O   
440 C  CB  . ILE A 49 ? 0.2099 0.1201 0.0959 0.0051  -0.0181 0.0004  159 ILE A CB  
441 C  CG1 . ILE A 49 ? 0.2450 0.1414 0.1351 0.0057  -0.0339 -0.0031 159 ILE A CG1 
442 C  CG2 . ILE A 49 ? 0.2637 0.1370 0.1119 0.0110  -0.0100 0.0048  159 ILE A CG2 
443 C  CD1 . ILE A 49 ? 0.2414 0.1269 0.1256 0.0252  -0.0386 -0.0127 159 ILE A CD1 
444 N  N   . GLN A 50 ? 0.1530 0.1228 0.1065 -0.0002 -0.0089 0.0080  160 GLN A N   
445 C  CA  . GLN A 50 ? 0.1612 0.1575 0.1267 -0.0110 -0.0113 0.0283  160 GLN A CA  
446 C  C   . GLN A 50 ? 0.1547 0.1373 0.1025 -0.0128 -0.0250 0.0336  160 GLN A C   
447 O  O   . GLN A 50 ? 0.1797 0.1347 0.1076 -0.0233 0.0018  0.0253  160 GLN A O   
448 C  CB  . GLN A 50 ? 0.1734 0.1881 0.2212 -0.0152 -0.0351 0.0571  160 GLN A CB  
449 C  CG  . GLN A 50 ? 0.2413 0.2694 0.3444 -0.0290 -0.0245 0.0563  160 GLN A CG  
450 C  CD  . GLN A 50 ? 0.3273 0.3277 0.3771 -0.0219 -0.0129 0.0116  160 GLN A CD  
451 O  OE1 . GLN A 50 ? 0.3929 0.3535 0.4017 -0.0195 0.0077  -0.0170 160 GLN A OE1 
452 N  NE2 . GLN A 50 ? 0.3045 0.2615 0.3995 -0.0256 -0.0052 0.0247  160 GLN A NE2 
453 N  N   . HIS A 51 ? 0.1555 0.1487 0.1106 -0.0187 0.0014  0.0041  161 HIS A N   
454 C  CA  . HIS A 51 ? 0.2028 0.1615 0.1270 -0.0173 0.0120  0.0206  161 HIS A CA  
455 C  C   . HIS A 51 ? 0.1755 0.1095 0.1115 -0.0124 0.0076  0.0116  161 HIS A C   
456 O  O   . HIS A 51 ? 0.2100 0.1258 0.1042 -0.0280 0.0081  0.0073  161 HIS A O   
457 C  CB  . HIS A 51 ? 0.1965 0.1268 0.1031 0.0037  0.0175  0.0135  161 HIS A CB  
458 C  CG  . HIS A 51 ? 0.2166 0.1351 0.0991 -0.0084 -0.0007 -0.0124 161 HIS A CG  
459 N  ND1 . HIS A 51 ? 0.2640 0.1640 0.0919 0.0079  -0.0117 0.0271  161 HIS A ND1 
460 C  CD2 . HIS A 51 ? 0.2385 0.1344 0.1320 -0.0101 -0.0133 -0.0062 161 HIS A CD2 
461 C  CE1 . HIS A 51 ? 0.2746 0.1677 0.1396 0.0354  -0.0164 0.0135  161 HIS A CE1 
462 N  NE2 . HIS A 51 ? 0.2646 0.1369 0.1447 0.0254  -0.0050 0.0089  161 HIS A NE2 
463 N  N   . ALA A 52 ? 0.1842 0.1443 0.0991 -0.0016 -0.0283 0.0004  162 ALA A N   
464 C  CA  . ALA A 52 ? 0.1721 0.1223 0.1061 0.0013  -0.0063 0.0210  162 ALA A CA  
465 C  C   . ALA A 52 ? 0.1782 0.1122 0.1180 -0.0044 -0.0319 0.0106  162 ALA A C   
466 O  O   . ALA A 52 ? 0.1865 0.0983 0.1035 -0.0152 -0.0051 0.0437  162 ALA A O   
467 C  CB  . ALA A 52 ? 0.1865 0.1584 0.1384 -0.0154 -0.0369 0.0124  162 ALA A CB  
468 N  N   . LYS A 53 ? 0.1724 0.1169 0.1200 -0.0120 -0.0115 0.0028  163 LYS A N   
469 C  CA  . LYS A 53 ? 0.1717 0.1195 0.1310 -0.0306 0.0024  0.0161  163 LYS A CA  
470 C  C   . LYS A 53 ? 0.1635 0.1119 0.1202 -0.0211 -0.0111 0.0067  163 LYS A C   
471 O  O   . LYS A 53 ? 0.1875 0.1035 0.0898 -0.0082 -0.0204 0.0263  163 LYS A O   
472 C  CB  . LYS A 53 ? 0.2014 0.1446 0.1397 -0.0091 0.0278  0.0114  163 LYS A CB  
473 C  CG  . LYS A 53 ? 0.2387 0.1832 0.1877 0.0032  0.0395  0.0159  163 LYS A CG  
474 C  CD  . LYS A 53 ? 0.2698 0.2324 0.2283 -0.0053 0.0398  -0.0233 163 LYS A CD  
475 C  CE  . LYS A 53 ? 0.3313 0.3552 0.3403 -0.0248 0.0379  -0.0161 163 LYS A CE  
476 N  NZ  . LYS A 53 ? 0.3647 0.4144 0.4152 -0.0072 0.0259  -0.0093 163 LYS A NZ  
477 N  N   . GLU A 54 ? 0.1753 0.1223 0.1132 -0.0369 -0.0063 -0.0140 164 GLU A N   
478 C  CA  . GLU A 54 ? 0.1809 0.1172 0.1195 -0.0130 -0.0116 -0.0035 164 GLU A CA  
479 C  C   . GLU A 54 ? 0.1828 0.1165 0.1014 0.0051  0.0170  0.0026  164 GLU A C   
480 O  O   . GLU A 54 ? 0.2004 0.1033 0.1115 -0.0200 0.0010  0.0103  164 GLU A O   
481 C  CB  . GLU A 54 ? 0.1820 0.1330 0.1058 -0.0180 -0.0141 -0.0031 164 GLU A CB  
482 C  CG  . GLU A 54 ? 0.1946 0.1706 0.0917 -0.0138 -0.0435 0.0166  164 GLU A CG  
483 C  CD  . GLU A 54 ? 0.2211 0.1311 0.0915 -0.0076 -0.0128 -0.0109 164 GLU A CD  
484 O  OE1 . GLU A 54 ? 0.1912 0.2123 0.2129 0.0153  -0.0412 0.0242  164 GLU A OE1 
485 O  OE2 . GLU A 54 ? 0.2794 0.1796 0.0686 0.0111  -0.0085 -0.0097 164 GLU A OE2 
486 N  N   . ASP A 55 ? 0.1717 0.1401 0.0895 -0.0056 0.0046  -0.0210 165 ASP A N   
487 C  CA  . ASP A 55 ? 0.1856 0.1209 0.1078 -0.0137 0.0265  -0.0061 165 ASP A CA  
488 C  C   . ASP A 55 ? 0.1751 0.1411 0.0913 -0.0212 0.0025  -0.0067 165 ASP A C   
489 O  O   . ASP A 55 ? 0.1856 0.1013 0.1280 -0.0153 0.0326  0.0148  165 ASP A O   
490 C  CB  . ASP A 55 ? 0.2193 0.1988 0.1444 -0.0246 0.0186  -0.0161 165 ASP A CB  
491 C  CG  . ASP A 55 ? 0.2784 0.2570 0.2257 -0.0288 0.0230  -0.0068 165 ASP A CG  
492 O  OD1 . ASP A 55 ? 0.3636 0.2778 0.3154 -0.0228 -0.0013 -0.0424 165 ASP A OD1 
493 O  OD2 . ASP A 55 ? 0.2874 0.2782 0.2135 -0.0563 0.0676  -0.0007 165 ASP A OD2 
494 N  N   . GLU A 56 ? 0.1529 0.1302 0.0709 -0.0104 0.0050  -0.0055 166 GLU A N   
495 C  CA  . GLU A 56 ? 0.1686 0.1054 0.0729 -0.0276 0.0109  0.0076  166 GLU A CA  
496 C  C   . GLU A 56 ? 0.1754 0.0982 0.1147 -0.0124 -0.0128 0.0001  166 GLU A C   
497 O  O   . GLU A 56 ? 0.1928 0.1106 0.0921 -0.0182 0.0096  -0.0004 166 GLU A O   
498 C  CB  . GLU A 56 ? 0.1457 0.0979 0.1269 -0.0127 0.0034  -0.0045 166 GLU A CB  
499 C  CG  . GLU A 56 ? 0.1723 0.1127 0.1461 -0.0311 0.0288  -0.0008 166 GLU A CG  
500 C  CD  . GLU A 56 ? 0.1343 0.1303 0.1208 0.0085  -0.0041 0.0043  166 GLU A CD  
501 O  OE1 . GLU A 56 ? 0.1556 0.1125 0.1135 0.0107  0.0105  -0.0073 166 GLU A OE1 
502 O  OE2 . GLU A 56 ? 0.1578 0.1137 0.1481 -0.0080 0.0212  -0.0091 166 GLU A OE2 
503 N  N   . THR A 57 ? 0.1663 0.1057 0.1085 -0.0159 0.0001  0.0040  167 THR A N   
504 C  CA  . THR A 57 ? 0.1763 0.0732 0.1171 -0.0026 0.0187  0.0053  167 THR A CA  
505 C  C   . THR A 57 ? 0.1732 0.0657 0.1001 -0.0184 -0.0022 -0.0044 167 THR A C   
506 O  O   . THR A 57 ? 0.1781 0.0923 0.1218 -0.0160 0.0015  0.0340  167 THR A O   
507 C  CB  . THR A 57 ? 0.1784 0.0845 0.1347 -0.0173 0.0012  -0.0063 167 THR A CB  
508 O  OG1 . THR A 57 ? 0.1748 0.1147 0.1415 -0.0129 0.0054  -0.0177 167 THR A OG1 
509 C  CG2 . THR A 57 ? 0.1835 0.1171 0.1708 -0.0069 0.0114  0.0077  167 THR A CG2 
510 N  N   . ARG A 58 ? 0.1879 0.0989 0.0815 -0.0086 0.0020  -0.0094 168 ARG A N   
511 C  CA  . ARG A 58 ? 0.1773 0.1039 0.0856 -0.0294 0.0081  -0.0113 168 ARG A CA  
512 C  C   . ARG A 58 ? 0.1985 0.1088 0.1067 -0.0191 0.0061  0.0073  168 ARG A C   
513 O  O   . ARG A 58 ? 0.1984 0.0971 0.1083 -0.0148 0.0052  0.0046  168 ARG A O   
514 C  CB  . ARG A 58 ? 0.2059 0.1284 0.0951 -0.0034 0.0123  -0.0043 168 ARG A CB  
515 C  CG  . ARG A 58 ? 0.2397 0.1150 0.1518 -0.0178 0.0326  -0.0109 168 ARG A CG  
516 C  CD  . ARG A 58 ? 0.2869 0.2305 0.1806 -0.0348 0.0236  -0.0223 168 ARG A CD  
517 N  NE  . ARG A 58 ? 0.3604 0.3040 0.3098 -0.0247 0.0489  0.0053  168 ARG A NE  
518 C  CZ  . ARG A 58 ? 0.4213 0.3823 0.3544 -0.0258 0.0167  0.0084  168 ARG A CZ  
519 N  NH1 . ARG A 58 ? 0.4482 0.4381 0.3691 -0.0094 0.0163  -0.0134 168 ARG A NH1 
520 N  NH2 . ARG A 58 ? 0.4524 0.4138 0.4084 -0.0198 0.0178  0.0042  168 ARG A NH2 
521 N  N   . TYR A 59 ? 0.1650 0.1185 0.0972 -0.0010 0.0054  0.0012  169 TYR A N   
522 C  CA  . TYR A 59 ? 0.1773 0.0795 0.1141 -0.0261 0.0121  -0.0065 169 TYR A CA  
523 C  C   . TYR A 59 ? 0.1686 0.1126 0.1152 0.0026  0.0112  -0.0081 169 TYR A C   
524 O  O   . TYR A 59 ? 0.1983 0.0990 0.1096 0.0129  -0.0026 0.0068  169 TYR A O   
525 C  CB  . TYR A 59 ? 0.1631 0.1222 0.1633 -0.0232 0.0079  0.0019  169 TYR A CB  
526 C  CG  . TYR A 59 ? 0.1577 0.1118 0.1693 -0.0043 -0.0061 0.0050  169 TYR A CG  
527 C  CD1 . TYR A 59 ? 0.1993 0.1175 0.1833 0.0046  0.0071  0.0069  169 TYR A CD1 
528 C  CD2 . TYR A 59 ? 0.1570 0.1445 0.1276 -0.0352 0.0125  0.0140  169 TYR A CD2 
529 C  CE1 . TYR A 59 ? 0.2031 0.1457 0.1681 0.0127  -0.0028 -0.0163 169 TYR A CE1 
530 C  CE2 . TYR A 59 ? 0.1914 0.1551 0.1204 -0.0115 -0.0032 0.0320  169 TYR A CE2 
531 C  CZ  . TYR A 59 ? 0.1826 0.1616 0.1516 0.0018  0.0007  -0.0035 169 TYR A CZ  
532 O  OH  . TYR A 59 ? 0.2109 0.1867 0.1637 -0.0110 -0.0190 -0.0018 169 TYR A OH  
533 N  N   . HIS A 60 ? 0.1773 0.0857 0.1052 -0.0027 0.0148  0.0048  170 HIS A N   
534 C  CA  . HIS A 60 ? 0.1793 0.0998 0.1069 0.0090  -0.0047 0.0163  170 HIS A CA  
535 C  C   . HIS A 60 ? 0.1753 0.0959 0.0956 -0.0017 0.0043  -0.0025 170 HIS A C   
536 O  O   . HIS A 60 ? 0.2001 0.1169 0.1059 0.0025  0.0028  0.0060  170 HIS A O   
537 C  CB  . HIS A 60 ? 0.1762 0.0776 0.0952 0.0042  -0.0116 -0.0021 170 HIS A CB  
538 C  CG  . HIS A 60 ? 0.1919 0.0815 0.0892 -0.0058 -0.0117 0.0075  170 HIS A CG  
539 N  ND1 . HIS A 60 ? 0.1721 0.1098 0.1180 0.0187  -0.0039 0.0084  170 HIS A ND1 
540 C  CD2 . HIS A 60 ? 0.1920 0.1144 0.0913 -0.0315 -0.0136 -0.0060 170 HIS A CD2 
541 C  CE1 . HIS A 60 ? 0.1165 0.1543 0.1384 -0.0082 -0.0188 0.0047  170 HIS A CE1 
542 N  NE2 . HIS A 60 ? 0.1499 0.0838 0.1044 -0.0378 -0.0110 0.0111  170 HIS A NE2 
543 N  N   . ASN A 61 ? 0.1767 0.0903 0.1028 -0.0299 -0.0028 -0.0062 171 ASN A N   
544 C  CA  . ASN A 61 ? 0.1826 0.1024 0.1023 -0.0175 0.0022  0.0018  171 ASN A CA  
545 C  C   . ASN A 61 ? 0.2101 0.1092 0.1102 -0.0069 -0.0106 0.0037  171 ASN A C   
546 O  O   . ASN A 61 ? 0.2164 0.0648 0.1330 -0.0033 -0.0069 0.0140  171 ASN A O   
547 C  CB  . ASN A 61 ? 0.1699 0.1083 0.1018 -0.0076 -0.0162 0.0016  171 ASN A CB  
548 C  CG  . ASN A 61 ? 0.1944 0.1194 0.1274 -0.0142 -0.0001 0.0135  171 ASN A CG  
549 O  OD1 . ASN A 61 ? 0.2250 0.1802 0.1309 0.0021  0.0057  -0.0037 171 ASN A OD1 
550 N  ND2 . ASN A 61 ? 0.2114 0.1350 0.1243 -0.0330 -0.0159 0.0151  171 ASN A ND2 
551 N  N   . GLU A 62 ? 0.2035 0.1006 0.1099 0.0074  0.0091  -0.0053 172 GLU A N   
552 C  CA  . GLU A 62 ? 0.2177 0.1385 0.1209 0.0372  0.0129  0.0106  172 GLU A CA  
553 C  C   . GLU A 62 ? 0.2205 0.1094 0.1532 0.0277  0.0020  0.0024  172 GLU A C   
554 O  O   . GLU A 62 ? 0.2743 0.1607 0.1891 0.0477  0.0131  0.0096  172 GLU A O   
555 C  CB  . GLU A 62 ? 0.2308 0.1488 0.1737 0.0530  0.0192  0.0062  172 GLU A CB  
556 C  CG  . GLU A 62 ? 0.3086 0.1929 0.1881 0.0563  0.0217  0.0203  172 GLU A CG  
557 C  CD  . GLU A 62 ? 0.3564 0.2856 0.2631 0.0309  0.0127  0.0264  172 GLU A CD  
558 O  OE1 . GLU A 62 ? 0.3976 0.3457 0.3313 0.0161  0.0294  0.0446  172 GLU A OE1 
559 O  OE2 . GLU A 62 ? 0.4004 0.3606 0.3056 0.0454  0.0294  0.0109  172 GLU A OE2 
560 N  N   A MET A 63 ? 0.1979 0.1002 0.1479 0.0224  -0.0016 -0.0053 173 MET A N   
561 N  N   B MET A 63 ? 0.1971 0.0987 0.1523 0.0195  0.0051  -0.0002 173 MET A N   
562 C  CA  A MET A 63 ? 0.1853 0.1336 0.1515 0.0187  -0.0210 0.0044  173 MET A CA  
563 C  CA  B MET A 63 ? 0.1917 0.1550 0.1658 0.0174  -0.0060 0.0151  173 MET A CA  
564 C  C   A MET A 63 ? 0.2115 0.1570 0.1380 0.0366  -0.0142 0.0158  173 MET A C   
565 C  C   B MET A 63 ? 0.2096 0.1578 0.1465 0.0335  -0.0125 0.0149  173 MET A C   
566 O  O   A MET A 63 ? 0.2658 0.1362 0.1334 0.0603  -0.0056 -0.0221 173 MET A O   
567 O  O   B MET A 63 ? 0.2571 0.1776 0.1678 0.0328  -0.0011 0.0175  173 MET A O   
568 C  CB  A MET A 63 ? 0.2147 0.1684 0.1638 0.0200  -0.0248 -0.0113 173 MET A CB  
569 C  CB  B MET A 63 ? 0.2308 0.1888 0.1617 0.0186  -0.0050 0.0073  173 MET A CB  
570 C  CG  A MET A 63 ? 0.2038 0.1603 0.1731 0.0232  -0.0209 -0.0034 173 MET A CG  
571 C  CG  B MET A 63 ? 0.2145 0.1992 0.1709 0.0224  0.0098  0.0044  173 MET A CG  
572 S  SD  A MET A 63 ? 0.2252 0.1727 0.1760 -0.0180 -0.0186 0.0002  173 MET A SD  
573 S  SD  B MET A 63 ? 0.1949 0.2120 0.1693 0.0085  -0.0107 0.0161  173 MET A SD  
574 C  CE  A MET A 63 ? 0.2562 0.2554 0.2204 0.0265  -0.0207 0.0107  173 MET A CE  
575 C  CE  B MET A 63 ? 0.2614 0.1734 0.1780 0.0139  -0.0071 -0.0213 173 MET A CE  
576 N  N   . LYS A 64 ? 0.2197 0.1680 0.1253 0.0134  -0.0022 0.0272  174 LYS A N   
577 C  CA  . LYS A 64 ? 0.2685 0.1716 0.1326 0.0033  0.0180  0.0176  174 LYS A CA  
578 C  C   . LYS A 64 ? 0.3365 0.1870 0.1793 0.0259  0.0062  0.0359  174 LYS A C   
579 O  O   . LYS A 64 ? 0.3854 0.1751 0.2246 0.0268  0.0223  0.0555  174 LYS A O   
580 C  CB  . LYS A 64 ? 0.2546 0.1356 0.1313 -0.0008 0.0172  0.0234  174 LYS A CB  
581 C  CG  . LYS A 64 ? 0.2314 0.1455 0.1345 -0.0127 0.0227  0.0190  174 LYS A CG  
582 C  CD  . LYS A 64 ? 0.2417 0.2122 0.2420 -0.0078 0.0446  -0.0204 174 LYS A CD  
583 C  CE  . LYS A 64 ? 0.2728 0.2631 0.2547 0.0071  0.0244  -0.0091 174 LYS A CE  
584 N  NZ  . LYS A 64 ? 0.2344 0.2744 0.2287 0.0148  0.0475  -0.0228 174 LYS A NZ  
585 N  N   A SER A 65 ? 0.3363 0.1793 0.2060 0.0342  0.0089  0.0054  175 SER A N   
586 N  N   B SER A 65 ? 0.3218 0.1279 0.1865 0.0402  0.0119  0.0081  175 SER A N   
587 C  CA  A SER A 65 ? 0.3465 0.2046 0.2418 0.0214  -0.0023 0.0076  175 SER A CA  
588 C  CA  B SER A 65 ? 0.3226 0.1366 0.1928 0.0259  0.0020  0.0227  175 SER A CA  
589 C  C   A SER A 65 ? 0.3614 0.2519 0.2439 0.0253  0.0075  0.0201  175 SER A C   
590 C  C   B SER A 65 ? 0.3493 0.2138 0.2255 0.0303  0.0097  0.0281  175 SER A C   
591 O  O   A SER A 65 ? 0.3900 0.1928 0.2469 0.0188  0.0238  0.0002  175 SER A O   
592 O  O   B SER A 65 ? 0.3784 0.1029 0.2196 0.0521  0.0142  0.0455  175 SER A O   
593 C  CB  A SER A 65 ? 0.3367 0.2464 0.2516 0.0157  -0.0074 -0.0002 175 SER A CB  
594 C  CB  B SER A 65 ? 0.2886 0.1611 0.1635 0.0130  0.0121  0.0039  175 SER A CB  
595 O  OG  A SER A 65 ? 0.3303 0.2357 0.2994 0.0052  -0.0090 -0.0119 175 SER A OG  
596 O  OG  B SER A 65 ? 0.2727 0.0686 0.1777 0.0137  0.0343  0.0132  175 SER A OG  
597 N  N   . TRP A 66 ? 0.3578 0.2099 0.2747 0.0494  -0.0051 0.0186  176 TRP A N   
598 C  CA  . TRP A 66 ? 0.3777 0.2555 0.2852 0.0686  0.0077  0.0350  176 TRP A CA  
599 C  C   . TRP A 66 ? 0.3996 0.2728 0.2974 0.0569  0.0002  0.0513  176 TRP A C   
600 O  O   . TRP A 66 ? 0.4067 0.3215 0.3295 0.0709  -0.0033 0.0390  176 TRP A O   
601 C  CB  . TRP A 66 ? 0.3905 0.3723 0.3557 0.0363  0.0001  0.0138  176 TRP A CB  
602 C  CG  . TRP A 66 ? 0.4005 0.3920 0.3585 0.0362  -0.0009 0.0186  176 TRP A CG  
603 C  CD1 . TRP A 66 ? 0.4062 0.3998 0.3899 0.0308  -0.0055 0.0062  176 TRP A CD1 
604 C  CD2 . TRP A 66 ? 0.3997 0.4141 0.3785 0.0280  0.0073  0.0057  176 TRP A CD2 
605 N  NE1 . TRP A 66 ? 0.4224 0.4264 0.4111 0.0290  -0.0082 0.0017  176 TRP A NE1 
606 C  CE2 . TRP A 66 ? 0.4070 0.4129 0.3975 0.0290  -0.0110 0.0110  176 TRP A CE2 
607 C  CE3 . TRP A 66 ? 0.3913 0.4229 0.3935 0.0116  -0.0070 -0.0043 176 TRP A CE3 
608 C  CZ2 . TRP A 66 ? 0.4114 0.4175 0.3961 0.0253  -0.0031 0.0095  176 TRP A CZ2 
609 C  CZ3 . TRP A 66 ? 0.4223 0.4212 0.4027 0.0270  -0.0028 0.0118  176 TRP A CZ3 
610 C  CH2 . TRP A 66 ? 0.4130 0.4045 0.3912 0.0278  -0.0024 0.0118  176 TRP A CH2 
611 N  N   . ALA A 67 ? 0.4160 0.2952 0.3608 0.0562  -0.0016 0.0421  177 ALA A N   
612 C  CA  . ALA A 67 ? 0.4283 0.3306 0.3869 0.0366  -0.0136 0.0494  177 ALA A CA  
614 C  CB  . ALA A 67 ? 0.4346 0.3141 0.3795 0.0164  -0.0075 0.0374  177 ALA A CB  
615 CD CD  . CD  B .  ? 0.1620 0.1080 0.1342 -0.0053 0.0109  0.0012  1   CD  A CD  
616 CD CD  . CD  C .  ? 0.2039 0.1436 0.2123 0.0094  -0.0001 -0.0208 2   CD  A CD  
617 CL CL  . CL  D .  ? 0.2004 0.1217 0.1595 -0.0237 0.0253  0.0152  178 CL  A CL  
618 CL CL  . CL  E .  ? 0.1549 0.1438 0.1503 0.0033  -0.0014 0.0084  179 CL  A CL  
619 NA NA  . NA  F .  ? 0.2844 0.1396 0.0349 -0.0046 0.0498  -0.0028 180 NA  A NA  
621 O  O   . HOH H .  ? 0.2414 0.1993 0.1613 0.0586  -0.0013 0.0471  3   HOH A O   
622 O  O   . HOH H .  ? 0.2772 0.2323 0.2606 -0.0379 -0.0147 0.0428  4   HOH A O   
623 O  O   . HOH H .  ? 0.4027 0.1180 0.1186 0.0767  -0.0158 -0.0108 5   HOH A O   
624 O  O   . HOH H .  ? 0.3635 0.2388 0.2333 0.0070  -0.0259 -0.0040 6   HOH A O   
625 O  O   . HOH H .  ? 0.2208 0.1835 0.2111 -0.0487 -0.0385 0.0471  7   HOH A O   
626 O  O   . HOH H .  ? 0.2821 0.2859 0.2153 0.0065  -0.0053 -0.0240 8   HOH A O   
627 O  O   . HOH H .  ? 0.2426 0.3774 0.2848 0.0050  -0.0003 0.0735  9   HOH A O   
628 O  O   . HOH H .  ? 0.3291 0.1812 0.1561 0.0111  -0.0629 0.0099  10  HOH A O   
629 O  O   . HOH H .  ? 0.4316 0.2987 0.2354 -0.0200 0.0163  -0.0209 11  HOH A O   
630 O  O   . HOH H .  ? 0.2095 0.2031 0.2779 0.0088  0.0019  -0.0020 12  HOH A O   
631 O  O   . HOH H .  ? 0.2663 0.2419 0.1998 -0.0642 -0.0020 0.0336  13  HOH A O   
632 O  O   . HOH H .  ? 0.1835 0.2624 0.2082 -0.0192 0.0168  0.0562  14  HOH A O   
633 O  O   . HOH H .  ? 0.2975 0.2982 0.1949 -0.0836 0.0120  0.0031  15  HOH A O   
634 O  O   . HOH H .  ? 0.2304 0.2456 0.1988 -0.0028 0.0096  0.0352  16  HOH A O   
635 O  O   . HOH H .  ? 0.1609 0.2043 0.2254 0.0187  0.0102  -0.0341 17  HOH A O   
636 O  O   . HOH H .  ? 0.3082 0.3627 0.2294 0.0400  -0.0025 -0.0810 18  HOH A O   
637 O  O   . HOH H .  ? 0.4784 0.2133 0.3126 0.0587  -0.0393 -0.0535 19  HOH A O   
638 O  O   . HOH H .  ? 0.3225 0.2858 0.2030 -0.0535 -0.0014 -0.0110 20  HOH A O   
639 O  O   . HOH H .  ? 0.3009 0.3354 0.1986 -0.0983 0.0235  -0.0441 21  HOH A O   
640 O  O   . HOH H .  ? 0.3894 0.3747 0.2427 -0.0038 -0.0022 -0.0260 22  HOH A O   
641 O  O   . HOH H .  ? 0.3112 0.1598 0.2419 -0.0299 0.0213  -0.0534 23  HOH A O   
642 O  O   . HOH H .  ? 0.2759 0.1085 0.1664 -0.0500 0.0331  -0.0149 24  HOH A O   
643 O  O   . HOH H .  ? 0.2618 0.1874 0.1630 -0.0311 -0.0281 0.0064  25  HOH A O   
644 O  O   . HOH H .  ? 0.1596 0.1600 0.1039 0.0713  -0.0121 -0.0197 26  HOH A O   
645 O  O   . HOH H .  ? 0.2536 0.2804 0.3393 0.0862  -0.0177 -0.0061 27  HOH A O   
646 O  O   . HOH H .  ? 0.2222 0.2205 0.2859 0.0432  0.0047  -0.0183 28  HOH A O   
647 O  O   . HOH H .  ? 0.2134 0.3300 0.3827 0.0161  -0.0160 -0.0329 30  HOH A O   
648 O  O   . HOH H .  ? 0.1942 0.3138 0.3455 -0.0003 -0.0537 0.0343  31  HOH A O   
649 O  O   . HOH H .  ? 1.5641 1.5973 1.6101 -0.0010 0.0013  0.0134  32  HOH A O   
650 O  O   . HOH H .  ? 0.4227 0.4591 0.3214 -0.0220 0.0177  -0.0107 33  HOH A O   
651 O  O   . HOH H .  ? 0.2013 0.0841 0.1713 -0.0203 0.0198  -0.0185 34  HOH A O   
652 O  O   . HOH H .  ? 0.1450 0.3522 0.2149 -0.0031 -0.0280 -0.0264 35  HOH A O   
653 O  O   . HOH H .  ? 0.5684 0.5640 0.5706 0.0181  -0.0093 -0.0325 36  HOH A O   
654 O  O   . HOH H .  ? 0.3694 0.3272 0.3134 0.0156  0.0308  -0.0214 37  HOH A O   
655 O  O   . HOH H .  ? 0.5194 0.5088 0.4925 -0.0121 -0.0200 -0.0123 38  HOH A O   
656 O  O   . HOH H .  ? 0.3574 0.4483 0.4415 -0.0075 -0.0062 -0.0100 39  HOH A O   
657 O  O   . HOH H .  ? 0.3645 0.3004 0.3537 0.0281  -0.0604 0.0469  40  HOH A O   
658 O  O   . HOH H .  ? 0.4976 0.5648 0.5500 -0.0073 -0.0055 0.0034  41  HOH A O   
659 O  O   . HOH H .  ? 0.4000 0.3515 0.4033 0.0112  -0.0221 -0.0168 42  HOH A O   
660 O  O   . HOH H .  ? 0.3934 0.4312 0.4177 0.0299  0.0168  -0.0138 43  HOH A O   
661 O  O   . HOH H .  ? 0.2494 0.3643 0.3799 0.0159  0.0091  0.0651  44  HOH A O   
662 O  O   . HOH H .  ? 0.2716 0.3445 0.3654 0.0349  0.0011  -0.0383 45  HOH A O   
663 O  O   . HOH H .  ? 0.4626 0.3833 0.4541 0.0101  -0.0019 -0.0197 46  HOH A O   
664 O  O   . HOH H .  ? 0.3496 0.4476 0.4222 0.0163  0.0160  -0.0119 49  HOH A O   
665 O  O   . HOH H .  ? 0.5855 0.6101 0.5637 -0.0156 0.0010  -0.0212 50  HOH A O   
666 O  O   . HOH H .  ? 0.5896 0.5858 0.5591 0.0186  0.0009  0.0009  51  HOH A O   
667 O  O   . HOH H .  ? 0.8234 0.8278 0.8242 0.0012  0.0055  -0.0021 52  HOH A O   
668 O  O   . HOH H .  ? 1.2918 1.2706 1.2681 -0.0039 0.0013  0.0004  53  HOH A O   
669 O  O   . HOH H .  ? 0.2411 0.3288 0.3253 -0.0036 0.0026  -0.0268 54  HOH A O   
670 O  O   . HOH H .  ? 0.3108 0.3860 0.5230 0.0138  -0.0251 0.1276  55  HOH A O   
671 O  O   . HOH H .  ? 0.3220 0.3412 0.2532 0.0017  0.0197  -0.0670 56  HOH A O   
673 O  O   . HOH H .  ? 0.2033 0.1479 0.1599 0.0034  -0.0172 -0.0017 182 HOH A O   
674 O  O   . HOH H .  ? 0.1840 0.1899 0.1850 0.0146  0.0349  -0.0195 183 HOH A O   
# 
